data_6SL8
# 
_entry.id   6SL8 
# 
_audit_conform.dict_name       mmcif_pdbx.dic 
_audit_conform.dict_version    5.383 
_audit_conform.dict_location   http://mmcif.pdb.org/dictionaries/ascii/mmcif_pdbx.dic 
# 
loop_
_database_2.database_id 
_database_2.database_code 
_database_2.pdbx_database_accession 
_database_2.pdbx_DOI 
PDB   6SL8         pdb_00006sl8 10.2210/pdb6sl8/pdb 
WWPDB D_1292103879 ?            ?                   
# 
loop_
_pdbx_audit_revision_history.ordinal 
_pdbx_audit_revision_history.data_content_type 
_pdbx_audit_revision_history.major_revision 
_pdbx_audit_revision_history.minor_revision 
_pdbx_audit_revision_history.revision_date 
1 'Structure model' 1 0 2020-01-29 
2 'Structure model' 1 1 2020-02-19 
3 'Structure model' 1 2 2020-03-11 
4 'Structure model' 2 0 2021-06-30 
5 'Structure model' 2 1 2024-01-24 
# 
_pdbx_audit_revision_details.ordinal             1 
_pdbx_audit_revision_details.revision_ordinal    1 
_pdbx_audit_revision_details.data_content_type   'Structure model' 
_pdbx_audit_revision_details.provider            repository 
_pdbx_audit_revision_details.type                'Initial release' 
_pdbx_audit_revision_details.description         ? 
_pdbx_audit_revision_details.details             ? 
# 
loop_
_pdbx_audit_revision_group.ordinal 
_pdbx_audit_revision_group.revision_ordinal 
_pdbx_audit_revision_group.data_content_type 
_pdbx_audit_revision_group.group 
1  2 'Structure model' 'Database references'    
2  3 'Structure model' 'Database references'    
3  4 'Structure model' Advisory                 
4  4 'Structure model' 'Database references'    
5  4 'Structure model' 'Derived calculations'   
6  4 'Structure model' 'Polymer sequence'       
7  4 'Structure model' 'Source and taxonomy'    
8  4 'Structure model' 'Structure summary'      
9  5 'Structure model' 'Data collection'        
10 5 'Structure model' 'Database references'    
11 5 'Structure model' 'Refinement description' 
# 
loop_
_pdbx_audit_revision_category.ordinal 
_pdbx_audit_revision_category.revision_ordinal 
_pdbx_audit_revision_category.data_content_type 
_pdbx_audit_revision_category.category 
1  2 'Structure model' citation                        
2  2 'Structure model' citation_author                 
3  3 'Structure model' citation                        
4  3 'Structure model' citation_author                 
5  4 'Structure model' entity                          
6  4 'Structure model' entity_poly                     
7  4 'Structure model' entity_poly_seq                 
8  4 'Structure model' entity_src_gen                  
9  4 'Structure model' pdbx_poly_seq_scheme            
10 4 'Structure model' pdbx_struct_conn_angle          
11 4 'Structure model' pdbx_unobs_or_zero_occ_residues 
12 4 'Structure model' struct_conn                     
13 4 'Structure model' struct_ref                      
14 4 'Structure model' struct_ref_seq                  
15 4 'Structure model' struct_ref_seq_dif              
16 5 'Structure model' chem_comp_atom                  
17 5 'Structure model' chem_comp_bond                  
18 5 'Structure model' database_2                      
19 5 'Structure model' pdbx_initial_refinement_model   
# 
loop_
_pdbx_audit_revision_item.ordinal 
_pdbx_audit_revision_item.revision_ordinal 
_pdbx_audit_revision_item.data_content_type 
_pdbx_audit_revision_item.item 
1  2 'Structure model' '_citation.pdbx_database_id_DOI'                 
2  2 'Structure model' '_citation.pdbx_database_id_PubMed'              
3  2 'Structure model' '_citation.title'                                
4  2 'Structure model' '_citation_author.identifier_ORCID'              
5  2 'Structure model' '_citation_author.name'                          
6  3 'Structure model' '_citation.journal_volume'                       
7  3 'Structure model' '_citation.page_first'                           
8  3 'Structure model' '_citation.page_last'                            
9  3 'Structure model' '_citation_author.identifier_ORCID'              
10 4 'Structure model' '_entity.formula_weight'                         
11 4 'Structure model' '_entity_poly.pdbx_seq_one_letter_code'          
12 4 'Structure model' '_entity_poly.pdbx_seq_one_letter_code_can'      
13 4 'Structure model' '_entity_src_gen.gene_src_strain'                
14 4 'Structure model' '_entity_src_gen.pdbx_end_seq_num'               
15 4 'Structure model' '_entity_src_gen.pdbx_gene_src_gene'             
16 4 'Structure model' '_entity_src_gen.pdbx_gene_src_ncbi_taxonomy_id' 
17 4 'Structure model' '_entity_src_gen.pdbx_gene_src_scientific_name'  
18 4 'Structure model' '_pdbx_struct_conn_angle.ptnr1_auth_comp_id'     
19 4 'Structure model' '_pdbx_struct_conn_angle.ptnr1_auth_seq_id'      
20 4 'Structure model' '_pdbx_struct_conn_angle.ptnr1_label_asym_id'    
21 4 'Structure model' '_pdbx_struct_conn_angle.ptnr1_label_atom_id'    
22 4 'Structure model' '_pdbx_struct_conn_angle.ptnr1_label_comp_id'    
23 4 'Structure model' '_pdbx_struct_conn_angle.ptnr1_label_seq_id'     
24 4 'Structure model' '_pdbx_struct_conn_angle.ptnr3_auth_comp_id'     
25 4 'Structure model' '_pdbx_struct_conn_angle.ptnr3_auth_seq_id'      
26 4 'Structure model' '_pdbx_struct_conn_angle.ptnr3_label_asym_id'    
27 4 'Structure model' '_pdbx_struct_conn_angle.ptnr3_label_atom_id'    
28 4 'Structure model' '_pdbx_struct_conn_angle.ptnr3_label_comp_id'    
29 4 'Structure model' '_pdbx_struct_conn_angle.ptnr3_label_seq_id'     
30 4 'Structure model' '_pdbx_struct_conn_angle.value'                  
31 4 'Structure model' '_struct_conn.pdbx_dist_value'                   
32 4 'Structure model' '_struct_conn.ptnr1_auth_comp_id'                
33 4 'Structure model' '_struct_conn.ptnr1_auth_seq_id'                 
34 4 'Structure model' '_struct_conn.ptnr1_label_asym_id'               
35 4 'Structure model' '_struct_conn.ptnr1_label_atom_id'               
36 4 'Structure model' '_struct_conn.ptnr1_label_comp_id'               
37 4 'Structure model' '_struct_conn.ptnr1_label_seq_id'                
38 4 'Structure model' '_struct_conn.ptnr2_auth_comp_id'                
39 4 'Structure model' '_struct_conn.ptnr2_auth_seq_id'                 
40 4 'Structure model' '_struct_conn.ptnr2_label_asym_id'               
41 4 'Structure model' '_struct_conn.ptnr2_label_atom_id'               
42 4 'Structure model' '_struct_conn.ptnr2_label_comp_id'               
43 4 'Structure model' '_struct_conn.ptnr2_symmetry'                    
44 4 'Structure model' '_struct_ref.db_code'                            
45 4 'Structure model' '_struct_ref.pdbx_db_accession'                  
46 4 'Structure model' '_struct_ref_seq.pdbx_db_accession'              
47 5 'Structure model' '_database_2.pdbx_DOI'                           
48 5 'Structure model' '_database_2.pdbx_database_accession'            
# 
_pdbx_database_status.status_code                     REL 
_pdbx_database_status.status_code_sf                  REL 
_pdbx_database_status.status_code_mr                  ? 
_pdbx_database_status.entry_id                        6SL8 
_pdbx_database_status.recvd_initial_deposition_date   2019-08-19 
_pdbx_database_status.SG_entry                        N 
_pdbx_database_status.deposit_site                    PDBE 
_pdbx_database_status.process_site                    PDBE 
_pdbx_database_status.status_code_cs                  ? 
_pdbx_database_status.methods_development_category    ? 
_pdbx_database_status.pdb_format_compatible           Y 
_pdbx_database_status.status_code_nmr_data            ? 
# 
loop_
_audit_author.name 
_audit_author.pdbx_ordinal 
_audit_author.identifier_ORCID 
'Richter, A.A.' 1 ?                   
'Kobus, S.'     2 ?                   
'Czech, L.'     3 ?                   
'Hoeppner, A.'  4 0000-0002-7076-5936 
'Bremer, E.'    5 ?                   
'Smits, S.H.J.' 6 ?                   
# 
_citation.abstract                  ? 
_citation.abstract_id_CAS           ? 
_citation.book_id_ISBN              ? 
_citation.book_publisher            ? 
_citation.book_publisher_city       ? 
_citation.book_title                ? 
_citation.coordinate_linkage        ? 
_citation.country                   US 
_citation.database_id_Medline       ? 
_citation.details                   ? 
_citation.id                        primary 
_citation.journal_abbrev            J.Biol.Chem. 
_citation.journal_id_ASTM           JBCHA3 
_citation.journal_id_CSD            0071 
_citation.journal_id_ISSN           1083-351X 
_citation.journal_full              ? 
_citation.journal_issue             ? 
_citation.journal_volume            295 
_citation.language                  ? 
_citation.page_first                2822 
_citation.page_last                 2838 
_citation.title                     
;The architecture of the diaminobutyrate acetyltransferase active site provides mechanistic insight into the biosynthesis of the chemical chaperone ectoine.
;
_citation.year                      2020 
_citation.database_id_CSD           ? 
_citation.pdbx_database_id_DOI      10.1074/jbc.RA119.011277 
_citation.pdbx_database_id_PubMed   31969391 
_citation.unpublished_flag          ? 
# 
loop_
_citation_author.citation_id 
_citation_author.name 
_citation_author.ordinal 
_citation_author.identifier_ORCID 
primary 'Richter, A.A.'   1  ? 
primary 'Kobus, S.'       2  ? 
primary 'Czech, L.'       3  ? 
primary 'Hoeppner, A.'    4  ? 
primary 'Zarzycki, J.'    5  ? 
primary 'Erb, T.J.'       6  ? 
primary 'Lauterbach, L.'  7  ? 
primary 'Dickschat, J.S.' 8  ? 
primary 'Bremer, E.'      9  ? 
primary 'Smits, S.H.J.'   10 ? 
# 
loop_
_entity.id 
_entity.type 
_entity.src_method 
_entity.pdbx_description 
_entity.formula_weight 
_entity.pdbx_number_of_molecules 
_entity.pdbx_ec 
_entity.pdbx_mutation 
_entity.pdbx_fragment 
_entity.details 
1 polymer     man 'L-2,4-diaminobutyric acid acetyltransferase' 20827.402 1   2.3.1.178 ? ? ? 
2 non-polymer syn '2,4-DIAMINOBUTYRIC ACID'                     118.134   2   ?         ? ? ? 
3 non-polymer syn 'SODIUM ION'                                  22.990    3   ?         ? ? ? 
4 non-polymer syn GLYCEROL                                      92.094    1   ?         ? ? ? 
5 water       nat water                                         18.015    146 ?         ? ? ? 
# 
_entity_name_com.entity_id   1 
_entity_name_com.name        'DABA acetyltransferase' 
# 
_entity_poly.entity_id                      1 
_entity_poly.type                           'polypeptide(L)' 
_entity_poly.nstd_linkage                   no 
_entity_poly.nstd_monomer                   no 
_entity_poly.pdbx_seq_one_letter_code       
;WSHPQFEKSGMAVDTGTEVVYRRPEARDGTRVWELIRDTGSLDLNSPYCYMLLGDYFNDTCMIAEHEGDIVGFISAFRSP
RNPETLFVWQVAVASSHRRQGIAKAMLTGLMNQKACHGVRFIETTVSPSNMASRRLFLGYAEEKSIPSTVTVGYGAEMFP
DGTTHEDEPLFVIGPFFNDIGSAWSH
;
_entity_poly.pdbx_seq_one_letter_code_can   
;WSHPQFEKSGMAVDTGTEVVYRRPEARDGTRVWELIRDTGSLDLNSPYCYMLLGDYFNDTCMIAEHEGDIVGFISAFRSP
RNPETLFVWQVAVASSHRRQGIAKAMLTGLMNQKACHGVRFIETTVSPSNMASRRLFLGYAEEKSIPSTVTVGYGAEMFP
DGTTHEDEPLFVIGPFFNDIGSAWSH
;
_entity_poly.pdbx_strand_id                 A 
_entity_poly.pdbx_target_identifier         ? 
# 
loop_
_pdbx_entity_nonpoly.entity_id 
_pdbx_entity_nonpoly.name 
_pdbx_entity_nonpoly.comp_id 
2 '2,4-DIAMINOBUTYRIC ACID' DAB 
3 'SODIUM ION'              NA  
4 GLYCEROL                  GOL 
5 water                     HOH 
# 
loop_
_entity_poly_seq.entity_id 
_entity_poly_seq.num 
_entity_poly_seq.mon_id 
_entity_poly_seq.hetero 
1 1   TRP n 
1 2   SER n 
1 3   HIS n 
1 4   PRO n 
1 5   GLN n 
1 6   PHE n 
1 7   GLU n 
1 8   LYS n 
1 9   SER n 
1 10  GLY n 
1 11  MET n 
1 12  ALA n 
1 13  VAL n 
1 14  ASP n 
1 15  THR n 
1 16  GLY n 
1 17  THR n 
1 18  GLU n 
1 19  VAL n 
1 20  VAL n 
1 21  TYR n 
1 22  ARG n 
1 23  ARG n 
1 24  PRO n 
1 25  GLU n 
1 26  ALA n 
1 27  ARG n 
1 28  ASP n 
1 29  GLY n 
1 30  THR n 
1 31  ARG n 
1 32  VAL n 
1 33  TRP n 
1 34  GLU n 
1 35  LEU n 
1 36  ILE n 
1 37  ARG n 
1 38  ASP n 
1 39  THR n 
1 40  GLY n 
1 41  SER n 
1 42  LEU n 
1 43  ASP n 
1 44  LEU n 
1 45  ASN n 
1 46  SER n 
1 47  PRO n 
1 48  TYR n 
1 49  CYS n 
1 50  TYR n 
1 51  MET n 
1 52  LEU n 
1 53  LEU n 
1 54  GLY n 
1 55  ASP n 
1 56  TYR n 
1 57  PHE n 
1 58  ASN n 
1 59  ASP n 
1 60  THR n 
1 61  CYS n 
1 62  MET n 
1 63  ILE n 
1 64  ALA n 
1 65  GLU n 
1 66  HIS n 
1 67  GLU n 
1 68  GLY n 
1 69  ASP n 
1 70  ILE n 
1 71  VAL n 
1 72  GLY n 
1 73  PHE n 
1 74  ILE n 
1 75  SER n 
1 76  ALA n 
1 77  PHE n 
1 78  ARG n 
1 79  SER n 
1 80  PRO n 
1 81  ARG n 
1 82  ASN n 
1 83  PRO n 
1 84  GLU n 
1 85  THR n 
1 86  LEU n 
1 87  PHE n 
1 88  VAL n 
1 89  TRP n 
1 90  GLN n 
1 91  VAL n 
1 92  ALA n 
1 93  VAL n 
1 94  ALA n 
1 95  SER n 
1 96  SER n 
1 97  HIS n 
1 98  ARG n 
1 99  ARG n 
1 100 GLN n 
1 101 GLY n 
1 102 ILE n 
1 103 ALA n 
1 104 LYS n 
1 105 ALA n 
1 106 MET n 
1 107 LEU n 
1 108 THR n 
1 109 GLY n 
1 110 LEU n 
1 111 MET n 
1 112 ASN n 
1 113 GLN n 
1 114 LYS n 
1 115 ALA n 
1 116 CYS n 
1 117 HIS n 
1 118 GLY n 
1 119 VAL n 
1 120 ARG n 
1 121 PHE n 
1 122 ILE n 
1 123 GLU n 
1 124 THR n 
1 125 THR n 
1 126 VAL n 
1 127 SER n 
1 128 PRO n 
1 129 SER n 
1 130 ASN n 
1 131 MET n 
1 132 ALA n 
1 133 SER n 
1 134 ARG n 
1 135 ARG n 
1 136 LEU n 
1 137 PHE n 
1 138 LEU n 
1 139 GLY n 
1 140 TYR n 
1 141 ALA n 
1 142 GLU n 
1 143 GLU n 
1 144 LYS n 
1 145 SER n 
1 146 ILE n 
1 147 PRO n 
1 148 SER n 
1 149 THR n 
1 150 VAL n 
1 151 THR n 
1 152 VAL n 
1 153 GLY n 
1 154 TYR n 
1 155 GLY n 
1 156 ALA n 
1 157 GLU n 
1 158 MET n 
1 159 PHE n 
1 160 PRO n 
1 161 ASP n 
1 162 GLY n 
1 163 THR n 
1 164 THR n 
1 165 HIS n 
1 166 GLU n 
1 167 ASP n 
1 168 GLU n 
1 169 PRO n 
1 170 LEU n 
1 171 PHE n 
1 172 VAL n 
1 173 ILE n 
1 174 GLY n 
1 175 PRO n 
1 176 PHE n 
1 177 PHE n 
1 178 ASN n 
1 179 ASP n 
1 180 ILE n 
1 181 GLY n 
1 182 SER n 
1 183 ALA n 
1 184 TRP n 
1 185 SER n 
1 186 HIS n 
# 
_entity_src_gen.entity_id                          1 
_entity_src_gen.pdbx_src_id                        1 
_entity_src_gen.pdbx_alt_source_flag               sample 
_entity_src_gen.pdbx_seq_type                      'Biological sequence' 
_entity_src_gen.pdbx_beg_seq_num                   1 
_entity_src_gen.pdbx_end_seq_num                   186 
_entity_src_gen.gene_src_common_name               ? 
_entity_src_gen.gene_src_genus                     ? 
_entity_src_gen.pdbx_gene_src_gene                 'ectA, GYMC10_5665' 
_entity_src_gen.gene_src_species                   ? 
_entity_src_gen.gene_src_strain                    Y412MC10 
_entity_src_gen.gene_src_tissue                    ? 
_entity_src_gen.gene_src_tissue_fraction           ? 
_entity_src_gen.gene_src_details                   ? 
_entity_src_gen.pdbx_gene_src_fragment             ? 
_entity_src_gen.pdbx_gene_src_scientific_name      'Geobacillus sp. (strain Y412MC10)' 
_entity_src_gen.pdbx_gene_src_ncbi_taxonomy_id     481743 
_entity_src_gen.pdbx_gene_src_variant              ? 
_entity_src_gen.pdbx_gene_src_cell_line            ? 
_entity_src_gen.pdbx_gene_src_atcc                 ? 
_entity_src_gen.pdbx_gene_src_organ                ? 
_entity_src_gen.pdbx_gene_src_organelle            ? 
_entity_src_gen.pdbx_gene_src_cell                 ? 
_entity_src_gen.pdbx_gene_src_cellular_location    ? 
_entity_src_gen.host_org_common_name               ? 
_entity_src_gen.pdbx_host_org_scientific_name      'Escherichia coli' 
_entity_src_gen.pdbx_host_org_ncbi_taxonomy_id     562 
_entity_src_gen.host_org_genus                     ? 
_entity_src_gen.pdbx_host_org_gene                 ? 
_entity_src_gen.pdbx_host_org_organ                ? 
_entity_src_gen.host_org_species                   ? 
_entity_src_gen.pdbx_host_org_tissue               ? 
_entity_src_gen.pdbx_host_org_tissue_fraction      ? 
_entity_src_gen.pdbx_host_org_strain               ? 
_entity_src_gen.pdbx_host_org_variant              ? 
_entity_src_gen.pdbx_host_org_cell_line            ? 
_entity_src_gen.pdbx_host_org_atcc                 ? 
_entity_src_gen.pdbx_host_org_culture_collection   ? 
_entity_src_gen.pdbx_host_org_cell                 ? 
_entity_src_gen.pdbx_host_org_organelle            ? 
_entity_src_gen.pdbx_host_org_cellular_location    ? 
_entity_src_gen.pdbx_host_org_vector_type          ? 
_entity_src_gen.pdbx_host_org_vector               ? 
_entity_src_gen.host_org_details                   ? 
_entity_src_gen.expression_system_id               ? 
_entity_src_gen.plasmid_name                       ? 
_entity_src_gen.plasmid_details                    ? 
_entity_src_gen.pdbx_description                   ? 
# 
loop_
_chem_comp.id 
_chem_comp.type 
_chem_comp.mon_nstd_flag 
_chem_comp.name 
_chem_comp.pdbx_synonyms 
_chem_comp.formula 
_chem_comp.formula_weight 
ALA 'L-peptide linking' y ALANINE                   ?                               'C3 H7 N O2'     89.093  
ARG 'L-peptide linking' y ARGININE                  ?                               'C6 H15 N4 O2 1' 175.209 
ASN 'L-peptide linking' y ASPARAGINE                ?                               'C4 H8 N2 O3'    132.118 
ASP 'L-peptide linking' y 'ASPARTIC ACID'           ?                               'C4 H7 N O4'     133.103 
CYS 'L-peptide linking' y CYSTEINE                  ?                               'C3 H7 N O2 S'   121.158 
DAB 'L-peptide linking' n '2,4-DIAMINOBUTYRIC ACID' ?                               'C4 H10 N2 O2'   118.134 
GLN 'L-peptide linking' y GLUTAMINE                 ?                               'C5 H10 N2 O3'   146.144 
GLU 'L-peptide linking' y 'GLUTAMIC ACID'           ?                               'C5 H9 N O4'     147.129 
GLY 'peptide linking'   y GLYCINE                   ?                               'C2 H5 N O2'     75.067  
GOL non-polymer         . GLYCEROL                  'GLYCERIN; PROPANE-1,2,3-TRIOL' 'C3 H8 O3'       92.094  
HIS 'L-peptide linking' y HISTIDINE                 ?                               'C6 H10 N3 O2 1' 156.162 
HOH non-polymer         . WATER                     ?                               'H2 O'           18.015  
ILE 'L-peptide linking' y ISOLEUCINE                ?                               'C6 H13 N O2'    131.173 
LEU 'L-peptide linking' y LEUCINE                   ?                               'C6 H13 N O2'    131.173 
LYS 'L-peptide linking' y LYSINE                    ?                               'C6 H15 N2 O2 1' 147.195 
MET 'L-peptide linking' y METHIONINE                ?                               'C5 H11 N O2 S'  149.211 
NA  non-polymer         . 'SODIUM ION'              ?                               'Na 1'           22.990  
PHE 'L-peptide linking' y PHENYLALANINE             ?                               'C9 H11 N O2'    165.189 
PRO 'L-peptide linking' y PROLINE                   ?                               'C5 H9 N O2'     115.130 
SER 'L-peptide linking' y SERINE                    ?                               'C3 H7 N O3'     105.093 
THR 'L-peptide linking' y THREONINE                 ?                               'C4 H9 N O3'     119.119 
TRP 'L-peptide linking' y TRYPTOPHAN                ?                               'C11 H12 N2 O2'  204.225 
TYR 'L-peptide linking' y TYROSINE                  ?                               'C9 H11 N O3'    181.189 
VAL 'L-peptide linking' y VALINE                    ?                               'C5 H11 N O2'    117.146 
# 
loop_
_pdbx_poly_seq_scheme.asym_id 
_pdbx_poly_seq_scheme.entity_id 
_pdbx_poly_seq_scheme.seq_id 
_pdbx_poly_seq_scheme.mon_id 
_pdbx_poly_seq_scheme.ndb_seq_num 
_pdbx_poly_seq_scheme.pdb_seq_num 
_pdbx_poly_seq_scheme.auth_seq_num 
_pdbx_poly_seq_scheme.pdb_mon_id 
_pdbx_poly_seq_scheme.auth_mon_id 
_pdbx_poly_seq_scheme.pdb_strand_id 
_pdbx_poly_seq_scheme.pdb_ins_code 
_pdbx_poly_seq_scheme.hetero 
A 1 1   TRP 1   -9  ?   ?   ?   A . n 
A 1 2   SER 2   -8  ?   ?   ?   A . n 
A 1 3   HIS 3   -7  ?   ?   ?   A . n 
A 1 4   PRO 4   -6  ?   ?   ?   A . n 
A 1 5   GLN 5   -5  ?   ?   ?   A . n 
A 1 6   PHE 6   -4  ?   ?   ?   A . n 
A 1 7   GLU 7   -3  ?   ?   ?   A . n 
A 1 8   LYS 8   -2  ?   ?   ?   A . n 
A 1 9   SER 9   -1  ?   ?   ?   A . n 
A 1 10  GLY 10  0   ?   ?   ?   A . n 
A 1 11  MET 11  1   ?   ?   ?   A . n 
A 1 12  ALA 12  2   ?   ?   ?   A . n 
A 1 13  VAL 13  3   ?   ?   ?   A . n 
A 1 14  ASP 14  4   ?   ?   ?   A . n 
A 1 15  THR 15  5   ?   ?   ?   A . n 
A 1 16  GLY 16  6   ?   ?   ?   A . n 
A 1 17  THR 17  7   ?   ?   ?   A . n 
A 1 18  GLU 18  8   8   GLU GLU A . n 
A 1 19  VAL 19  9   9   VAL VAL A . n 
A 1 20  VAL 20  10  10  VAL VAL A . n 
A 1 21  TYR 21  11  11  TYR TYR A . n 
A 1 22  ARG 22  12  12  ARG ARG A . n 
A 1 23  ARG 23  13  13  ARG ARG A . n 
A 1 24  PRO 24  14  14  PRO PRO A . n 
A 1 25  GLU 25  15  15  GLU GLU A . n 
A 1 26  ALA 26  16  16  ALA ALA A . n 
A 1 27  ARG 27  17  17  ARG ARG A . n 
A 1 28  ASP 28  18  18  ASP ASP A . n 
A 1 29  GLY 29  19  19  GLY GLY A . n 
A 1 30  THR 30  20  20  THR THR A . n 
A 1 31  ARG 31  21  21  ARG ARG A . n 
A 1 32  VAL 32  22  22  VAL VAL A . n 
A 1 33  TRP 33  23  23  TRP TRP A . n 
A 1 34  GLU 34  24  24  GLU GLU A . n 
A 1 35  LEU 35  25  25  LEU LEU A . n 
A 1 36  ILE 36  26  26  ILE ILE A . n 
A 1 37  ARG 37  27  27  ARG ARG A . n 
A 1 38  ASP 38  28  28  ASP ASP A . n 
A 1 39  THR 39  29  29  THR THR A . n 
A 1 40  GLY 40  30  30  GLY GLY A . n 
A 1 41  SER 41  31  31  SER SER A . n 
A 1 42  LEU 42  32  32  LEU LEU A . n 
A 1 43  ASP 43  33  33  ASP ASP A . n 
A 1 44  LEU 44  34  34  LEU LEU A . n 
A 1 45  ASN 45  35  35  ASN ASN A . n 
A 1 46  SER 46  36  36  SER SER A . n 
A 1 47  PRO 47  37  37  PRO PRO A . n 
A 1 48  TYR 48  38  38  TYR TYR A . n 
A 1 49  CYS 49  39  39  CYS CYS A . n 
A 1 50  TYR 50  40  40  TYR TYR A . n 
A 1 51  MET 51  41  41  MET MET A . n 
A 1 52  LEU 52  42  42  LEU LEU A . n 
A 1 53  LEU 53  43  43  LEU LEU A . n 
A 1 54  GLY 54  44  44  GLY GLY A . n 
A 1 55  ASP 55  45  45  ASP ASP A . n 
A 1 56  TYR 56  46  46  TYR TYR A . n 
A 1 57  PHE 57  47  47  PHE PHE A . n 
A 1 58  ASN 58  48  48  ASN ASN A . n 
A 1 59  ASP 59  49  49  ASP ASP A . n 
A 1 60  THR 60  50  50  THR THR A . n 
A 1 61  CYS 61  51  51  CYS CYS A . n 
A 1 62  MET 62  52  52  MET MET A . n 
A 1 63  ILE 63  53  53  ILE ILE A . n 
A 1 64  ALA 64  54  54  ALA ALA A . n 
A 1 65  GLU 65  55  55  GLU GLU A . n 
A 1 66  HIS 66  56  56  HIS HIS A . n 
A 1 67  GLU 67  57  57  GLU GLU A . n 
A 1 68  GLY 68  58  58  GLY GLY A . n 
A 1 69  ASP 69  59  59  ASP ASP A . n 
A 1 70  ILE 70  60  60  ILE ILE A . n 
A 1 71  VAL 71  61  61  VAL VAL A . n 
A 1 72  GLY 72  62  62  GLY GLY A . n 
A 1 73  PHE 73  63  63  PHE PHE A . n 
A 1 74  ILE 74  64  64  ILE ILE A . n 
A 1 75  SER 75  65  65  SER SER A . n 
A 1 76  ALA 76  66  66  ALA ALA A . n 
A 1 77  PHE 77  67  67  PHE PHE A . n 
A 1 78  ARG 78  68  68  ARG ARG A . n 
A 1 79  SER 79  69  69  SER SER A . n 
A 1 80  PRO 80  70  70  PRO PRO A . n 
A 1 81  ARG 81  71  71  ARG ARG A . n 
A 1 82  ASN 82  72  72  ASN ASN A . n 
A 1 83  PRO 83  73  73  PRO PRO A . n 
A 1 84  GLU 84  74  74  GLU GLU A . n 
A 1 85  THR 85  75  75  THR THR A . n 
A 1 86  LEU 86  76  76  LEU LEU A . n 
A 1 87  PHE 87  77  77  PHE PHE A . n 
A 1 88  VAL 88  78  78  VAL VAL A . n 
A 1 89  TRP 89  79  79  TRP TRP A . n 
A 1 90  GLN 90  80  80  GLN GLN A . n 
A 1 91  VAL 91  81  81  VAL VAL A . n 
A 1 92  ALA 92  82  82  ALA ALA A . n 
A 1 93  VAL 93  83  83  VAL VAL A . n 
A 1 94  ALA 94  84  84  ALA ALA A . n 
A 1 95  SER 95  85  85  SER SER A . n 
A 1 96  SER 96  86  86  SER SER A . n 
A 1 97  HIS 97  87  87  HIS HIS A . n 
A 1 98  ARG 98  88  88  ARG ARG A . n 
A 1 99  ARG 99  89  89  ARG ARG A . n 
A 1 100 GLN 100 90  90  GLN GLN A . n 
A 1 101 GLY 101 91  91  GLY GLY A . n 
A 1 102 ILE 102 92  92  ILE ILE A . n 
A 1 103 ALA 103 93  93  ALA ALA A . n 
A 1 104 LYS 104 94  94  LYS LYS A . n 
A 1 105 ALA 105 95  95  ALA ALA A . n 
A 1 106 MET 106 96  96  MET MET A . n 
A 1 107 LEU 107 97  97  LEU LEU A . n 
A 1 108 THR 108 98  98  THR THR A . n 
A 1 109 GLY 109 99  99  GLY GLY A . n 
A 1 110 LEU 110 100 100 LEU LEU A . n 
A 1 111 MET 111 101 101 MET MET A . n 
A 1 112 ASN 112 102 102 ASN ASN A . n 
A 1 113 GLN 113 103 103 GLN GLN A . n 
A 1 114 LYS 114 104 104 LYS LYS A . n 
A 1 115 ALA 115 105 105 ALA ALA A . n 
A 1 116 CYS 116 106 106 CYS CYS A . n 
A 1 117 HIS 117 107 107 HIS HIS A . n 
A 1 118 GLY 118 108 108 GLY GLY A . n 
A 1 119 VAL 119 109 109 VAL VAL A . n 
A 1 120 ARG 120 110 110 ARG ARG A . n 
A 1 121 PHE 121 111 111 PHE PHE A . n 
A 1 122 ILE 122 112 112 ILE ILE A . n 
A 1 123 GLU 123 113 113 GLU GLU A . n 
A 1 124 THR 124 114 114 THR THR A . n 
A 1 125 THR 125 115 115 THR THR A . n 
A 1 126 VAL 126 116 116 VAL VAL A . n 
A 1 127 SER 127 117 117 SER SER A . n 
A 1 128 PRO 128 118 118 PRO PRO A . n 
A 1 129 SER 129 119 119 SER SER A . n 
A 1 130 ASN 130 120 120 ASN ASN A . n 
A 1 131 MET 131 121 121 MET MET A . n 
A 1 132 ALA 132 122 122 ALA ALA A . n 
A 1 133 SER 133 123 123 SER SER A . n 
A 1 134 ARG 134 124 124 ARG ARG A . n 
A 1 135 ARG 135 125 125 ARG ARG A . n 
A 1 136 LEU 136 126 126 LEU LEU A . n 
A 1 137 PHE 137 127 127 PHE PHE A . n 
A 1 138 LEU 138 128 128 LEU LEU A . n 
A 1 139 GLY 139 129 129 GLY GLY A . n 
A 1 140 TYR 140 130 130 TYR TYR A . n 
A 1 141 ALA 141 131 131 ALA ALA A . n 
A 1 142 GLU 142 132 132 GLU GLU A . n 
A 1 143 GLU 143 133 133 GLU GLU A . n 
A 1 144 LYS 144 134 134 LYS LYS A . n 
A 1 145 SER 145 135 135 SER SER A . n 
A 1 146 ILE 146 136 136 ILE ILE A . n 
A 1 147 PRO 147 137 137 PRO PRO A . n 
A 1 148 SER 148 138 138 SER SER A . n 
A 1 149 THR 149 139 139 THR THR A . n 
A 1 150 VAL 150 140 140 VAL VAL A . n 
A 1 151 THR 151 141 141 THR THR A . n 
A 1 152 VAL 152 142 142 VAL VAL A . n 
A 1 153 GLY 153 143 143 GLY GLY A . n 
A 1 154 TYR 154 144 144 TYR TYR A . n 
A 1 155 GLY 155 145 145 GLY GLY A . n 
A 1 156 ALA 156 146 146 ALA ALA A . n 
A 1 157 GLU 157 147 147 GLU GLU A . n 
A 1 158 MET 158 148 148 MET MET A . n 
A 1 159 PHE 159 149 149 PHE PHE A . n 
A 1 160 PRO 160 150 150 PRO PRO A . n 
A 1 161 ASP 161 151 151 ASP ASP A . n 
A 1 162 GLY 162 152 152 GLY GLY A . n 
A 1 163 THR 163 153 153 THR THR A . n 
A 1 164 THR 164 154 154 THR THR A . n 
A 1 165 HIS 165 155 155 HIS HIS A . n 
A 1 166 GLU 166 156 156 GLU GLU A . n 
A 1 167 ASP 167 157 157 ASP ASP A . n 
A 1 168 GLU 168 158 158 GLU GLU A . n 
A 1 169 PRO 169 159 159 PRO PRO A . n 
A 1 170 LEU 170 160 160 LEU LEU A . n 
A 1 171 PHE 171 161 161 PHE PHE A . n 
A 1 172 VAL 172 162 162 VAL VAL A . n 
A 1 173 ILE 173 163 163 ILE ILE A . n 
A 1 174 GLY 174 164 164 GLY GLY A . n 
A 1 175 PRO 175 165 165 PRO PRO A . n 
A 1 176 PHE 176 166 166 PHE PHE A . n 
A 1 177 PHE 177 167 167 PHE PHE A . n 
A 1 178 ASN 178 168 168 ASN ASN A . n 
A 1 179 ASP 179 169 ?   ?   ?   A . n 
A 1 180 ILE 180 170 ?   ?   ?   A . n 
A 1 181 GLY 181 171 ?   ?   ?   A . n 
A 1 182 SER 182 172 ?   ?   ?   A . n 
A 1 183 ALA 183 173 ?   ?   ?   A . n 
A 1 184 TRP 184 174 ?   ?   ?   A . n 
A 1 185 SER 185 175 ?   ?   ?   A . n 
A 1 186 HIS 186 176 ?   ?   ?   A . n 
# 
loop_
_pdbx_nonpoly_scheme.asym_id 
_pdbx_nonpoly_scheme.entity_id 
_pdbx_nonpoly_scheme.mon_id 
_pdbx_nonpoly_scheme.ndb_seq_num 
_pdbx_nonpoly_scheme.pdb_seq_num 
_pdbx_nonpoly_scheme.auth_seq_num 
_pdbx_nonpoly_scheme.pdb_mon_id 
_pdbx_nonpoly_scheme.auth_mon_id 
_pdbx_nonpoly_scheme.pdb_strand_id 
_pdbx_nonpoly_scheme.pdb_ins_code 
B 2 DAB 1   201 1   DAB DAB A . 
C 2 DAB 1   202 2   DAB DAB A . 
D 3 NA  1   203 1   NA  NA  A . 
E 3 NA  1   204 2   NA  NA  A . 
F 3 NA  1   205 3   NA  NA  A . 
G 4 GOL 1   206 1   GOL GOL A . 
H 5 HOH 1   301 148 HOH HOH A . 
H 5 HOH 2   302 114 HOH HOH A . 
H 5 HOH 3   303 133 HOH HOH A . 
H 5 HOH 4   304 120 HOH HOH A . 
H 5 HOH 5   305 5   HOH HOH A . 
H 5 HOH 6   306 26  HOH HOH A . 
H 5 HOH 7   307 135 HOH HOH A . 
H 5 HOH 8   308 146 HOH HOH A . 
H 5 HOH 9   309 92  HOH HOH A . 
H 5 HOH 10  310 85  HOH HOH A . 
H 5 HOH 11  311 83  HOH HOH A . 
H 5 HOH 12  312 94  HOH HOH A . 
H 5 HOH 13  313 147 HOH HOH A . 
H 5 HOH 14  314 132 HOH HOH A . 
H 5 HOH 15  315 127 HOH HOH A . 
H 5 HOH 16  316 102 HOH HOH A . 
H 5 HOH 17  317 82  HOH HOH A . 
H 5 HOH 18  318 34  HOH HOH A . 
H 5 HOH 19  319 78  HOH HOH A . 
H 5 HOH 20  320 60  HOH HOH A . 
H 5 HOH 21  321 81  HOH HOH A . 
H 5 HOH 22  322 18  HOH HOH A . 
H 5 HOH 23  323 22  HOH HOH A . 
H 5 HOH 24  324 91  HOH HOH A . 
H 5 HOH 25  325 123 HOH HOH A . 
H 5 HOH 26  326 56  HOH HOH A . 
H 5 HOH 27  327 68  HOH HOH A . 
H 5 HOH 28  328 66  HOH HOH A . 
H 5 HOH 29  329 99  HOH HOH A . 
H 5 HOH 30  330 35  HOH HOH A . 
H 5 HOH 31  331 9   HOH HOH A . 
H 5 HOH 32  332 13  HOH HOH A . 
H 5 HOH 33  333 73  HOH HOH A . 
H 5 HOH 34  334 25  HOH HOH A . 
H 5 HOH 35  335 52  HOH HOH A . 
H 5 HOH 36  336 118 HOH HOH A . 
H 5 HOH 37  337 53  HOH HOH A . 
H 5 HOH 38  338 12  HOH HOH A . 
H 5 HOH 39  339 32  HOH HOH A . 
H 5 HOH 40  340 55  HOH HOH A . 
H 5 HOH 41  341 86  HOH HOH A . 
H 5 HOH 42  342 11  HOH HOH A . 
H 5 HOH 43  343 19  HOH HOH A . 
H 5 HOH 44  344 61  HOH HOH A . 
H 5 HOH 45  345 36  HOH HOH A . 
H 5 HOH 46  346 72  HOH HOH A . 
H 5 HOH 47  347 44  HOH HOH A . 
H 5 HOH 48  348 49  HOH HOH A . 
H 5 HOH 49  349 71  HOH HOH A . 
H 5 HOH 50  350 8   HOH HOH A . 
H 5 HOH 51  351 70  HOH HOH A . 
H 5 HOH 52  352 57  HOH HOH A . 
H 5 HOH 53  353 21  HOH HOH A . 
H 5 HOH 54  354 6   HOH HOH A . 
H 5 HOH 55  355 64  HOH HOH A . 
H 5 HOH 56  356 16  HOH HOH A . 
H 5 HOH 57  357 122 HOH HOH A . 
H 5 HOH 58  358 116 HOH HOH A . 
H 5 HOH 59  359 98  HOH HOH A . 
H 5 HOH 60  360 79  HOH HOH A . 
H 5 HOH 61  361 17  HOH HOH A . 
H 5 HOH 62  362 46  HOH HOH A . 
H 5 HOH 63  363 33  HOH HOH A . 
H 5 HOH 64  364 105 HOH HOH A . 
H 5 HOH 65  365 125 HOH HOH A . 
H 5 HOH 66  366 101 HOH HOH A . 
H 5 HOH 67  367 29  HOH HOH A . 
H 5 HOH 68  368 10  HOH HOH A . 
H 5 HOH 69  369 2   HOH HOH A . 
H 5 HOH 70  370 30  HOH HOH A . 
H 5 HOH 71  371 20  HOH HOH A . 
H 5 HOH 72  372 38  HOH HOH A . 
H 5 HOH 73  373 39  HOH HOH A . 
H 5 HOH 74  374 90  HOH HOH A . 
H 5 HOH 75  375 59  HOH HOH A . 
H 5 HOH 76  376 28  HOH HOH A . 
H 5 HOH 77  377 42  HOH HOH A . 
H 5 HOH 78  378 95  HOH HOH A . 
H 5 HOH 79  379 69  HOH HOH A . 
H 5 HOH 80  380 106 HOH HOH A . 
H 5 HOH 81  381 136 HOH HOH A . 
H 5 HOH 82  382 145 HOH HOH A . 
H 5 HOH 83  383 87  HOH HOH A . 
H 5 HOH 84  384 143 HOH HOH A . 
H 5 HOH 85  385 67  HOH HOH A . 
H 5 HOH 86  386 27  HOH HOH A . 
H 5 HOH 87  387 43  HOH HOH A . 
H 5 HOH 88  388 97  HOH HOH A . 
H 5 HOH 89  389 139 HOH HOH A . 
H 5 HOH 90  390 40  HOH HOH A . 
H 5 HOH 91  391 112 HOH HOH A . 
H 5 HOH 92  392 1   HOH HOH A . 
H 5 HOH 93  393 47  HOH HOH A . 
H 5 HOH 94  394 51  HOH HOH A . 
H 5 HOH 95  395 113 HOH HOH A . 
H 5 HOH 96  396 48  HOH HOH A . 
H 5 HOH 97  397 63  HOH HOH A . 
H 5 HOH 98  398 31  HOH HOH A . 
H 5 HOH 99  399 109 HOH HOH A . 
H 5 HOH 100 400 3   HOH HOH A . 
H 5 HOH 101 401 23  HOH HOH A . 
H 5 HOH 102 402 128 HOH HOH A . 
H 5 HOH 103 403 58  HOH HOH A . 
H 5 HOH 104 404 24  HOH HOH A . 
H 5 HOH 105 405 115 HOH HOH A . 
H 5 HOH 106 406 50  HOH HOH A . 
H 5 HOH 107 407 140 HOH HOH A . 
H 5 HOH 108 408 134 HOH HOH A . 
H 5 HOH 109 409 37  HOH HOH A . 
H 5 HOH 110 410 54  HOH HOH A . 
H 5 HOH 111 411 45  HOH HOH A . 
H 5 HOH 112 412 137 HOH HOH A . 
H 5 HOH 113 413 142 HOH HOH A . 
H 5 HOH 114 414 84  HOH HOH A . 
H 5 HOH 115 415 80  HOH HOH A . 
H 5 HOH 116 416 41  HOH HOH A . 
H 5 HOH 117 417 4   HOH HOH A . 
H 5 HOH 118 418 7   HOH HOH A . 
H 5 HOH 119 419 126 HOH HOH A . 
H 5 HOH 120 420 121 HOH HOH A . 
H 5 HOH 121 421 62  HOH HOH A . 
H 5 HOH 122 422 130 HOH HOH A . 
H 5 HOH 123 423 14  HOH HOH A . 
H 5 HOH 124 424 144 HOH HOH A . 
H 5 HOH 125 425 93  HOH HOH A . 
H 5 HOH 126 426 138 HOH HOH A . 
H 5 HOH 127 427 117 HOH HOH A . 
H 5 HOH 128 428 119 HOH HOH A . 
H 5 HOH 129 429 96  HOH HOH A . 
H 5 HOH 130 430 77  HOH HOH A . 
H 5 HOH 131 431 103 HOH HOH A . 
H 5 HOH 132 432 111 HOH HOH A . 
H 5 HOH 133 433 100 HOH HOH A . 
H 5 HOH 134 434 15  HOH HOH A . 
H 5 HOH 135 435 141 HOH HOH A . 
H 5 HOH 136 436 129 HOH HOH A . 
H 5 HOH 137 437 110 HOH HOH A . 
H 5 HOH 138 438 89  HOH HOH A . 
H 5 HOH 139 439 131 HOH HOH A . 
H 5 HOH 140 440 74  HOH HOH A . 
H 5 HOH 141 441 65  HOH HOH A . 
H 5 HOH 142 442 76  HOH HOH A . 
H 5 HOH 143 443 108 HOH HOH A . 
H 5 HOH 144 444 88  HOH HOH A . 
H 5 HOH 145 445 107 HOH HOH A . 
H 5 HOH 146 446 104 HOH HOH A . 
# 
loop_
_pdbx_unobs_or_zero_occ_atoms.id 
_pdbx_unobs_or_zero_occ_atoms.PDB_model_num 
_pdbx_unobs_or_zero_occ_atoms.polymer_flag 
_pdbx_unobs_or_zero_occ_atoms.occupancy_flag 
_pdbx_unobs_or_zero_occ_atoms.auth_asym_id 
_pdbx_unobs_or_zero_occ_atoms.auth_comp_id 
_pdbx_unobs_or_zero_occ_atoms.auth_seq_id 
_pdbx_unobs_or_zero_occ_atoms.PDB_ins_code 
_pdbx_unobs_or_zero_occ_atoms.auth_atom_id 
_pdbx_unobs_or_zero_occ_atoms.label_alt_id 
_pdbx_unobs_or_zero_occ_atoms.label_asym_id 
_pdbx_unobs_or_zero_occ_atoms.label_comp_id 
_pdbx_unobs_or_zero_occ_atoms.label_seq_id 
_pdbx_unobs_or_zero_occ_atoms.label_atom_id 
1 1 Y 1 A ARG 89 ? NE  ? A ARG 99 NE  
2 1 Y 1 A ARG 89 ? CZ  ? A ARG 99 CZ  
3 1 Y 1 A ARG 89 ? NH1 ? A ARG 99 NH1 
4 1 Y 1 A ARG 89 ? NH2 ? A ARG 99 NH2 
# 
loop_
_software.citation_id 
_software.classification 
_software.compiler_name 
_software.compiler_version 
_software.contact_author 
_software.contact_author_email 
_software.date 
_software.description 
_software.dependencies 
_software.hardware 
_software.language 
_software.location 
_software.mods 
_software.name 
_software.os 
_software.os_version 
_software.type 
_software.version 
_software.pdbx_ordinal 
? refinement        ? ? ? ? ? ? ? ? ? ? ? REFMAC      ? ? ? 5.8.0131 1 
? 'data extraction' ? ? ? ? ? ? ? ? ? ? ? PDB_EXTRACT ? ? ? 3.25     2 
? 'data scaling'    ? ? ? ? ? ? ? ? ? ? ? XDS         ? ? ? .        3 
? phasing           ? ? ? ? ? ? ? ? ? ? ? PHASER      ? ? ? .        4 
# 
_cell.angle_alpha                  90.000 
_cell.angle_alpha_esd              ? 
_cell.angle_beta                   90.000 
_cell.angle_beta_esd               ? 
_cell.angle_gamma                  90.000 
_cell.angle_gamma_esd              ? 
_cell.entry_id                     6SL8 
_cell.details                      ? 
_cell.formula_units_Z              ? 
_cell.length_a                     57.979 
_cell.length_a_esd                 ? 
_cell.length_b                     57.979 
_cell.length_b_esd                 ? 
_cell.length_c                     134.461 
_cell.length_c_esd                 ? 
_cell.volume                       ? 
_cell.volume_esd                   ? 
_cell.Z_PDB                        8 
_cell.reciprocal_angle_alpha       ? 
_cell.reciprocal_angle_beta        ? 
_cell.reciprocal_angle_gamma       ? 
_cell.reciprocal_angle_alpha_esd   ? 
_cell.reciprocal_angle_beta_esd    ? 
_cell.reciprocal_angle_gamma_esd   ? 
_cell.reciprocal_length_a          ? 
_cell.reciprocal_length_b          ? 
_cell.reciprocal_length_c          ? 
_cell.reciprocal_length_a_esd      ? 
_cell.reciprocal_length_b_esd      ? 
_cell.reciprocal_length_c_esd      ? 
_cell.pdbx_unique_axis             ? 
# 
_symmetry.entry_id                         6SL8 
_symmetry.cell_setting                     ? 
_symmetry.Int_Tables_number                96 
_symmetry.space_group_name_Hall            ? 
_symmetry.space_group_name_H-M             'P 43 21 2' 
_symmetry.pdbx_full_space_group_name_H-M   ? 
# 
_exptl.absorpt_coefficient_mu     ? 
_exptl.absorpt_correction_T_max   ? 
_exptl.absorpt_correction_T_min   ? 
_exptl.absorpt_correction_type    ? 
_exptl.absorpt_process_details    ? 
_exptl.entry_id                   6SL8 
_exptl.crystals_number            1 
_exptl.details                    ? 
_exptl.method                     'X-RAY DIFFRACTION' 
_exptl.method_details             ? 
# 
_exptl_crystal.colour                      ? 
_exptl_crystal.density_diffrn              ? 
_exptl_crystal.density_Matthews            3.12 
_exptl_crystal.density_method              ? 
_exptl_crystal.density_percent_sol         60.57 
_exptl_crystal.description                 ? 
_exptl_crystal.F_000                       ? 
_exptl_crystal.id                          1 
_exptl_crystal.preparation                 ? 
_exptl_crystal.size_max                    ? 
_exptl_crystal.size_mid                    ? 
_exptl_crystal.size_min                    ? 
_exptl_crystal.size_rad                    ? 
_exptl_crystal.colour_lustre               ? 
_exptl_crystal.colour_modifier             ? 
_exptl_crystal.colour_primary              ? 
_exptl_crystal.density_meas                ? 
_exptl_crystal.density_meas_esd            ? 
_exptl_crystal.density_meas_gt             ? 
_exptl_crystal.density_meas_lt             ? 
_exptl_crystal.density_meas_temp           ? 
_exptl_crystal.density_meas_temp_esd       ? 
_exptl_crystal.density_meas_temp_gt        ? 
_exptl_crystal.density_meas_temp_lt        ? 
_exptl_crystal.pdbx_crystal_image_url      ? 
_exptl_crystal.pdbx_crystal_image_format   ? 
_exptl_crystal.pdbx_mosaicity              ? 
_exptl_crystal.pdbx_mosaicity_esd          ? 
# 
_exptl_crystal_grow.apparatus       ? 
_exptl_crystal_grow.atmosphere      ? 
_exptl_crystal_grow.crystal_id      1 
_exptl_crystal_grow.details         ? 
_exptl_crystal_grow.method          'VAPOR DIFFUSION, SITTING DROP' 
_exptl_crystal_grow.method_ref      ? 
_exptl_crystal_grow.pH              ? 
_exptl_crystal_grow.pressure        ? 
_exptl_crystal_grow.pressure_esd    ? 
_exptl_crystal_grow.seeding         ? 
_exptl_crystal_grow.seeding_ref     ? 
_exptl_crystal_grow.temp            285 
_exptl_crystal_grow.temp_details    ? 
_exptl_crystal_grow.temp_esd        ? 
_exptl_crystal_grow.time            ? 
_exptl_crystal_grow.pdbx_details    
'0.2 M sodium sulphate, 20 % (w/v) PEG 3350, 0.1 M Bis-Tris propane pH 8.5, 20 mM L-2,4-diaminobutyrate' 
_exptl_crystal_grow.pdbx_pH_range   ? 
# 
_diffrn.ambient_environment              ? 
_diffrn.ambient_temp                     100 
_diffrn.ambient_temp_details             ? 
_diffrn.ambient_temp_esd                 ? 
_diffrn.crystal_id                       1 
_diffrn.crystal_support                  ? 
_diffrn.crystal_treatment                ? 
_diffrn.details                          ? 
_diffrn.id                               1 
_diffrn.ambient_pressure                 ? 
_diffrn.ambient_pressure_esd             ? 
_diffrn.ambient_pressure_gt              ? 
_diffrn.ambient_pressure_lt              ? 
_diffrn.ambient_temp_gt                  ? 
_diffrn.ambient_temp_lt                  ? 
_diffrn.pdbx_serial_crystal_experiment   N 
# 
_diffrn_detector.details                      ? 
_diffrn_detector.detector                     PIXEL 
_diffrn_detector.diffrn_id                    1 
_diffrn_detector.type                         'DECTRIS EIGER2 X 4M' 
_diffrn_detector.area_resol_mean              ? 
_diffrn_detector.dtime                        ? 
_diffrn_detector.pdbx_frames_total            ? 
_diffrn_detector.pdbx_collection_time_total   ? 
_diffrn_detector.pdbx_collection_date         2017-07-18 
_diffrn_detector.pdbx_frequency               ? 
# 
_diffrn_radiation.collimation                      ? 
_diffrn_radiation.diffrn_id                        1 
_diffrn_radiation.filter_edge                      ? 
_diffrn_radiation.inhomogeneity                    ? 
_diffrn_radiation.monochromator                    ? 
_diffrn_radiation.polarisn_norm                    ? 
_diffrn_radiation.polarisn_ratio                   ? 
_diffrn_radiation.probe                            ? 
_diffrn_radiation.type                             ? 
_diffrn_radiation.xray_symbol                      ? 
_diffrn_radiation.wavelength_id                    1 
_diffrn_radiation.pdbx_monochromatic_or_laue_m_l   M 
_diffrn_radiation.pdbx_wavelength_list             ? 
_diffrn_radiation.pdbx_wavelength                  ? 
_diffrn_radiation.pdbx_diffrn_protocol             'SINGLE WAVELENGTH' 
_diffrn_radiation.pdbx_analyzer                    ? 
_diffrn_radiation.pdbx_scattering_type             x-ray 
# 
_diffrn_radiation_wavelength.id           1 
_diffrn_radiation_wavelength.wavelength   0.9677 
_diffrn_radiation_wavelength.wt           1.0 
# 
_diffrn_source.current                     ? 
_diffrn_source.details                     ? 
_diffrn_source.diffrn_id                   1 
_diffrn_source.power                       ? 
_diffrn_source.size                        ? 
_diffrn_source.source                      SYNCHROTRON 
_diffrn_source.target                      ? 
_diffrn_source.type                        'ESRF BEAMLINE MASSIF-1' 
_diffrn_source.voltage                     ? 
_diffrn_source.take-off_angle              ? 
_diffrn_source.pdbx_wavelength_list        0.9677 
_diffrn_source.pdbx_wavelength             ? 
_diffrn_source.pdbx_synchrotron_beamline   MASSIF-1 
_diffrn_source.pdbx_synchrotron_site       ESRF 
# 
_reflns.B_iso_Wilson_estimate            ? 
_reflns.entry_id                         6SL8 
_reflns.data_reduction_details           ? 
_reflns.data_reduction_method            ? 
_reflns.d_resolution_high                1.51 
_reflns.d_resolution_low                 53.24 
_reflns.details                          ? 
_reflns.limit_h_max                      ? 
_reflns.limit_h_min                      ? 
_reflns.limit_k_max                      ? 
_reflns.limit_k_min                      ? 
_reflns.limit_l_max                      ? 
_reflns.limit_l_min                      ? 
_reflns.number_all                       ? 
_reflns.number_obs                       36817 
_reflns.observed_criterion               ? 
_reflns.observed_criterion_F_max         ? 
_reflns.observed_criterion_F_min         ? 
_reflns.observed_criterion_I_max         ? 
_reflns.observed_criterion_I_min         ? 
_reflns.observed_criterion_sigma_F       ? 
_reflns.observed_criterion_sigma_I       ? 
_reflns.percent_possible_obs             99.9 
_reflns.R_free_details                   ? 
_reflns.Rmerge_F_all                     ? 
_reflns.Rmerge_F_obs                     ? 
_reflns.Friedel_coverage                 ? 
_reflns.number_gt                        ? 
_reflns.threshold_expression             ? 
_reflns.pdbx_redundancy                  8.8 
_reflns.pdbx_Rmerge_I_obs                ? 
_reflns.pdbx_Rmerge_I_all                ? 
_reflns.pdbx_Rsym_value                  0.053 
_reflns.pdbx_netI_over_av_sigmaI         ? 
_reflns.pdbx_netI_over_sigmaI            16.64 
_reflns.pdbx_res_netI_over_av_sigmaI_2   ? 
_reflns.pdbx_res_netI_over_sigmaI_2      ? 
_reflns.pdbx_chi_squared                 ? 
_reflns.pdbx_scaling_rejects             ? 
_reflns.pdbx_d_res_high_opt              ? 
_reflns.pdbx_d_res_low_opt               ? 
_reflns.pdbx_d_res_opt_method            ? 
_reflns.phase_calculation_details        ? 
_reflns.pdbx_Rrim_I_all                  ? 
_reflns.pdbx_Rpim_I_all                  ? 
_reflns.pdbx_d_opt                       ? 
_reflns.pdbx_number_measured_all         ? 
_reflns.pdbx_diffrn_id                   1 
_reflns.pdbx_ordinal                     1 
_reflns.pdbx_CC_half                     ? 
_reflns.pdbx_R_split                     ? 
# 
_reflns_shell.d_res_high                  1.51 
_reflns_shell.d_res_low                   1.60 
_reflns_shell.meanI_over_sigI_all         ? 
_reflns_shell.meanI_over_sigI_obs         1.32 
_reflns_shell.number_measured_all         ? 
_reflns_shell.number_measured_obs         ? 
_reflns_shell.number_possible             ? 
_reflns_shell.number_unique_all           ? 
_reflns_shell.number_unique_obs           5756 
_reflns_shell.percent_possible_all        99.9 
_reflns_shell.percent_possible_obs        ? 
_reflns_shell.Rmerge_F_all                ? 
_reflns_shell.Rmerge_F_obs                ? 
_reflns_shell.Rmerge_I_all                ? 
_reflns_shell.Rmerge_I_obs                ? 
_reflns_shell.meanI_over_sigI_gt          ? 
_reflns_shell.meanI_over_uI_all           ? 
_reflns_shell.meanI_over_uI_gt            ? 
_reflns_shell.number_measured_gt          ? 
_reflns_shell.number_unique_gt            ? 
_reflns_shell.percent_possible_gt         ? 
_reflns_shell.Rmerge_F_gt                 ? 
_reflns_shell.Rmerge_I_gt                 ? 
_reflns_shell.pdbx_redundancy             8.8 
_reflns_shell.pdbx_Rsym_value             1.453 
_reflns_shell.pdbx_chi_squared            ? 
_reflns_shell.pdbx_netI_over_sigmaI_all   ? 
_reflns_shell.pdbx_netI_over_sigmaI_obs   ? 
_reflns_shell.pdbx_Rrim_I_all             ? 
_reflns_shell.pdbx_Rpim_I_all             ? 
_reflns_shell.pdbx_rejects                ? 
_reflns_shell.pdbx_ordinal                1 
_reflns_shell.pdbx_diffrn_id              1 
_reflns_shell.pdbx_CC_half                ? 
_reflns_shell.pdbx_R_split                ? 
# 
_refine.aniso_B[1][1]                            0.0100 
_refine.aniso_B[1][2]                            0.0000 
_refine.aniso_B[1][3]                            0.0000 
_refine.aniso_B[2][2]                            0.0100 
_refine.aniso_B[2][3]                            0.0000 
_refine.aniso_B[3][3]                            -0.0200 
_refine.B_iso_max                                89.930 
_refine.B_iso_mean                               31.6580 
_refine.B_iso_min                                19.280 
_refine.correlation_coeff_Fo_to_Fc               0.9710 
_refine.correlation_coeff_Fo_to_Fc_free          0.9500 
_refine.details                                  
'HYDROGENS HAVE BEEN ADDED IN THE RIDING POSITIONS U VALUES      : REFINED INDIVIDUALLY' 
_refine.diff_density_max                         ? 
_refine.diff_density_max_esd                     ? 
_refine.diff_density_min                         ? 
_refine.diff_density_min_esd                     ? 
_refine.diff_density_rms                         ? 
_refine.diff_density_rms_esd                     ? 
_refine.entry_id                                 6SL8 
_refine.pdbx_refine_id                           'X-RAY DIFFRACTION' 
_refine.ls_abs_structure_details                 ? 
_refine.ls_abs_structure_Flack                   ? 
_refine.ls_abs_structure_Flack_esd               ? 
_refine.ls_abs_structure_Rogers                  ? 
_refine.ls_abs_structure_Rogers_esd              ? 
_refine.ls_d_res_high                            1.5300 
_refine.ls_d_res_low                             53.2400 
_refine.ls_extinction_coef                       ? 
_refine.ls_extinction_coef_esd                   ? 
_refine.ls_extinction_expression                 ? 
_refine.ls_extinction_method                     ? 
_refine.ls_goodness_of_fit_all                   ? 
_refine.ls_goodness_of_fit_all_esd               ? 
_refine.ls_goodness_of_fit_obs                   ? 
_refine.ls_goodness_of_fit_obs_esd               ? 
_refine.ls_hydrogen_treatment                    ? 
_refine.ls_matrix_type                           ? 
_refine.ls_number_constraints                    ? 
_refine.ls_number_parameters                     ? 
_refine.ls_number_reflns_all                     ? 
_refine.ls_number_reflns_obs                     33578 
_refine.ls_number_reflns_R_free                  1736 
_refine.ls_number_reflns_R_work                  ? 
_refine.ls_number_restraints                     ? 
_refine.ls_percent_reflns_obs                    99.6500 
_refine.ls_percent_reflns_R_free                 4.9000 
_refine.ls_R_factor_all                          ? 
_refine.ls_R_factor_obs                          0.1792 
_refine.ls_R_factor_R_free                       0.2140 
_refine.ls_R_factor_R_free_error                 ? 
_refine.ls_R_factor_R_free_error_details         ? 
_refine.ls_R_factor_R_work                       0.1775 
_refine.ls_R_Fsqd_factor_obs                     ? 
_refine.ls_R_I_factor_obs                        ? 
_refine.ls_redundancy_reflns_all                 ? 
_refine.ls_redundancy_reflns_obs                 ? 
_refine.ls_restrained_S_all                      ? 
_refine.ls_restrained_S_obs                      ? 
_refine.ls_shift_over_esd_max                    ? 
_refine.ls_shift_over_esd_mean                   ? 
_refine.ls_structure_factor_coef                 ? 
_refine.ls_weighting_details                     ? 
_refine.ls_weighting_scheme                      ? 
_refine.ls_wR_factor_all                         ? 
_refine.ls_wR_factor_obs                         ? 
_refine.ls_wR_factor_R_free                      ? 
_refine.ls_wR_factor_R_work                      ? 
_refine.occupancy_max                            ? 
_refine.occupancy_min                            ? 
_refine.solvent_model_details                    ? 
_refine.solvent_model_param_bsol                 ? 
_refine.solvent_model_param_ksol                 ? 
_refine.ls_R_factor_gt                           ? 
_refine.ls_goodness_of_fit_gt                    ? 
_refine.ls_goodness_of_fit_ref                   ? 
_refine.ls_shift_over_su_max                     ? 
_refine.ls_shift_over_su_max_lt                  ? 
_refine.ls_shift_over_su_mean                    ? 
_refine.ls_shift_over_su_mean_lt                 ? 
_refine.pdbx_ls_sigma_I                          ? 
_refine.pdbx_ls_sigma_F                          0.000 
_refine.pdbx_ls_sigma_Fsqd                       ? 
_refine.pdbx_data_cutoff_high_absF               ? 
_refine.pdbx_data_cutoff_high_rms_absF           ? 
_refine.pdbx_data_cutoff_low_absF                ? 
_refine.pdbx_isotropic_thermal_model             ? 
_refine.pdbx_ls_cross_valid_method               THROUGHOUT 
_refine.pdbx_method_to_determine_struct          'MOLECULAR REPLACEMENT' 
_refine.pdbx_starting_model                      6SLL 
_refine.pdbx_stereochemistry_target_values       ? 
_refine.pdbx_R_Free_selection_details            RANDOM 
_refine.pdbx_stereochem_target_val_spec_case     ? 
_refine.pdbx_overall_ESU_R                       0.0640 
_refine.pdbx_overall_ESU_R_Free                  0.0700 
_refine.pdbx_solvent_vdw_probe_radii             1.2000 
_refine.pdbx_solvent_ion_probe_radii             0.8000 
_refine.pdbx_solvent_shrinkage_radii             0.8000 
_refine.pdbx_real_space_R                        ? 
_refine.pdbx_density_correlation                 ? 
_refine.pdbx_pd_number_of_powder_patterns        ? 
_refine.pdbx_pd_number_of_points                 ? 
_refine.pdbx_pd_meas_number_of_points            ? 
_refine.pdbx_pd_proc_ls_prof_R_factor            ? 
_refine.pdbx_pd_proc_ls_prof_wR_factor           ? 
_refine.pdbx_pd_Marquardt_correlation_coeff      ? 
_refine.pdbx_pd_Fsqrd_R_factor                   ? 
_refine.pdbx_pd_ls_matrix_band_width             ? 
_refine.pdbx_overall_phase_error                 ? 
_refine.pdbx_overall_SU_R_free_Cruickshank_DPI   ? 
_refine.pdbx_overall_SU_R_free_Blow_DPI          ? 
_refine.pdbx_overall_SU_R_Blow_DPI               ? 
_refine.pdbx_TLS_residual_ADP_flag               ? 
_refine.pdbx_diffrn_id                           1 
_refine.overall_SU_B                             1.6230 
_refine.overall_SU_ML                            0.0560 
_refine.overall_SU_R_Cruickshank_DPI             ? 
_refine.overall_SU_R_free                        ? 
_refine.overall_FOM_free_R_set                   ? 
_refine.overall_FOM_work_R_set                   ? 
_refine.pdbx_average_fsc_overall                 ? 
_refine.pdbx_average_fsc_work                    ? 
_refine.pdbx_average_fsc_free                    ? 
# 
_refine_hist.pdbx_refine_id                   'X-RAY DIFFRACTION' 
_refine_hist.cycle_id                         final 
_refine_hist.details                          ? 
_refine_hist.d_res_high                       1.5300 
_refine_hist.d_res_low                        53.2400 
_refine_hist.number_atoms_solvent             146 
_refine_hist.number_atoms_total               1438 
_refine_hist.number_reflns_all                ? 
_refine_hist.number_reflns_obs                ? 
_refine_hist.number_reflns_R_free             ? 
_refine_hist.number_reflns_R_work             ? 
_refine_hist.R_factor_all                     ? 
_refine_hist.R_factor_obs                     ? 
_refine_hist.R_factor_R_free                  ? 
_refine_hist.R_factor_R_work                  ? 
_refine_hist.pdbx_number_residues_total       161 
_refine_hist.pdbx_B_iso_mean_ligand           42.11 
_refine_hist.pdbx_B_iso_mean_solvent          40.10 
_refine_hist.pdbx_number_atoms_protein        1267 
_refine_hist.pdbx_number_atoms_nucleic_acid   0 
_refine_hist.pdbx_number_atoms_ligand         25 
_refine_hist.pdbx_number_atoms_lipid          ? 
_refine_hist.pdbx_number_atoms_carb           ? 
_refine_hist.pdbx_pseudo_atom_details         ? 
# 
loop_
_refine_ls_restr.pdbx_refine_id 
_refine_ls_restr.criterion 
_refine_ls_restr.dev_ideal 
_refine_ls_restr.dev_ideal_target 
_refine_ls_restr.number 
_refine_ls_restr.rejects 
_refine_ls_restr.type 
_refine_ls_restr.weight 
_refine_ls_restr.pdbx_restraint_function 
'X-RAY DIFFRACTION' ? 0.024  0.019  1363 ? r_bond_refined_d       ? ? 
'X-RAY DIFFRACTION' ? 0.003  0.020  1280 ? r_bond_other_d         ? ? 
'X-RAY DIFFRACTION' ? 2.345  1.957  1850 ? r_angle_refined_deg    ? ? 
'X-RAY DIFFRACTION' ? 1.163  3.000  2941 ? r_angle_other_deg      ? ? 
'X-RAY DIFFRACTION' ? 6.302  5.000  172  ? r_dihedral_angle_1_deg ? ? 
'X-RAY DIFFRACTION' ? 29.720 22.424 66   ? r_dihedral_angle_2_deg ? ? 
'X-RAY DIFFRACTION' ? 12.694 15.000 221  ? r_dihedral_angle_3_deg ? ? 
'X-RAY DIFFRACTION' ? 19.137 15.000 14   ? r_dihedral_angle_4_deg ? ? 
'X-RAY DIFFRACTION' ? 0.145  0.200  200  ? r_chiral_restr         ? ? 
'X-RAY DIFFRACTION' ? 0.012  0.021  1551 ? r_gen_planes_refined   ? ? 
'X-RAY DIFFRACTION' ? 0.002  0.020  339  ? r_gen_planes_other     ? ? 
# 
_refine_ls_shell.pdbx_refine_id                   'X-RAY DIFFRACTION' 
_refine_ls_shell.d_res_high                       1.5310 
_refine_ls_shell.d_res_low                        1.5710 
_refine_ls_shell.number_reflns_all                2555 
_refine_ls_shell.number_reflns_obs                ? 
_refine_ls_shell.number_reflns_R_free             120 
_refine_ls_shell.number_reflns_R_work             2435 
_refine_ls_shell.percent_reflns_obs               99.3400 
_refine_ls_shell.percent_reflns_R_free            ? 
_refine_ls_shell.R_factor_all                     ? 
_refine_ls_shell.R_factor_obs                     ? 
_refine_ls_shell.R_factor_R_free                  0.3220 
_refine_ls_shell.R_factor_R_free_error            0.0000 
_refine_ls_shell.R_factor_R_work                  0.3100 
_refine_ls_shell.redundancy_reflns_all            ? 
_refine_ls_shell.redundancy_reflns_obs            ? 
_refine_ls_shell.wR_factor_all                    ? 
_refine_ls_shell.wR_factor_obs                    ? 
_refine_ls_shell.wR_factor_R_free                 ? 
_refine_ls_shell.wR_factor_R_work                 ? 
_refine_ls_shell.pdbx_total_number_of_bins_used   20 
_refine_ls_shell.pdbx_phase_error                 ? 
_refine_ls_shell.pdbx_fsc_work                    ? 
_refine_ls_shell.pdbx_fsc_free                    ? 
# 
_struct.entry_id                     6SL8 
_struct.title                        
'Diaminobutyrate acetyltransferase EctA from Paenibacillus lautus in complex with its substrate L-2,4-diaminobutyric acid (DAB)' 
_struct.pdbx_model_details           ? 
_struct.pdbx_formula_weight          ? 
_struct.pdbx_formula_weight_method   ? 
_struct.pdbx_model_type_details      ? 
_struct.pdbx_CASP_flag               N 
# 
_struct_keywords.entry_id        6SL8 
_struct_keywords.text            
'L-2, 4-diaminobutyrate acetyltransferase, acetyl coenzyme A, acetylation, stress response, chemical chaperone, TRANSFERASE' 
_struct_keywords.pdbx_keywords   TRANSFERASE 
# 
loop_
_struct_asym.id 
_struct_asym.pdbx_blank_PDB_chainid_flag 
_struct_asym.pdbx_modified 
_struct_asym.entity_id 
_struct_asym.details 
A N N 1 ? 
B N N 2 ? 
C N N 2 ? 
D N N 3 ? 
E N N 3 ? 
F N N 3 ? 
G N N 4 ? 
H N N 5 ? 
# 
_struct_ref.id                         1 
_struct_ref.db_name                    UNP 
_struct_ref.db_code                    D3EKC1_GEOS4 
_struct_ref.pdbx_db_accession          D3EKC1 
_struct_ref.pdbx_db_isoform            ? 
_struct_ref.entity_id                  1 
_struct_ref.pdbx_seq_one_letter_code   
;MAVDTGTEVVYRRPEARDGTRVWELIRDTGSLDLNSPYCYMLLGDYFNDTCMIAEHEGDIVGFISAFRSPRNPETLFVWQ
VAVASSHRRQGIAKAMLTGLMNQKACHGVRFIETTVSPSNMASRRLFLGYAEEKSIPSTVTVGYGAEMFPDGTTHEDEPL
FVIGPFFNDI
;
_struct_ref.pdbx_align_begin           1 
# 
_struct_ref_seq.align_id                      1 
_struct_ref_seq.ref_id                        1 
_struct_ref_seq.pdbx_PDB_id_code              6SL8 
_struct_ref_seq.pdbx_strand_id                A 
_struct_ref_seq.seq_align_beg                 11 
_struct_ref_seq.pdbx_seq_align_beg_ins_code   ? 
_struct_ref_seq.seq_align_end                 180 
_struct_ref_seq.pdbx_seq_align_end_ins_code   ? 
_struct_ref_seq.pdbx_db_accession             D3EKC1 
_struct_ref_seq.db_align_beg                  1 
_struct_ref_seq.pdbx_db_align_beg_ins_code    ? 
_struct_ref_seq.db_align_end                  170 
_struct_ref_seq.pdbx_db_align_end_ins_code    ? 
_struct_ref_seq.pdbx_auth_seq_align_beg       1 
_struct_ref_seq.pdbx_auth_seq_align_end       170 
# 
loop_
_struct_ref_seq_dif.align_id 
_struct_ref_seq_dif.pdbx_pdb_id_code 
_struct_ref_seq_dif.mon_id 
_struct_ref_seq_dif.pdbx_pdb_strand_id 
_struct_ref_seq_dif.seq_num 
_struct_ref_seq_dif.pdbx_pdb_ins_code 
_struct_ref_seq_dif.pdbx_seq_db_name 
_struct_ref_seq_dif.pdbx_seq_db_accession_code 
_struct_ref_seq_dif.db_mon_id 
_struct_ref_seq_dif.pdbx_seq_db_seq_num 
_struct_ref_seq_dif.details 
_struct_ref_seq_dif.pdbx_auth_seq_num 
_struct_ref_seq_dif.pdbx_ordinal 
1 6SL8 TRP A 1   ? UNP D3EKC1 ? ? 'expression tag' -9  1  
1 6SL8 SER A 2   ? UNP D3EKC1 ? ? 'expression tag' -8  2  
1 6SL8 HIS A 3   ? UNP D3EKC1 ? ? 'expression tag' -7  3  
1 6SL8 PRO A 4   ? UNP D3EKC1 ? ? 'expression tag' -6  4  
1 6SL8 GLN A 5   ? UNP D3EKC1 ? ? 'expression tag' -5  5  
1 6SL8 PHE A 6   ? UNP D3EKC1 ? ? 'expression tag' -4  6  
1 6SL8 GLU A 7   ? UNP D3EKC1 ? ? 'expression tag' -3  7  
1 6SL8 LYS A 8   ? UNP D3EKC1 ? ? 'expression tag' -2  8  
1 6SL8 SER A 9   ? UNP D3EKC1 ? ? 'expression tag' -1  9  
1 6SL8 GLY A 10  ? UNP D3EKC1 ? ? 'expression tag' 0   10 
1 6SL8 GLY A 181 ? UNP D3EKC1 ? ? 'expression tag' 171 11 
1 6SL8 SER A 182 ? UNP D3EKC1 ? ? 'expression tag' 172 12 
1 6SL8 ALA A 183 ? UNP D3EKC1 ? ? 'expression tag' 173 13 
1 6SL8 TRP A 184 ? UNP D3EKC1 ? ? 'expression tag' 174 14 
1 6SL8 SER A 185 ? UNP D3EKC1 ? ? 'expression tag' 175 15 
1 6SL8 HIS A 186 ? UNP D3EKC1 ? ? 'expression tag' 176 16 
# 
_pdbx_struct_assembly.id                   1 
_pdbx_struct_assembly.details              author_and_software_defined_assembly 
_pdbx_struct_assembly.method_details       PISA 
_pdbx_struct_assembly.oligomeric_details   dimeric 
_pdbx_struct_assembly.oligomeric_count     2 
# 
loop_
_pdbx_struct_assembly_prop.biol_id 
_pdbx_struct_assembly_prop.type 
_pdbx_struct_assembly_prop.value 
_pdbx_struct_assembly_prop.details 
1 'ABSA (A^2)' 4130  ? 
1 MORE         -79   ? 
1 'SSA (A^2)'  15020 ? 
# 
_pdbx_struct_assembly_gen.assembly_id       1 
_pdbx_struct_assembly_gen.oper_expression   1,2 
_pdbx_struct_assembly_gen.asym_id_list      A,B,C,D,E,F,G,H 
# 
_pdbx_struct_assembly_auth_evidence.id                     1 
_pdbx_struct_assembly_auth_evidence.assembly_id            1 
_pdbx_struct_assembly_auth_evidence.experimental_support   'light scattering' 
_pdbx_struct_assembly_auth_evidence.details                ? 
# 
loop_
_pdbx_struct_oper_list.id 
_pdbx_struct_oper_list.type 
_pdbx_struct_oper_list.name 
_pdbx_struct_oper_list.symmetry_operation 
_pdbx_struct_oper_list.matrix[1][1] 
_pdbx_struct_oper_list.matrix[1][2] 
_pdbx_struct_oper_list.matrix[1][3] 
_pdbx_struct_oper_list.vector[1] 
_pdbx_struct_oper_list.matrix[2][1] 
_pdbx_struct_oper_list.matrix[2][2] 
_pdbx_struct_oper_list.matrix[2][3] 
_pdbx_struct_oper_list.vector[2] 
_pdbx_struct_oper_list.matrix[3][1] 
_pdbx_struct_oper_list.matrix[3][2] 
_pdbx_struct_oper_list.matrix[3][3] 
_pdbx_struct_oper_list.vector[3] 
1 'identity operation'         1_555 x,y,z  1.0000000000  0.0000000000  0.0000000000  0.0000000000  0.0000000000  1.0000000000  0.0000000000 0.0000000000   0.0000000000  0.0000000000 1.0000000000 0.0000000000  
2 'crystal symmetry operation' 7_555 y,x,-z -0.7544901278 -0.4257555403 -0.4994765930 -6.7175591778 -0.4257555403 -0.2616680605 0.8661766829 -19.5559123538 -0.4994765930 0.8661766829 0.0161581883 13.3676152783 
# 
loop_
_struct_conf.conf_type_id 
_struct_conf.id 
_struct_conf.pdbx_PDB_helix_id 
_struct_conf.beg_label_comp_id 
_struct_conf.beg_label_asym_id 
_struct_conf.beg_label_seq_id 
_struct_conf.pdbx_beg_PDB_ins_code 
_struct_conf.end_label_comp_id 
_struct_conf.end_label_asym_id 
_struct_conf.end_label_seq_id 
_struct_conf.pdbx_end_PDB_ins_code 
_struct_conf.beg_auth_comp_id 
_struct_conf.beg_auth_asym_id 
_struct_conf.beg_auth_seq_id 
_struct_conf.end_auth_comp_id 
_struct_conf.end_auth_asym_id 
_struct_conf.end_auth_seq_id 
_struct_conf.pdbx_PDB_helix_class 
_struct_conf.details 
_struct_conf.pdbx_PDB_helix_length 
HELX_P HELX_P1 AA1 GLU A 25  ? ARG A 27  ? GLU A 15  ARG A 17  5 ? 3  
HELX_P HELX_P2 AA2 ASP A 28  ? ASP A 38  ? ASP A 18  ASP A 28  1 ? 11 
HELX_P HELX_P3 AA3 SER A 46  ? PHE A 57  ? SER A 36  PHE A 47  1 ? 12 
HELX_P HELX_P4 AA4 ASN A 58  ? CYS A 61  ? ASN A 48  CYS A 51  5 ? 4  
HELX_P HELX_P5 AA5 SER A 95  ? ARG A 98  ? SER A 85  ARG A 88  5 ? 4  
HELX_P HELX_P6 AA6 GLY A 101 ? ASN A 112 ? GLY A 91  ASN A 102 1 ? 12 
HELX_P HELX_P7 AA7 ASN A 130 ? LYS A 144 ? ASN A 120 LYS A 134 1 ? 15 
HELX_P HELX_P8 AA8 GLY A 155 ? PHE A 159 ? GLY A 145 PHE A 149 5 ? 5  
# 
_struct_conf_type.id          HELX_P 
_struct_conf_type.criteria    ? 
_struct_conf_type.reference   ? 
# 
loop_
_struct_conn.id 
_struct_conn.conn_type_id 
_struct_conn.pdbx_leaving_atom_flag 
_struct_conn.pdbx_PDB_id 
_struct_conn.ptnr1_label_asym_id 
_struct_conn.ptnr1_label_comp_id 
_struct_conn.ptnr1_label_seq_id 
_struct_conn.ptnr1_label_atom_id 
_struct_conn.pdbx_ptnr1_label_alt_id 
_struct_conn.pdbx_ptnr1_PDB_ins_code 
_struct_conn.pdbx_ptnr1_standard_comp_id 
_struct_conn.ptnr1_symmetry 
_struct_conn.ptnr2_label_asym_id 
_struct_conn.ptnr2_label_comp_id 
_struct_conn.ptnr2_label_seq_id 
_struct_conn.ptnr2_label_atom_id 
_struct_conn.pdbx_ptnr2_label_alt_id 
_struct_conn.pdbx_ptnr2_PDB_ins_code 
_struct_conn.ptnr1_auth_asym_id 
_struct_conn.ptnr1_auth_comp_id 
_struct_conn.ptnr1_auth_seq_id 
_struct_conn.ptnr2_auth_asym_id 
_struct_conn.ptnr2_auth_comp_id 
_struct_conn.ptnr2_auth_seq_id 
_struct_conn.ptnr2_symmetry 
_struct_conn.pdbx_ptnr3_label_atom_id 
_struct_conn.pdbx_ptnr3_label_seq_id 
_struct_conn.pdbx_ptnr3_label_comp_id 
_struct_conn.pdbx_ptnr3_label_asym_id 
_struct_conn.pdbx_ptnr3_label_alt_id 
_struct_conn.pdbx_ptnr3_PDB_ins_code 
_struct_conn.details 
_struct_conn.pdbx_dist_value 
_struct_conn.pdbx_value_order 
_struct_conn.pdbx_role 
metalc1 metalc ? ? A ASN 45 OD1 ? ? ? 1_555 F NA  . NA ? ? A ASN 35  A NA  205 1_555 ? ? ? ? ? ? ? 2.925 ? ? 
metalc2 metalc ? ? A SER 46 OG  ? ? ? 1_555 F NA  . NA ? ? A SER 36  A NA  205 7_555 ? ? ? ? ? ? ? 2.802 ? ? 
metalc3 metalc ? ? A HIS 97 O   ? ? ? 1_555 E NA  . NA ? ? A HIS 87  A NA  204 1_555 ? ? ? ? ? ? ? 2.776 ? ? 
metalc4 metalc ? ? B DAB .  OXT ? ? ? 1_555 F NA  . NA ? ? A DAB 201 A NA  205 1_555 ? ? ? ? ? ? ? 2.561 ? ? 
metalc5 metalc ? ? C DAB .  O   ? ? ? 1_555 D NA  . NA ? ? A DAB 202 A NA  203 1_555 ? ? ? ? ? ? ? 2.593 ? ? 
metalc6 metalc ? ? C DAB .  OXT ? ? ? 1_555 D NA  . NA ? ? A DAB 202 A NA  203 1_555 ? ? ? ? ? ? ? 3.007 ? ? 
metalc7 metalc ? ? C DAB .  OXT ? ? ? 1_555 E NA  . NA ? ? A DAB 202 A NA  204 1_555 ? ? ? ? ? ? ? 2.611 ? ? 
metalc8 metalc ? ? D NA  .  NA  ? ? ? 1_555 H HOH . O  ? ? A NA  203 A HOH 302 1_555 ? ? ? ? ? ? ? 3.118 ? ? 
# 
_struct_conn_type.id          metalc 
_struct_conn_type.criteria    ? 
_struct_conn_type.reference   ? 
# 
loop_
_pdbx_struct_conn_angle.id 
_pdbx_struct_conn_angle.ptnr1_label_atom_id 
_pdbx_struct_conn_angle.ptnr1_label_alt_id 
_pdbx_struct_conn_angle.ptnr1_label_asym_id 
_pdbx_struct_conn_angle.ptnr1_label_comp_id 
_pdbx_struct_conn_angle.ptnr1_label_seq_id 
_pdbx_struct_conn_angle.ptnr1_auth_atom_id 
_pdbx_struct_conn_angle.ptnr1_auth_asym_id 
_pdbx_struct_conn_angle.ptnr1_auth_comp_id 
_pdbx_struct_conn_angle.ptnr1_auth_seq_id 
_pdbx_struct_conn_angle.ptnr1_PDB_ins_code 
_pdbx_struct_conn_angle.ptnr1_symmetry 
_pdbx_struct_conn_angle.ptnr2_label_atom_id 
_pdbx_struct_conn_angle.ptnr2_label_alt_id 
_pdbx_struct_conn_angle.ptnr2_label_asym_id 
_pdbx_struct_conn_angle.ptnr2_label_comp_id 
_pdbx_struct_conn_angle.ptnr2_label_seq_id 
_pdbx_struct_conn_angle.ptnr2_auth_atom_id 
_pdbx_struct_conn_angle.ptnr2_auth_asym_id 
_pdbx_struct_conn_angle.ptnr2_auth_comp_id 
_pdbx_struct_conn_angle.ptnr2_auth_seq_id 
_pdbx_struct_conn_angle.ptnr2_PDB_ins_code 
_pdbx_struct_conn_angle.ptnr2_symmetry 
_pdbx_struct_conn_angle.ptnr3_label_atom_id 
_pdbx_struct_conn_angle.ptnr3_label_alt_id 
_pdbx_struct_conn_angle.ptnr3_label_asym_id 
_pdbx_struct_conn_angle.ptnr3_label_comp_id 
_pdbx_struct_conn_angle.ptnr3_label_seq_id 
_pdbx_struct_conn_angle.ptnr3_auth_atom_id 
_pdbx_struct_conn_angle.ptnr3_auth_asym_id 
_pdbx_struct_conn_angle.ptnr3_auth_comp_id 
_pdbx_struct_conn_angle.ptnr3_auth_seq_id 
_pdbx_struct_conn_angle.ptnr3_PDB_ins_code 
_pdbx_struct_conn_angle.ptnr3_symmetry 
_pdbx_struct_conn_angle.value 
_pdbx_struct_conn_angle.value_esd 
1 OD1 ? A ASN 45 ? A ASN 35  ? 1_555 NA ? F NA . ? A NA 205 ? 1_555 OG  ? A SER 46 ? A SER 36  ? 1_555 26.1  ? 
2 OD1 ? A ASN 45 ? A ASN 35  ? 1_555 NA ? F NA . ? A NA 205 ? 1_555 OXT ? B DAB .  ? A DAB 201 ? 1_555 125.5 ? 
3 OG  ? A SER 46 ? A SER 36  ? 1_555 NA ? F NA . ? A NA 205 ? 1_555 OXT ? B DAB .  ? A DAB 201 ? 1_555 151.6 ? 
4 O   ? A HIS 97 ? A HIS 87  ? 1_555 NA ? E NA . ? A NA 204 ? 1_555 OXT ? C DAB .  ? A DAB 202 ? 1_555 132.2 ? 
5 O   ? C DAB .  ? A DAB 202 ? 1_555 NA ? D NA . ? A NA 203 ? 1_555 OXT ? C DAB .  ? A DAB 202 ? 1_555 42.5  ? 
6 O   ? C DAB .  ? A DAB 202 ? 1_555 NA ? D NA . ? A NA 203 ? 1_555 O   ? H HOH .  ? A HOH 302 ? 1_555 47.3  ? 
7 OXT ? C DAB .  ? A DAB 202 ? 1_555 NA ? D NA . ? A NA 203 ? 1_555 O   ? H HOH .  ? A HOH 302 ? 1_555 67.5  ? 
# 
_struct_mon_prot_cis.pdbx_id                1 
_struct_mon_prot_cis.label_comp_id          GLY 
_struct_mon_prot_cis.label_seq_id           174 
_struct_mon_prot_cis.label_asym_id          A 
_struct_mon_prot_cis.label_alt_id           . 
_struct_mon_prot_cis.pdbx_PDB_ins_code      ? 
_struct_mon_prot_cis.auth_comp_id           GLY 
_struct_mon_prot_cis.auth_seq_id            164 
_struct_mon_prot_cis.auth_asym_id           A 
_struct_mon_prot_cis.pdbx_label_comp_id_2   PRO 
_struct_mon_prot_cis.pdbx_label_seq_id_2    175 
_struct_mon_prot_cis.pdbx_label_asym_id_2   A 
_struct_mon_prot_cis.pdbx_PDB_ins_code_2    ? 
_struct_mon_prot_cis.pdbx_auth_comp_id_2    PRO 
_struct_mon_prot_cis.pdbx_auth_seq_id_2     165 
_struct_mon_prot_cis.pdbx_auth_asym_id_2    A 
_struct_mon_prot_cis.pdbx_PDB_model_num     1 
_struct_mon_prot_cis.pdbx_omega_angle       -1.20 
# 
_struct_sheet.id               AA1 
_struct_sheet.type             ? 
_struct_sheet.number_strands   7 
_struct_sheet.details          ? 
# 
loop_
_struct_sheet_order.sheet_id 
_struct_sheet_order.range_id_1 
_struct_sheet_order.range_id_2 
_struct_sheet_order.offset 
_struct_sheet_order.sense 
AA1 1 2 ? anti-parallel 
AA1 2 3 ? anti-parallel 
AA1 3 4 ? anti-parallel 
AA1 4 5 ? parallel      
AA1 5 6 ? anti-parallel 
AA1 6 7 ? anti-parallel 
# 
loop_
_struct_sheet_range.sheet_id 
_struct_sheet_range.id 
_struct_sheet_range.beg_label_comp_id 
_struct_sheet_range.beg_label_asym_id 
_struct_sheet_range.beg_label_seq_id 
_struct_sheet_range.pdbx_beg_PDB_ins_code 
_struct_sheet_range.end_label_comp_id 
_struct_sheet_range.end_label_asym_id 
_struct_sheet_range.end_label_seq_id 
_struct_sheet_range.pdbx_end_PDB_ins_code 
_struct_sheet_range.beg_auth_comp_id 
_struct_sheet_range.beg_auth_asym_id 
_struct_sheet_range.beg_auth_seq_id 
_struct_sheet_range.end_auth_comp_id 
_struct_sheet_range.end_auth_asym_id 
_struct_sheet_range.end_auth_seq_id 
AA1 1 VAL A 20  ? ARG A 22  ? VAL A 10  ARG A 12  
AA1 2 MET A 62  ? HIS A 66  ? MET A 52  HIS A 56  
AA1 3 ASP A 69  ? ARG A 78  ? ASP A 59  ARG A 68  
AA1 4 THR A 85  ? VAL A 93  ? THR A 75  VAL A 83  
AA1 5 PHE A 121 ? THR A 125 ? PHE A 111 THR A 115 
AA1 6 GLU A 168 ? ILE A 173 ? GLU A 158 ILE A 163 
AA1 7 SER A 148 ? TYR A 154 ? SER A 138 TYR A 144 
# 
loop_
_pdbx_struct_sheet_hbond.sheet_id 
_pdbx_struct_sheet_hbond.range_id_1 
_pdbx_struct_sheet_hbond.range_id_2 
_pdbx_struct_sheet_hbond.range_1_label_atom_id 
_pdbx_struct_sheet_hbond.range_1_label_comp_id 
_pdbx_struct_sheet_hbond.range_1_label_asym_id 
_pdbx_struct_sheet_hbond.range_1_label_seq_id 
_pdbx_struct_sheet_hbond.range_1_PDB_ins_code 
_pdbx_struct_sheet_hbond.range_1_auth_atom_id 
_pdbx_struct_sheet_hbond.range_1_auth_comp_id 
_pdbx_struct_sheet_hbond.range_1_auth_asym_id 
_pdbx_struct_sheet_hbond.range_1_auth_seq_id 
_pdbx_struct_sheet_hbond.range_2_label_atom_id 
_pdbx_struct_sheet_hbond.range_2_label_comp_id 
_pdbx_struct_sheet_hbond.range_2_label_asym_id 
_pdbx_struct_sheet_hbond.range_2_label_seq_id 
_pdbx_struct_sheet_hbond.range_2_PDB_ins_code 
_pdbx_struct_sheet_hbond.range_2_auth_atom_id 
_pdbx_struct_sheet_hbond.range_2_auth_comp_id 
_pdbx_struct_sheet_hbond.range_2_auth_asym_id 
_pdbx_struct_sheet_hbond.range_2_auth_seq_id 
AA1 1 2 N ARG A 22  ? N ARG A 12  O ILE A 63  ? O ILE A 53  
AA1 2 3 N MET A 62  ? N MET A 52  O ILE A 74  ? O ILE A 64  
AA1 3 4 N PHE A 77  ? N PHE A 67  O PHE A 87  ? O PHE A 77  
AA1 4 5 N LEU A 86  ? N LEU A 76  O PHE A 121 ? O PHE A 111 
AA1 5 6 N THR A 124 ? N THR A 114 O PHE A 171 ? O PHE A 161 
AA1 6 7 O VAL A 172 ? O VAL A 162 N THR A 149 ? N THR A 139 
# 
loop_
_struct_site.id 
_struct_site.pdbx_evidence_code 
_struct_site.pdbx_auth_asym_id 
_struct_site.pdbx_auth_comp_id 
_struct_site.pdbx_auth_seq_id 
_struct_site.pdbx_auth_ins_code 
_struct_site.pdbx_num_residues 
_struct_site.details 
AC1 Software A DAB 201 ? 12 'binding site for residue DAB A 201' 
AC2 Software A DAB 202 ? 11 'binding site for residue DAB A 202' 
AC3 Software A NA  203 ? 4  'binding site for residue NA A 203'  
AC4 Software A NA  204 ? 6  'binding site for residue NA A 204'  
AC5 Software A NA  205 ? 5  'binding site for residue NA A 205'  
AC6 Software A GOL 206 ? 5  'binding site for residue GOL A 206' 
# 
loop_
_struct_site_gen.id 
_struct_site_gen.site_id 
_struct_site_gen.pdbx_num_res 
_struct_site_gen.label_comp_id 
_struct_site_gen.label_asym_id 
_struct_site_gen.label_seq_id 
_struct_site_gen.pdbx_auth_ins_code 
_struct_site_gen.auth_comp_id 
_struct_site_gen.auth_asym_id 
_struct_site_gen.auth_seq_id 
_struct_site_gen.label_atom_id 
_struct_site_gen.label_alt_id 
_struct_site_gen.symmetry 
_struct_site_gen.details 
1  AC1 12 LEU A 42  ? LEU A 32  . ? 1_555 ? 
2  AC1 12 ASP A 43  ? ASP A 33  . ? 1_555 ? 
3  AC1 12 TYR A 48  ? TYR A 38  . ? 7_555 ? 
4  AC1 12 TRP A 89  ? TRP A 79  . ? 1_555 ? 
5  AC1 12 GLN A 90  ? GLN A 80  . ? 1_555 ? 
6  AC1 12 THR A 125 ? THR A 115 . ? 1_555 ? 
7  AC1 12 GLU A 168 ? GLU A 158 . ? 1_555 ? 
8  AC1 12 NA  F .   ? NA  A 205 . ? 1_555 ? 
9  AC1 12 HOH H .   ? HOH A 350 . ? 1_555 ? 
10 AC1 12 HOH H .   ? HOH A 361 . ? 1_555 ? 
11 AC1 12 HOH H .   ? HOH A 376 . ? 1_555 ? 
12 AC1 12 HOH H .   ? HOH A 404 . ? 1_555 ? 
13 AC2 11 VAL A 93  ? VAL A 83  . ? 1_555 ? 
14 AC2 11 ARG A 98  ? ARG A 88  . ? 1_555 ? 
15 AC2 11 ARG A 99  ? ARG A 89  . ? 1_555 ? 
16 AC2 11 ILE A 102 ? ILE A 92  . ? 1_555 ? 
17 AC2 11 ALA A 103 ? ALA A 93  . ? 1_555 ? 
18 AC2 11 ALA A 132 ? ALA A 122 . ? 1_555 ? 
19 AC2 11 SER A 133 ? SER A 123 . ? 1_555 ? 
20 AC2 11 NA  D .   ? NA  A 203 . ? 1_555 ? 
21 AC2 11 NA  E .   ? NA  A 204 . ? 1_555 ? 
22 AC2 11 HOH H .   ? HOH A 301 . ? 1_555 ? 
23 AC2 11 HOH H .   ? HOH A 302 . ? 1_555 ? 
24 AC3 4  GLY A 101 ? GLY A 91  . ? 1_555 ? 
25 AC3 4  ALA A 103 ? ALA A 93  . ? 1_555 ? 
26 AC3 4  LYS A 104 ? LYS A 94  . ? 1_555 ? 
27 AC3 4  DAB C .   ? DAB A 202 . ? 1_555 ? 
28 AC4 6  HIS A 97  ? HIS A 87  . ? 1_555 ? 
29 AC4 6  ARG A 99  ? ARG A 89  . ? 1_555 ? 
30 AC4 6  GLN A 100 ? GLN A 90  . ? 1_555 ? 
31 AC4 6  GLY A 101 ? GLY A 91  . ? 1_555 ? 
32 AC4 6  ILE A 102 ? ILE A 92  . ? 1_555 ? 
33 AC4 6  DAB C .   ? DAB A 202 . ? 1_555 ? 
34 AC5 5  ASN A 45  ? ASN A 35  . ? 1_555 ? 
35 AC5 5  SER A 46  ? SER A 36  . ? 7_555 ? 
36 AC5 5  TRP A 89  ? TRP A 79  . ? 1_555 ? 
37 AC5 5  GLN A 90  ? GLN A 80  . ? 1_555 ? 
38 AC5 5  DAB B .   ? DAB A 201 . ? 1_555 ? 
39 AC6 5  ASP A 55  ? ASP A 45  . ? 7_555 ? 
40 AC6 5  LEU A 170 ? LEU A 160 . ? 1_555 ? 
41 AC6 5  HOH H .   ? HOH A 305 . ? 1_555 ? 
42 AC6 5  HOH H .   ? HOH A 345 . ? 7_555 ? 
43 AC6 5  HOH H .   ? HOH A 357 . ? 7_555 ? 
# 
loop_
_pdbx_validate_rmsd_angle.id 
_pdbx_validate_rmsd_angle.PDB_model_num 
_pdbx_validate_rmsd_angle.auth_atom_id_1 
_pdbx_validate_rmsd_angle.auth_asym_id_1 
_pdbx_validate_rmsd_angle.auth_comp_id_1 
_pdbx_validate_rmsd_angle.auth_seq_id_1 
_pdbx_validate_rmsd_angle.PDB_ins_code_1 
_pdbx_validate_rmsd_angle.label_alt_id_1 
_pdbx_validate_rmsd_angle.auth_atom_id_2 
_pdbx_validate_rmsd_angle.auth_asym_id_2 
_pdbx_validate_rmsd_angle.auth_comp_id_2 
_pdbx_validate_rmsd_angle.auth_seq_id_2 
_pdbx_validate_rmsd_angle.PDB_ins_code_2 
_pdbx_validate_rmsd_angle.label_alt_id_2 
_pdbx_validate_rmsd_angle.auth_atom_id_3 
_pdbx_validate_rmsd_angle.auth_asym_id_3 
_pdbx_validate_rmsd_angle.auth_comp_id_3 
_pdbx_validate_rmsd_angle.auth_seq_id_3 
_pdbx_validate_rmsd_angle.PDB_ins_code_3 
_pdbx_validate_rmsd_angle.label_alt_id_3 
_pdbx_validate_rmsd_angle.angle_value 
_pdbx_validate_rmsd_angle.angle_target_value 
_pdbx_validate_rmsd_angle.angle_deviation 
_pdbx_validate_rmsd_angle.angle_standard_deviation 
_pdbx_validate_rmsd_angle.linker_flag 
1 1 NE A ARG 17 ? ? CZ A ARG 17 ? ? NH2 A ARG 17 ? ? 123.85 120.30 3.55  0.50 N 
2 1 CG A ARG 27 ? B CD A ARG 27 ? B NE  A ARG 27 ? B 124.48 111.80 12.68 2.10 N 
3 1 CD A ARG 27 ? B NE A ARG 27 ? B CZ  A ARG 27 ? B 132.14 123.60 8.54  1.40 N 
4 1 NE A ARG 27 ? B CZ A ARG 27 ? B NH1 A ARG 27 ? B 126.49 120.30 6.19  0.50 N 
5 1 NE A ARG 27 ? B CZ A ARG 27 ? B NH2 A ARG 27 ? B 116.01 120.30 -4.29 0.50 N 
6 1 NE A ARG 68 ? ? CZ A ARG 68 ? ? NH1 A ARG 68 ? ? 116.64 120.30 -3.66 0.50 N 
# 
loop_
_pdbx_validate_torsion.id 
_pdbx_validate_torsion.PDB_model_num 
_pdbx_validate_torsion.auth_comp_id 
_pdbx_validate_torsion.auth_asym_id 
_pdbx_validate_torsion.auth_seq_id 
_pdbx_validate_torsion.PDB_ins_code 
_pdbx_validate_torsion.label_alt_id 
_pdbx_validate_torsion.phi 
_pdbx_validate_torsion.psi 
1 1 TRP A 79  ? ? -94.40  -66.77  
2 1 GLN A 103 ? ? -161.11 -165.79 
# 
_pdbx_entry_details.entry_id                 6SL8 
_pdbx_entry_details.has_ligand_of_interest   Y 
_pdbx_entry_details.compound_details         ? 
_pdbx_entry_details.source_details           ? 
_pdbx_entry_details.nonpolymer_details       ? 
_pdbx_entry_details.sequence_details         ? 
# 
loop_
_pdbx_unobs_or_zero_occ_residues.id 
_pdbx_unobs_or_zero_occ_residues.PDB_model_num 
_pdbx_unobs_or_zero_occ_residues.polymer_flag 
_pdbx_unobs_or_zero_occ_residues.occupancy_flag 
_pdbx_unobs_or_zero_occ_residues.auth_asym_id 
_pdbx_unobs_or_zero_occ_residues.auth_comp_id 
_pdbx_unobs_or_zero_occ_residues.auth_seq_id 
_pdbx_unobs_or_zero_occ_residues.PDB_ins_code 
_pdbx_unobs_or_zero_occ_residues.label_asym_id 
_pdbx_unobs_or_zero_occ_residues.label_comp_id 
_pdbx_unobs_or_zero_occ_residues.label_seq_id 
1  1 Y 1 A TRP -9  ? A TRP 1   
2  1 Y 1 A SER -8  ? A SER 2   
3  1 Y 1 A HIS -7  ? A HIS 3   
4  1 Y 1 A PRO -6  ? A PRO 4   
5  1 Y 1 A GLN -5  ? A GLN 5   
6  1 Y 1 A PHE -4  ? A PHE 6   
7  1 Y 1 A GLU -3  ? A GLU 7   
8  1 Y 1 A LYS -2  ? A LYS 8   
9  1 Y 1 A SER -1  ? A SER 9   
10 1 Y 1 A GLY 0   ? A GLY 10  
11 1 Y 1 A MET 1   ? A MET 11  
12 1 Y 1 A ALA 2   ? A ALA 12  
13 1 Y 1 A VAL 3   ? A VAL 13  
14 1 Y 1 A ASP 4   ? A ASP 14  
15 1 Y 1 A THR 5   ? A THR 15  
16 1 Y 1 A GLY 6   ? A GLY 16  
17 1 Y 1 A THR 7   ? A THR 17  
18 1 Y 1 A ASP 169 ? A ASP 179 
19 1 Y 1 A ILE 170 ? A ILE 180 
20 1 Y 1 A GLY 171 ? A GLY 181 
21 1 Y 1 A SER 172 ? A SER 182 
22 1 Y 1 A ALA 173 ? A ALA 183 
23 1 Y 1 A TRP 174 ? A TRP 184 
24 1 Y 1 A SER 175 ? A SER 185 
25 1 Y 1 A HIS 176 ? A HIS 186 
# 
loop_
_chem_comp_atom.comp_id 
_chem_comp_atom.atom_id 
_chem_comp_atom.type_symbol 
_chem_comp_atom.pdbx_aromatic_flag 
_chem_comp_atom.pdbx_stereo_config 
_chem_comp_atom.pdbx_ordinal 
ALA N    N  N N 1   
ALA CA   C  N S 2   
ALA C    C  N N 3   
ALA O    O  N N 4   
ALA CB   C  N N 5   
ALA OXT  O  N N 6   
ALA H    H  N N 7   
ALA H2   H  N N 8   
ALA HA   H  N N 9   
ALA HB1  H  N N 10  
ALA HB2  H  N N 11  
ALA HB3  H  N N 12  
ALA HXT  H  N N 13  
ARG N    N  N N 14  
ARG CA   C  N S 15  
ARG C    C  N N 16  
ARG O    O  N N 17  
ARG CB   C  N N 18  
ARG CG   C  N N 19  
ARG CD   C  N N 20  
ARG NE   N  N N 21  
ARG CZ   C  N N 22  
ARG NH1  N  N N 23  
ARG NH2  N  N N 24  
ARG OXT  O  N N 25  
ARG H    H  N N 26  
ARG H2   H  N N 27  
ARG HA   H  N N 28  
ARG HB2  H  N N 29  
ARG HB3  H  N N 30  
ARG HG2  H  N N 31  
ARG HG3  H  N N 32  
ARG HD2  H  N N 33  
ARG HD3  H  N N 34  
ARG HE   H  N N 35  
ARG HH11 H  N N 36  
ARG HH12 H  N N 37  
ARG HH21 H  N N 38  
ARG HH22 H  N N 39  
ARG HXT  H  N N 40  
ASN N    N  N N 41  
ASN CA   C  N S 42  
ASN C    C  N N 43  
ASN O    O  N N 44  
ASN CB   C  N N 45  
ASN CG   C  N N 46  
ASN OD1  O  N N 47  
ASN ND2  N  N N 48  
ASN OXT  O  N N 49  
ASN H    H  N N 50  
ASN H2   H  N N 51  
ASN HA   H  N N 52  
ASN HB2  H  N N 53  
ASN HB3  H  N N 54  
ASN HD21 H  N N 55  
ASN HD22 H  N N 56  
ASN HXT  H  N N 57  
ASP N    N  N N 58  
ASP CA   C  N S 59  
ASP C    C  N N 60  
ASP O    O  N N 61  
ASP CB   C  N N 62  
ASP CG   C  N N 63  
ASP OD1  O  N N 64  
ASP OD2  O  N N 65  
ASP OXT  O  N N 66  
ASP H    H  N N 67  
ASP H2   H  N N 68  
ASP HA   H  N N 69  
ASP HB2  H  N N 70  
ASP HB3  H  N N 71  
ASP HD2  H  N N 72  
ASP HXT  H  N N 73  
CYS N    N  N N 74  
CYS CA   C  N R 75  
CYS C    C  N N 76  
CYS O    O  N N 77  
CYS CB   C  N N 78  
CYS SG   S  N N 79  
CYS OXT  O  N N 80  
CYS H    H  N N 81  
CYS H2   H  N N 82  
CYS HA   H  N N 83  
CYS HB2  H  N N 84  
CYS HB3  H  N N 85  
CYS HG   H  N N 86  
CYS HXT  H  N N 87  
DAB N    N  N N 88  
DAB CA   C  N S 89  
DAB C    C  N N 90  
DAB O    O  N N 91  
DAB CB   C  N N 92  
DAB CG   C  N N 93  
DAB ND   N  N N 94  
DAB OXT  O  N N 95  
DAB H    H  N N 96  
DAB H2   H  N N 97  
DAB HA   H  N N 98  
DAB HB2  H  N N 99  
DAB HB3  H  N N 100 
DAB HG2  H  N N 101 
DAB HG3  H  N N 102 
DAB HD1  H  N N 103 
DAB HD2  H  N N 104 
DAB HXT  H  N N 105 
GLN N    N  N N 106 
GLN CA   C  N S 107 
GLN C    C  N N 108 
GLN O    O  N N 109 
GLN CB   C  N N 110 
GLN CG   C  N N 111 
GLN CD   C  N N 112 
GLN OE1  O  N N 113 
GLN NE2  N  N N 114 
GLN OXT  O  N N 115 
GLN H    H  N N 116 
GLN H2   H  N N 117 
GLN HA   H  N N 118 
GLN HB2  H  N N 119 
GLN HB3  H  N N 120 
GLN HG2  H  N N 121 
GLN HG3  H  N N 122 
GLN HE21 H  N N 123 
GLN HE22 H  N N 124 
GLN HXT  H  N N 125 
GLU N    N  N N 126 
GLU CA   C  N S 127 
GLU C    C  N N 128 
GLU O    O  N N 129 
GLU CB   C  N N 130 
GLU CG   C  N N 131 
GLU CD   C  N N 132 
GLU OE1  O  N N 133 
GLU OE2  O  N N 134 
GLU OXT  O  N N 135 
GLU H    H  N N 136 
GLU H2   H  N N 137 
GLU HA   H  N N 138 
GLU HB2  H  N N 139 
GLU HB3  H  N N 140 
GLU HG2  H  N N 141 
GLU HG3  H  N N 142 
GLU HE2  H  N N 143 
GLU HXT  H  N N 144 
GLY N    N  N N 145 
GLY CA   C  N N 146 
GLY C    C  N N 147 
GLY O    O  N N 148 
GLY OXT  O  N N 149 
GLY H    H  N N 150 
GLY H2   H  N N 151 
GLY HA2  H  N N 152 
GLY HA3  H  N N 153 
GLY HXT  H  N N 154 
GOL C1   C  N N 155 
GOL O1   O  N N 156 
GOL C2   C  N N 157 
GOL O2   O  N N 158 
GOL C3   C  N N 159 
GOL O3   O  N N 160 
GOL H11  H  N N 161 
GOL H12  H  N N 162 
GOL HO1  H  N N 163 
GOL H2   H  N N 164 
GOL HO2  H  N N 165 
GOL H31  H  N N 166 
GOL H32  H  N N 167 
GOL HO3  H  N N 168 
HIS N    N  N N 169 
HIS CA   C  N S 170 
HIS C    C  N N 171 
HIS O    O  N N 172 
HIS CB   C  N N 173 
HIS CG   C  Y N 174 
HIS ND1  N  Y N 175 
HIS CD2  C  Y N 176 
HIS CE1  C  Y N 177 
HIS NE2  N  Y N 178 
HIS OXT  O  N N 179 
HIS H    H  N N 180 
HIS H2   H  N N 181 
HIS HA   H  N N 182 
HIS HB2  H  N N 183 
HIS HB3  H  N N 184 
HIS HD1  H  N N 185 
HIS HD2  H  N N 186 
HIS HE1  H  N N 187 
HIS HE2  H  N N 188 
HIS HXT  H  N N 189 
HOH O    O  N N 190 
HOH H1   H  N N 191 
HOH H2   H  N N 192 
ILE N    N  N N 193 
ILE CA   C  N S 194 
ILE C    C  N N 195 
ILE O    O  N N 196 
ILE CB   C  N S 197 
ILE CG1  C  N N 198 
ILE CG2  C  N N 199 
ILE CD1  C  N N 200 
ILE OXT  O  N N 201 
ILE H    H  N N 202 
ILE H2   H  N N 203 
ILE HA   H  N N 204 
ILE HB   H  N N 205 
ILE HG12 H  N N 206 
ILE HG13 H  N N 207 
ILE HG21 H  N N 208 
ILE HG22 H  N N 209 
ILE HG23 H  N N 210 
ILE HD11 H  N N 211 
ILE HD12 H  N N 212 
ILE HD13 H  N N 213 
ILE HXT  H  N N 214 
LEU N    N  N N 215 
LEU CA   C  N S 216 
LEU C    C  N N 217 
LEU O    O  N N 218 
LEU CB   C  N N 219 
LEU CG   C  N N 220 
LEU CD1  C  N N 221 
LEU CD2  C  N N 222 
LEU OXT  O  N N 223 
LEU H    H  N N 224 
LEU H2   H  N N 225 
LEU HA   H  N N 226 
LEU HB2  H  N N 227 
LEU HB3  H  N N 228 
LEU HG   H  N N 229 
LEU HD11 H  N N 230 
LEU HD12 H  N N 231 
LEU HD13 H  N N 232 
LEU HD21 H  N N 233 
LEU HD22 H  N N 234 
LEU HD23 H  N N 235 
LEU HXT  H  N N 236 
LYS N    N  N N 237 
LYS CA   C  N S 238 
LYS C    C  N N 239 
LYS O    O  N N 240 
LYS CB   C  N N 241 
LYS CG   C  N N 242 
LYS CD   C  N N 243 
LYS CE   C  N N 244 
LYS NZ   N  N N 245 
LYS OXT  O  N N 246 
LYS H    H  N N 247 
LYS H2   H  N N 248 
LYS HA   H  N N 249 
LYS HB2  H  N N 250 
LYS HB3  H  N N 251 
LYS HG2  H  N N 252 
LYS HG3  H  N N 253 
LYS HD2  H  N N 254 
LYS HD3  H  N N 255 
LYS HE2  H  N N 256 
LYS HE3  H  N N 257 
LYS HZ1  H  N N 258 
LYS HZ2  H  N N 259 
LYS HZ3  H  N N 260 
LYS HXT  H  N N 261 
MET N    N  N N 262 
MET CA   C  N S 263 
MET C    C  N N 264 
MET O    O  N N 265 
MET CB   C  N N 266 
MET CG   C  N N 267 
MET SD   S  N N 268 
MET CE   C  N N 269 
MET OXT  O  N N 270 
MET H    H  N N 271 
MET H2   H  N N 272 
MET HA   H  N N 273 
MET HB2  H  N N 274 
MET HB3  H  N N 275 
MET HG2  H  N N 276 
MET HG3  H  N N 277 
MET HE1  H  N N 278 
MET HE2  H  N N 279 
MET HE3  H  N N 280 
MET HXT  H  N N 281 
NA  NA   NA N N 282 
PHE N    N  N N 283 
PHE CA   C  N S 284 
PHE C    C  N N 285 
PHE O    O  N N 286 
PHE CB   C  N N 287 
PHE CG   C  Y N 288 
PHE CD1  C  Y N 289 
PHE CD2  C  Y N 290 
PHE CE1  C  Y N 291 
PHE CE2  C  Y N 292 
PHE CZ   C  Y N 293 
PHE OXT  O  N N 294 
PHE H    H  N N 295 
PHE H2   H  N N 296 
PHE HA   H  N N 297 
PHE HB2  H  N N 298 
PHE HB3  H  N N 299 
PHE HD1  H  N N 300 
PHE HD2  H  N N 301 
PHE HE1  H  N N 302 
PHE HE2  H  N N 303 
PHE HZ   H  N N 304 
PHE HXT  H  N N 305 
PRO N    N  N N 306 
PRO CA   C  N S 307 
PRO C    C  N N 308 
PRO O    O  N N 309 
PRO CB   C  N N 310 
PRO CG   C  N N 311 
PRO CD   C  N N 312 
PRO OXT  O  N N 313 
PRO H    H  N N 314 
PRO HA   H  N N 315 
PRO HB2  H  N N 316 
PRO HB3  H  N N 317 
PRO HG2  H  N N 318 
PRO HG3  H  N N 319 
PRO HD2  H  N N 320 
PRO HD3  H  N N 321 
PRO HXT  H  N N 322 
SER N    N  N N 323 
SER CA   C  N S 324 
SER C    C  N N 325 
SER O    O  N N 326 
SER CB   C  N N 327 
SER OG   O  N N 328 
SER OXT  O  N N 329 
SER H    H  N N 330 
SER H2   H  N N 331 
SER HA   H  N N 332 
SER HB2  H  N N 333 
SER HB3  H  N N 334 
SER HG   H  N N 335 
SER HXT  H  N N 336 
THR N    N  N N 337 
THR CA   C  N S 338 
THR C    C  N N 339 
THR O    O  N N 340 
THR CB   C  N R 341 
THR OG1  O  N N 342 
THR CG2  C  N N 343 
THR OXT  O  N N 344 
THR H    H  N N 345 
THR H2   H  N N 346 
THR HA   H  N N 347 
THR HB   H  N N 348 
THR HG1  H  N N 349 
THR HG21 H  N N 350 
THR HG22 H  N N 351 
THR HG23 H  N N 352 
THR HXT  H  N N 353 
TRP N    N  N N 354 
TRP CA   C  N S 355 
TRP C    C  N N 356 
TRP O    O  N N 357 
TRP CB   C  N N 358 
TRP CG   C  Y N 359 
TRP CD1  C  Y N 360 
TRP CD2  C  Y N 361 
TRP NE1  N  Y N 362 
TRP CE2  C  Y N 363 
TRP CE3  C  Y N 364 
TRP CZ2  C  Y N 365 
TRP CZ3  C  Y N 366 
TRP CH2  C  Y N 367 
TRP OXT  O  N N 368 
TRP H    H  N N 369 
TRP H2   H  N N 370 
TRP HA   H  N N 371 
TRP HB2  H  N N 372 
TRP HB3  H  N N 373 
TRP HD1  H  N N 374 
TRP HE1  H  N N 375 
TRP HE3  H  N N 376 
TRP HZ2  H  N N 377 
TRP HZ3  H  N N 378 
TRP HH2  H  N N 379 
TRP HXT  H  N N 380 
TYR N    N  N N 381 
TYR CA   C  N S 382 
TYR C    C  N N 383 
TYR O    O  N N 384 
TYR CB   C  N N 385 
TYR CG   C  Y N 386 
TYR CD1  C  Y N 387 
TYR CD2  C  Y N 388 
TYR CE1  C  Y N 389 
TYR CE2  C  Y N 390 
TYR CZ   C  Y N 391 
TYR OH   O  N N 392 
TYR OXT  O  N N 393 
TYR H    H  N N 394 
TYR H2   H  N N 395 
TYR HA   H  N N 396 
TYR HB2  H  N N 397 
TYR HB3  H  N N 398 
TYR HD1  H  N N 399 
TYR HD2  H  N N 400 
TYR HE1  H  N N 401 
TYR HE2  H  N N 402 
TYR HH   H  N N 403 
TYR HXT  H  N N 404 
VAL N    N  N N 405 
VAL CA   C  N S 406 
VAL C    C  N N 407 
VAL O    O  N N 408 
VAL CB   C  N N 409 
VAL CG1  C  N N 410 
VAL CG2  C  N N 411 
VAL OXT  O  N N 412 
VAL H    H  N N 413 
VAL H2   H  N N 414 
VAL HA   H  N N 415 
VAL HB   H  N N 416 
VAL HG11 H  N N 417 
VAL HG12 H  N N 418 
VAL HG13 H  N N 419 
VAL HG21 H  N N 420 
VAL HG22 H  N N 421 
VAL HG23 H  N N 422 
VAL HXT  H  N N 423 
# 
loop_
_chem_comp_bond.comp_id 
_chem_comp_bond.atom_id_1 
_chem_comp_bond.atom_id_2 
_chem_comp_bond.value_order 
_chem_comp_bond.pdbx_aromatic_flag 
_chem_comp_bond.pdbx_stereo_config 
_chem_comp_bond.pdbx_ordinal 
ALA N   CA   sing N N 1   
ALA N   H    sing N N 2   
ALA N   H2   sing N N 3   
ALA CA  C    sing N N 4   
ALA CA  CB   sing N N 5   
ALA CA  HA   sing N N 6   
ALA C   O    doub N N 7   
ALA C   OXT  sing N N 8   
ALA CB  HB1  sing N N 9   
ALA CB  HB2  sing N N 10  
ALA CB  HB3  sing N N 11  
ALA OXT HXT  sing N N 12  
ARG N   CA   sing N N 13  
ARG N   H    sing N N 14  
ARG N   H2   sing N N 15  
ARG CA  C    sing N N 16  
ARG CA  CB   sing N N 17  
ARG CA  HA   sing N N 18  
ARG C   O    doub N N 19  
ARG C   OXT  sing N N 20  
ARG CB  CG   sing N N 21  
ARG CB  HB2  sing N N 22  
ARG CB  HB3  sing N N 23  
ARG CG  CD   sing N N 24  
ARG CG  HG2  sing N N 25  
ARG CG  HG3  sing N N 26  
ARG CD  NE   sing N N 27  
ARG CD  HD2  sing N N 28  
ARG CD  HD3  sing N N 29  
ARG NE  CZ   sing N N 30  
ARG NE  HE   sing N N 31  
ARG CZ  NH1  sing N N 32  
ARG CZ  NH2  doub N N 33  
ARG NH1 HH11 sing N N 34  
ARG NH1 HH12 sing N N 35  
ARG NH2 HH21 sing N N 36  
ARG NH2 HH22 sing N N 37  
ARG OXT HXT  sing N N 38  
ASN N   CA   sing N N 39  
ASN N   H    sing N N 40  
ASN N   H2   sing N N 41  
ASN CA  C    sing N N 42  
ASN CA  CB   sing N N 43  
ASN CA  HA   sing N N 44  
ASN C   O    doub N N 45  
ASN C   OXT  sing N N 46  
ASN CB  CG   sing N N 47  
ASN CB  HB2  sing N N 48  
ASN CB  HB3  sing N N 49  
ASN CG  OD1  doub N N 50  
ASN CG  ND2  sing N N 51  
ASN ND2 HD21 sing N N 52  
ASN ND2 HD22 sing N N 53  
ASN OXT HXT  sing N N 54  
ASP N   CA   sing N N 55  
ASP N   H    sing N N 56  
ASP N   H2   sing N N 57  
ASP CA  C    sing N N 58  
ASP CA  CB   sing N N 59  
ASP CA  HA   sing N N 60  
ASP C   O    doub N N 61  
ASP C   OXT  sing N N 62  
ASP CB  CG   sing N N 63  
ASP CB  HB2  sing N N 64  
ASP CB  HB3  sing N N 65  
ASP CG  OD1  doub N N 66  
ASP CG  OD2  sing N N 67  
ASP OD2 HD2  sing N N 68  
ASP OXT HXT  sing N N 69  
CYS N   CA   sing N N 70  
CYS N   H    sing N N 71  
CYS N   H2   sing N N 72  
CYS CA  C    sing N N 73  
CYS CA  CB   sing N N 74  
CYS CA  HA   sing N N 75  
CYS C   O    doub N N 76  
CYS C   OXT  sing N N 77  
CYS CB  SG   sing N N 78  
CYS CB  HB2  sing N N 79  
CYS CB  HB3  sing N N 80  
CYS SG  HG   sing N N 81  
CYS OXT HXT  sing N N 82  
DAB N   CA   sing N N 83  
DAB N   H    sing N N 84  
DAB N   H2   sing N N 85  
DAB CA  C    sing N N 86  
DAB CA  CB   sing N N 87  
DAB CA  HA   sing N N 88  
DAB C   O    doub N N 89  
DAB C   OXT  sing N N 90  
DAB CB  CG   sing N N 91  
DAB CB  HB2  sing N N 92  
DAB CB  HB3  sing N N 93  
DAB CG  ND   sing N N 94  
DAB CG  HG2  sing N N 95  
DAB CG  HG3  sing N N 96  
DAB ND  HD1  sing N N 97  
DAB ND  HD2  sing N N 98  
DAB OXT HXT  sing N N 99  
GLN N   CA   sing N N 100 
GLN N   H    sing N N 101 
GLN N   H2   sing N N 102 
GLN CA  C    sing N N 103 
GLN CA  CB   sing N N 104 
GLN CA  HA   sing N N 105 
GLN C   O    doub N N 106 
GLN C   OXT  sing N N 107 
GLN CB  CG   sing N N 108 
GLN CB  HB2  sing N N 109 
GLN CB  HB3  sing N N 110 
GLN CG  CD   sing N N 111 
GLN CG  HG2  sing N N 112 
GLN CG  HG3  sing N N 113 
GLN CD  OE1  doub N N 114 
GLN CD  NE2  sing N N 115 
GLN NE2 HE21 sing N N 116 
GLN NE2 HE22 sing N N 117 
GLN OXT HXT  sing N N 118 
GLU N   CA   sing N N 119 
GLU N   H    sing N N 120 
GLU N   H2   sing N N 121 
GLU CA  C    sing N N 122 
GLU CA  CB   sing N N 123 
GLU CA  HA   sing N N 124 
GLU C   O    doub N N 125 
GLU C   OXT  sing N N 126 
GLU CB  CG   sing N N 127 
GLU CB  HB2  sing N N 128 
GLU CB  HB3  sing N N 129 
GLU CG  CD   sing N N 130 
GLU CG  HG2  sing N N 131 
GLU CG  HG3  sing N N 132 
GLU CD  OE1  doub N N 133 
GLU CD  OE2  sing N N 134 
GLU OE2 HE2  sing N N 135 
GLU OXT HXT  sing N N 136 
GLY N   CA   sing N N 137 
GLY N   H    sing N N 138 
GLY N   H2   sing N N 139 
GLY CA  C    sing N N 140 
GLY CA  HA2  sing N N 141 
GLY CA  HA3  sing N N 142 
GLY C   O    doub N N 143 
GLY C   OXT  sing N N 144 
GLY OXT HXT  sing N N 145 
GOL C1  O1   sing N N 146 
GOL C1  C2   sing N N 147 
GOL C1  H11  sing N N 148 
GOL C1  H12  sing N N 149 
GOL O1  HO1  sing N N 150 
GOL C2  O2   sing N N 151 
GOL C2  C3   sing N N 152 
GOL C2  H2   sing N N 153 
GOL O2  HO2  sing N N 154 
GOL C3  O3   sing N N 155 
GOL C3  H31  sing N N 156 
GOL C3  H32  sing N N 157 
GOL O3  HO3  sing N N 158 
HIS N   CA   sing N N 159 
HIS N   H    sing N N 160 
HIS N   H2   sing N N 161 
HIS CA  C    sing N N 162 
HIS CA  CB   sing N N 163 
HIS CA  HA   sing N N 164 
HIS C   O    doub N N 165 
HIS C   OXT  sing N N 166 
HIS CB  CG   sing N N 167 
HIS CB  HB2  sing N N 168 
HIS CB  HB3  sing N N 169 
HIS CG  ND1  sing Y N 170 
HIS CG  CD2  doub Y N 171 
HIS ND1 CE1  doub Y N 172 
HIS ND1 HD1  sing N N 173 
HIS CD2 NE2  sing Y N 174 
HIS CD2 HD2  sing N N 175 
HIS CE1 NE2  sing Y N 176 
HIS CE1 HE1  sing N N 177 
HIS NE2 HE2  sing N N 178 
HIS OXT HXT  sing N N 179 
HOH O   H1   sing N N 180 
HOH O   H2   sing N N 181 
ILE N   CA   sing N N 182 
ILE N   H    sing N N 183 
ILE N   H2   sing N N 184 
ILE CA  C    sing N N 185 
ILE CA  CB   sing N N 186 
ILE CA  HA   sing N N 187 
ILE C   O    doub N N 188 
ILE C   OXT  sing N N 189 
ILE CB  CG1  sing N N 190 
ILE CB  CG2  sing N N 191 
ILE CB  HB   sing N N 192 
ILE CG1 CD1  sing N N 193 
ILE CG1 HG12 sing N N 194 
ILE CG1 HG13 sing N N 195 
ILE CG2 HG21 sing N N 196 
ILE CG2 HG22 sing N N 197 
ILE CG2 HG23 sing N N 198 
ILE CD1 HD11 sing N N 199 
ILE CD1 HD12 sing N N 200 
ILE CD1 HD13 sing N N 201 
ILE OXT HXT  sing N N 202 
LEU N   CA   sing N N 203 
LEU N   H    sing N N 204 
LEU N   H2   sing N N 205 
LEU CA  C    sing N N 206 
LEU CA  CB   sing N N 207 
LEU CA  HA   sing N N 208 
LEU C   O    doub N N 209 
LEU C   OXT  sing N N 210 
LEU CB  CG   sing N N 211 
LEU CB  HB2  sing N N 212 
LEU CB  HB3  sing N N 213 
LEU CG  CD1  sing N N 214 
LEU CG  CD2  sing N N 215 
LEU CG  HG   sing N N 216 
LEU CD1 HD11 sing N N 217 
LEU CD1 HD12 sing N N 218 
LEU CD1 HD13 sing N N 219 
LEU CD2 HD21 sing N N 220 
LEU CD2 HD22 sing N N 221 
LEU CD2 HD23 sing N N 222 
LEU OXT HXT  sing N N 223 
LYS N   CA   sing N N 224 
LYS N   H    sing N N 225 
LYS N   H2   sing N N 226 
LYS CA  C    sing N N 227 
LYS CA  CB   sing N N 228 
LYS CA  HA   sing N N 229 
LYS C   O    doub N N 230 
LYS C   OXT  sing N N 231 
LYS CB  CG   sing N N 232 
LYS CB  HB2  sing N N 233 
LYS CB  HB3  sing N N 234 
LYS CG  CD   sing N N 235 
LYS CG  HG2  sing N N 236 
LYS CG  HG3  sing N N 237 
LYS CD  CE   sing N N 238 
LYS CD  HD2  sing N N 239 
LYS CD  HD3  sing N N 240 
LYS CE  NZ   sing N N 241 
LYS CE  HE2  sing N N 242 
LYS CE  HE3  sing N N 243 
LYS NZ  HZ1  sing N N 244 
LYS NZ  HZ2  sing N N 245 
LYS NZ  HZ3  sing N N 246 
LYS OXT HXT  sing N N 247 
MET N   CA   sing N N 248 
MET N   H    sing N N 249 
MET N   H2   sing N N 250 
MET CA  C    sing N N 251 
MET CA  CB   sing N N 252 
MET CA  HA   sing N N 253 
MET C   O    doub N N 254 
MET C   OXT  sing N N 255 
MET CB  CG   sing N N 256 
MET CB  HB2  sing N N 257 
MET CB  HB3  sing N N 258 
MET CG  SD   sing N N 259 
MET CG  HG2  sing N N 260 
MET CG  HG3  sing N N 261 
MET SD  CE   sing N N 262 
MET CE  HE1  sing N N 263 
MET CE  HE2  sing N N 264 
MET CE  HE3  sing N N 265 
MET OXT HXT  sing N N 266 
PHE N   CA   sing N N 267 
PHE N   H    sing N N 268 
PHE N   H2   sing N N 269 
PHE CA  C    sing N N 270 
PHE CA  CB   sing N N 271 
PHE CA  HA   sing N N 272 
PHE C   O    doub N N 273 
PHE C   OXT  sing N N 274 
PHE CB  CG   sing N N 275 
PHE CB  HB2  sing N N 276 
PHE CB  HB3  sing N N 277 
PHE CG  CD1  doub Y N 278 
PHE CG  CD2  sing Y N 279 
PHE CD1 CE1  sing Y N 280 
PHE CD1 HD1  sing N N 281 
PHE CD2 CE2  doub Y N 282 
PHE CD2 HD2  sing N N 283 
PHE CE1 CZ   doub Y N 284 
PHE CE1 HE1  sing N N 285 
PHE CE2 CZ   sing Y N 286 
PHE CE2 HE2  sing N N 287 
PHE CZ  HZ   sing N N 288 
PHE OXT HXT  sing N N 289 
PRO N   CA   sing N N 290 
PRO N   CD   sing N N 291 
PRO N   H    sing N N 292 
PRO CA  C    sing N N 293 
PRO CA  CB   sing N N 294 
PRO CA  HA   sing N N 295 
PRO C   O    doub N N 296 
PRO C   OXT  sing N N 297 
PRO CB  CG   sing N N 298 
PRO CB  HB2  sing N N 299 
PRO CB  HB3  sing N N 300 
PRO CG  CD   sing N N 301 
PRO CG  HG2  sing N N 302 
PRO CG  HG3  sing N N 303 
PRO CD  HD2  sing N N 304 
PRO CD  HD3  sing N N 305 
PRO OXT HXT  sing N N 306 
SER N   CA   sing N N 307 
SER N   H    sing N N 308 
SER N   H2   sing N N 309 
SER CA  C    sing N N 310 
SER CA  CB   sing N N 311 
SER CA  HA   sing N N 312 
SER C   O    doub N N 313 
SER C   OXT  sing N N 314 
SER CB  OG   sing N N 315 
SER CB  HB2  sing N N 316 
SER CB  HB3  sing N N 317 
SER OG  HG   sing N N 318 
SER OXT HXT  sing N N 319 
THR N   CA   sing N N 320 
THR N   H    sing N N 321 
THR N   H2   sing N N 322 
THR CA  C    sing N N 323 
THR CA  CB   sing N N 324 
THR CA  HA   sing N N 325 
THR C   O    doub N N 326 
THR C   OXT  sing N N 327 
THR CB  OG1  sing N N 328 
THR CB  CG2  sing N N 329 
THR CB  HB   sing N N 330 
THR OG1 HG1  sing N N 331 
THR CG2 HG21 sing N N 332 
THR CG2 HG22 sing N N 333 
THR CG2 HG23 sing N N 334 
THR OXT HXT  sing N N 335 
TRP N   CA   sing N N 336 
TRP N   H    sing N N 337 
TRP N   H2   sing N N 338 
TRP CA  C    sing N N 339 
TRP CA  CB   sing N N 340 
TRP CA  HA   sing N N 341 
TRP C   O    doub N N 342 
TRP C   OXT  sing N N 343 
TRP CB  CG   sing N N 344 
TRP CB  HB2  sing N N 345 
TRP CB  HB3  sing N N 346 
TRP CG  CD1  doub Y N 347 
TRP CG  CD2  sing Y N 348 
TRP CD1 NE1  sing Y N 349 
TRP CD1 HD1  sing N N 350 
TRP CD2 CE2  doub Y N 351 
TRP CD2 CE3  sing Y N 352 
TRP NE1 CE2  sing Y N 353 
TRP NE1 HE1  sing N N 354 
TRP CE2 CZ2  sing Y N 355 
TRP CE3 CZ3  doub Y N 356 
TRP CE3 HE3  sing N N 357 
TRP CZ2 CH2  doub Y N 358 
TRP CZ2 HZ2  sing N N 359 
TRP CZ3 CH2  sing Y N 360 
TRP CZ3 HZ3  sing N N 361 
TRP CH2 HH2  sing N N 362 
TRP OXT HXT  sing N N 363 
TYR N   CA   sing N N 364 
TYR N   H    sing N N 365 
TYR N   H2   sing N N 366 
TYR CA  C    sing N N 367 
TYR CA  CB   sing N N 368 
TYR CA  HA   sing N N 369 
TYR C   O    doub N N 370 
TYR C   OXT  sing N N 371 
TYR CB  CG   sing N N 372 
TYR CB  HB2  sing N N 373 
TYR CB  HB3  sing N N 374 
TYR CG  CD1  doub Y N 375 
TYR CG  CD2  sing Y N 376 
TYR CD1 CE1  sing Y N 377 
TYR CD1 HD1  sing N N 378 
TYR CD2 CE2  doub Y N 379 
TYR CD2 HD2  sing N N 380 
TYR CE1 CZ   doub Y N 381 
TYR CE1 HE1  sing N N 382 
TYR CE2 CZ   sing Y N 383 
TYR CE2 HE2  sing N N 384 
TYR CZ  OH   sing N N 385 
TYR OH  HH   sing N N 386 
TYR OXT HXT  sing N N 387 
VAL N   CA   sing N N 388 
VAL N   H    sing N N 389 
VAL N   H2   sing N N 390 
VAL CA  C    sing N N 391 
VAL CA  CB   sing N N 392 
VAL CA  HA   sing N N 393 
VAL C   O    doub N N 394 
VAL C   OXT  sing N N 395 
VAL CB  CG1  sing N N 396 
VAL CB  CG2  sing N N 397 
VAL CB  HB   sing N N 398 
VAL CG1 HG11 sing N N 399 
VAL CG1 HG12 sing N N 400 
VAL CG1 HG13 sing N N 401 
VAL CG2 HG21 sing N N 402 
VAL CG2 HG22 sing N N 403 
VAL CG2 HG23 sing N N 404 
VAL OXT HXT  sing N N 405 
# 
_pdbx_entity_instance_feature.ordinal        1 
_pdbx_entity_instance_feature.comp_id        DAB 
_pdbx_entity_instance_feature.asym_id        ? 
_pdbx_entity_instance_feature.seq_num        ? 
_pdbx_entity_instance_feature.auth_comp_id   DAB 
_pdbx_entity_instance_feature.auth_asym_id   ? 
_pdbx_entity_instance_feature.auth_seq_num   ? 
_pdbx_entity_instance_feature.feature_type   'SUBJECT OF INVESTIGATION' 
_pdbx_entity_instance_feature.details        ? 
# 
_pdbx_initial_refinement_model.id               1 
_pdbx_initial_refinement_model.entity_id_list   ? 
_pdbx_initial_refinement_model.type             'experimental model' 
_pdbx_initial_refinement_model.source_name      PDB 
_pdbx_initial_refinement_model.accession_code   6SLL 
_pdbx_initial_refinement_model.details          ? 
# 
_atom_sites.entry_id                    6SL8 
_atom_sites.Cartn_transf_matrix[1][1]   ? 
_atom_sites.Cartn_transf_matrix[1][2]   ? 
_atom_sites.Cartn_transf_matrix[1][3]   ? 
_atom_sites.Cartn_transf_matrix[2][1]   ? 
_atom_sites.Cartn_transf_matrix[2][2]   ? 
_atom_sites.Cartn_transf_matrix[2][3]   ? 
_atom_sites.Cartn_transf_matrix[3][1]   ? 
_atom_sites.Cartn_transf_matrix[3][2]   ? 
_atom_sites.Cartn_transf_matrix[3][3]   ? 
_atom_sites.Cartn_transf_vector[1]      ? 
_atom_sites.Cartn_transf_vector[2]      ? 
_atom_sites.Cartn_transf_vector[3]      ? 
_atom_sites.fract_transf_matrix[1][1]   -0.00669335 
_atom_sites.fract_transf_matrix[1][2]   -0.00747333 
_atom_sites.fract_transf_matrix[1][3]   -0.01403004 
_atom_sites.fract_transf_matrix[2][1]   0.01523955 
_atom_sites.fract_transf_matrix[2][2]   -0.00734723 
_atom_sites.fract_transf_matrix[2][3]   -0.00335675 
_atom_sites.fract_transf_matrix[3][1]   -0.00194981 
_atom_sites.fract_transf_matrix[3][2]   -0.00590672 
_atom_sites.fract_transf_matrix[3][3]   0.00407651 
_atom_sites.fract_transf_vector[1]      -0.110906 
_atom_sites.fract_transf_vector[2]      -0.107343 
_atom_sites.fract_transf_vector[3]      -0.091551 
_atom_sites.solution_primary            ? 
_atom_sites.solution_secondary          ? 
_atom_sites.solution_hydrogens          ? 
_atom_sites.special_details             ? 
# 
loop_
_atom_type.symbol 
C  
N  
NA 
O  
S  
# 
loop_
_atom_site.group_PDB 
_atom_site.id 
_atom_site.type_symbol 
_atom_site.label_atom_id 
_atom_site.label_alt_id 
_atom_site.label_comp_id 
_atom_site.label_asym_id 
_atom_site.label_entity_id 
_atom_site.label_seq_id 
_atom_site.pdbx_PDB_ins_code 
_atom_site.Cartn_x 
_atom_site.Cartn_y 
_atom_site.Cartn_z 
_atom_site.occupancy 
_atom_site.B_iso_or_equiv 
_atom_site.pdbx_formal_charge 
_atom_site.auth_seq_id 
_atom_site.auth_comp_id 
_atom_site.auth_asym_id 
_atom_site.auth_atom_id 
_atom_site.pdbx_PDB_model_num 
ATOM   1    N  N   . GLU A 1 18  ? -11.685 10.542  -14.678 1.00 54.76 ? 8   GLU A N   1 
ATOM   2    C  CA  . GLU A 1 18  ? -12.272 9.256   -15.154 1.00 51.94 ? 8   GLU A CA  1 
ATOM   3    C  C   . GLU A 1 18  ? -11.770 7.945   -14.434 1.00 46.86 ? 8   GLU A C   1 
ATOM   4    O  O   . GLU A 1 18  ? -12.511 6.968   -14.433 1.00 46.90 ? 8   GLU A O   1 
ATOM   5    C  CB  . GLU A 1 18  ? -12.157 9.117   -16.692 1.00 55.08 ? 8   GLU A CB  1 
ATOM   6    C  CG  . GLU A 1 18  ? -13.083 8.032   -17.196 1.00 66.03 ? 8   GLU A CG  1 
ATOM   7    C  CD  . GLU A 1 18  ? -13.350 8.014   -18.672 1.00 74.88 ? 8   GLU A CD  1 
ATOM   8    O  OE1 . GLU A 1 18  ? -12.947 8.942   -19.411 1.00 79.68 ? 8   GLU A OE1 1 
ATOM   9    O  OE2 . GLU A 1 18  ? -13.991 7.023   -19.082 1.00 77.06 ? 8   GLU A OE2 1 
ATOM   10   N  N   . VAL A 1 19  ? -10.556 7.895   -13.856 1.00 41.12 ? 9   VAL A N   1 
ATOM   11   C  CA  . VAL A 1 19  ? -10.278 6.790   -12.841 1.00 40.05 ? 9   VAL A CA  1 
ATOM   12   C  C   . VAL A 1 19  ? -11.178 7.116   -11.640 1.00 37.74 ? 9   VAL A C   1 
ATOM   13   O  O   . VAL A 1 19  ? -11.214 8.270   -11.164 1.00 40.28 ? 9   VAL A O   1 
ATOM   14   C  CB  . VAL A 1 19  ? -8.773  6.640   -12.473 1.00 35.60 ? 9   VAL A CB  1 
ATOM   15   C  CG1 . VAL A 1 19  ? -8.545  5.565   -11.373 1.00 33.78 ? 9   VAL A CG1 1 
ATOM   16   C  CG2 . VAL A 1 19  ? -7.927  6.356   -13.722 1.00 37.26 ? 9   VAL A CG2 1 
ATOM   17   N  N   . VAL A 1 20  ? -11.874 6.094   -11.116 1.00 35.60 ? 10  VAL A N   1 
ATOM   18   C  CA  . VAL A 1 20  ? -12.731 6.202   -9.946  1.00 38.73 ? 10  VAL A CA  1 
ATOM   19   C  C   . VAL A 1 20  ? -12.150 5.336   -8.759  1.00 32.74 ? 10  VAL A C   1 
ATOM   20   O  O   . VAL A 1 20  ? -11.577 4.287   -9.006  1.00 32.42 ? 10  VAL A O   1 
ATOM   21   C  CB  . VAL A 1 20  ? -14.218 5.868   -10.273 1.00 42.83 ? 10  VAL A CB  1 
ATOM   22   C  CG1 . VAL A 1 20  ? -14.753 6.885   -11.295 1.00 49.94 ? 10  VAL A CG1 1 
ATOM   23   C  CG2 . VAL A 1 20  ? -14.393 4.473   -10.823 1.00 44.97 ? 10  VAL A CG2 1 
ATOM   24   N  N   . TYR A 1 21  ? -12.297 5.860   -7.568  1.00 32.29 ? 11  TYR A N   1 
ATOM   25   C  CA  . TYR A 1 21  ? -11.705 5.287   -6.360  1.00 32.13 ? 11  TYR A CA  1 
ATOM   26   C  C   . TYR A 1 21  ? -12.799 4.857   -5.430  1.00 35.96 ? 11  TYR A C   1 
ATOM   27   O  O   . TYR A 1 21  ? -13.809 5.563   -5.222  1.00 34.43 ? 11  TYR A O   1 
ATOM   28   C  CB  . TYR A 1 21  ? -10.792 6.327   -5.662  1.00 32.19 ? 11  TYR A CB  1 
ATOM   29   C  CG  . TYR A 1 21  ? -9.648  6.690   -6.552  1.00 33.08 ? 11  TYR A CG  1 
ATOM   30   C  CD1 . TYR A 1 21  ? -8.500  5.923   -6.606  1.00 31.96 ? 11  TYR A CD1 1 
ATOM   31   C  CD2 . TYR A 1 21  ? -9.755  7.759   -7.476  1.00 35.05 ? 11  TYR A CD2 1 
ATOM   32   C  CE1 . TYR A 1 21  ? -7.470  6.246   -7.469  1.00 31.41 ? 11  TYR A CE1 1 
ATOM   33   C  CE2 . TYR A 1 21  ? -8.731  8.137   -8.306  1.00 34.77 ? 11  TYR A CE2 1 
ATOM   34   C  CZ  . TYR A 1 21  ? -7.569  7.381   -8.346  1.00 31.50 ? 11  TYR A CZ  1 
ATOM   35   O  OH  . TYR A 1 21  ? -6.589  7.667   -9.230  1.00 31.87 ? 11  TYR A OH  1 
ATOM   36   N  N   . ARG A 1 22  ? -12.640 3.672   -4.833  1.00 30.82 ? 12  ARG A N   1 
ATOM   37   C  CA  . ARG A 1 22  ? -13.584 3.209   -3.865  1.00 28.39 ? 12  ARG A CA  1 
ATOM   38   C  C   . ARG A 1 22  ? -12.880 2.244   -2.860  1.00 29.31 ? 12  ARG A C   1 
ATOM   39   O  O   . ARG A 1 22  ? -11.843 1.696   -3.207  1.00 30.57 ? 12  ARG A O   1 
ATOM   40   C  CB  . ARG A 1 22  ? -14.745 2.524   -4.519  1.00 31.23 ? 12  ARG A CB  1 
ATOM   41   C  CG  . ARG A 1 22  ? -14.420 1.294   -5.311  1.00 30.24 ? 12  ARG A CG  1 
ATOM   42   C  CD  . ARG A 1 22  ? -15.677 0.615   -5.874  1.00 33.20 ? 12  ARG A CD  1 
ATOM   43   N  NE  . ARG A 1 22  ? -15.348 -0.520  -6.691  1.00 35.30 ? 12  ARG A NE  1 
ATOM   44   C  CZ  . ARG A 1 22  ? -15.110 -1.766  -6.238  1.00 33.68 ? 12  ARG A CZ  1 
ATOM   45   N  NH1 . ARG A 1 22  ? -15.224 -2.028  -4.940  1.00 34.73 ? 12  ARG A NH1 1 
ATOM   46   N  NH2 . ARG A 1 22  ? -14.771 -2.705  -7.058  1.00 34.19 ? 12  ARG A NH2 1 
ATOM   47   N  N   . ARG A 1 23  ? -13.525 2.021   -1.738  1.00 29.74 ? 13  ARG A N   1 
ATOM   48   C  CA  . ARG A 1 23  ? -13.165 0.907   -0.809  1.00 29.60 ? 13  ARG A CA  1 
ATOM   49   C  C   . ARG A 1 23  ? -13.462 -0.428  -1.440  1.00 30.24 ? 13  ARG A C   1 
ATOM   50   O  O   . ARG A 1 23  ? -14.474 -0.613  -2.145  1.00 30.05 ? 13  ARG A O   1 
ATOM   51   C  CB  . ARG A 1 23  ? -13.848 1.049   0.555   1.00 32.52 ? 13  ARG A CB  1 
ATOM   52   C  CG  . ARG A 1 23  ? -13.366 2.288   1.317   1.00 38.83 ? 13  ARG A CG  1 
ATOM   53   C  CD  . ARG A 1 23  ? -13.892 2.396   2.751   1.00 48.18 ? 13  ARG A CD  1 
ATOM   54   N  NE  . ARG A 1 23  ? -15.240 2.934   2.922   1.00 59.57 ? 13  ARG A NE  1 
ATOM   55   C  CZ  . ARG A 1 23  ? -16.368 2.237   2.915   1.00 64.40 ? 13  ARG A CZ  1 
ATOM   56   N  NH1 . ARG A 1 23  ? -17.515 2.881   3.112   1.00 65.21 ? 13  ARG A NH1 1 
ATOM   57   N  NH2 . ARG A 1 23  ? -16.378 0.901   2.709   1.00 78.87 ? 13  ARG A NH2 1 
ATOM   58   N  N   . PRO A 1 24  ? -12.583 -1.421  -1.229  1.00 25.85 ? 14  PRO A N   1 
ATOM   59   C  CA  . PRO A 1 24  ? -12.872 -2.755  -1.732  1.00 26.02 ? 14  PRO A CA  1 
ATOM   60   C  C   . PRO A 1 24  ? -13.954 -3.422  -0.915  1.00 26.28 ? 14  PRO A C   1 
ATOM   61   O  O   . PRO A 1 24  ? -14.237 -2.984  0.200   1.00 29.08 ? 14  PRO A O   1 
ATOM   62   C  CB  . PRO A 1 24  ? -11.542 -3.532  -1.568  1.00 26.40 ? 14  PRO A CB  1 
ATOM   63   C  CG  . PRO A 1 24  ? -10.936 -2.809  -0.398  1.00 26.76 ? 14  PRO A CG  1 
ATOM   64   C  CD  . PRO A 1 24  ? -11.244 -1.360  -0.586  1.00 25.73 ? 14  PRO A CD  1 
ATOM   65   N  N   . GLU A 1 25  ? -14.458 -4.512  -1.463  1.00 25.16 ? 15  GLU A N   1 
ATOM   66   C  CA  . GLU A 1 25  ? -15.376 -5.404  -0.770  1.00 28.49 ? 15  GLU A CA  1 
ATOM   67   C  C   . GLU A 1 25  ? -14.818 -6.785  -0.886  1.00 23.25 ? 15  GLU A C   1 
ATOM   68   O  O   . GLU A 1 25  ? -13.970 -7.070  -1.721  1.00 27.84 ? 15  GLU A O   1 
ATOM   69   C  CB  . GLU A 1 25  ? -16.797 -5.298  -1.409  1.00 30.73 ? 15  GLU A CB  1 
ATOM   70   C  CG  . GLU A 1 25  ? -17.374 -3.863  -1.336  1.00 39.37 ? 15  GLU A CG  1 
ATOM   71   C  CD  . GLU A 1 25  ? -17.718 -3.365  0.113   1.00 53.11 ? 15  GLU A CD  1 
ATOM   72   O  OE1 . GLU A 1 25  ? -17.784 -2.115  0.312   1.00 63.94 ? 15  GLU A OE1 1 
ATOM   73   O  OE2 . GLU A 1 25  ? -17.913 -4.200  1.060   1.00 65.34 ? 15  GLU A OE2 1 
ATOM   74   N  N   . ALA A 1 26  ? -15.327 -7.738  -0.106  1.00 24.97 ? 16  ALA A N   1 
ATOM   75   C  CA  . ALA A 1 26  ? -14.863 -9.128  -0.176  1.00 23.45 ? 16  ALA A CA  1 
ATOM   76   C  C   . ALA A 1 26  ? -14.942 -9.664  -1.617  1.00 26.76 ? 16  ALA A C   1 
ATOM   77   O  O   . ALA A 1 26  ? -14.085 -10.379 -2.059  1.00 25.70 ? 16  ALA A O   1 
ATOM   78   C  CB  . ALA A 1 26  ? -15.653 -10.022 0.756   1.00 27.86 ? 16  ALA A CB  1 
ATOM   79   N  N   . ARG A 1 27  ? -16.022 -9.279  -2.344  1.00 26.73 ? 17  ARG A N   1 
ATOM   80   C  CA  . ARG A 1 27  ? -16.233 -9.789  -3.701  1.00 27.42 ? 17  ARG A CA  1 
ATOM   81   C  C   . ARG A 1 27  ? -15.141 -9.369  -4.679  1.00 28.84 ? 17  ARG A C   1 
ATOM   82   O  O   . ARG A 1 27  ? -15.001 -9.977  -5.775  1.00 28.92 ? 17  ARG A O   1 
ATOM   83   C  CB  . ARG A 1 27  ? -17.632 -9.397  -4.305  1.00 31.07 ? 17  ARG A CB  1 
ATOM   84   C  CG  . ARG A 1 27  ? -17.903 -7.934  -4.400  1.00 37.01 ? 17  ARG A CG  1 
ATOM   85   C  CD  . ARG A 1 27  ? -19.072 -7.397  -5.298  1.00 49.75 ? 17  ARG A CD  1 
ATOM   86   N  NE  . ARG A 1 27  ? -18.576 -6.752  -6.561  1.00 71.01 ? 17  ARG A NE  1 
ATOM   87   C  CZ  . ARG A 1 27  ? -17.810 -5.628  -6.696  1.00 69.94 ? 17  ARG A CZ  1 
ATOM   88   N  NH1 . ARG A 1 27  ? -17.463 -5.223  -7.922  1.00 75.16 ? 17  ARG A NH1 1 
ATOM   89   N  NH2 . ARG A 1 27  ? -17.362 -4.891  -5.653  1.00 52.55 ? 17  ARG A NH2 1 
ATOM   90   N  N   . ASP A 1 28  ? -14.384 -8.303  -4.346  1.00 26.42 ? 18  ASP A N   1 
ATOM   91   C  CA  . ASP A 1 28  ? -13.263 -7.848  -5.184  1.00 27.61 ? 18  ASP A CA  1 
ATOM   92   C  C   . ASP A 1 28  ? -12.007 -8.692  -5.020  1.00 24.29 ? 18  ASP A C   1 
ATOM   93   O  O   . ASP A 1 28  ? -11.016 -8.511  -5.752  1.00 25.19 ? 18  ASP A O   1 
ATOM   94   C  CB  . ASP A 1 28  ? -12.932 -6.416  -4.799  1.00 25.48 ? 18  ASP A CB  1 
ATOM   95   C  CG  . ASP A 1 28  ? -14.014 -5.471  -5.092  1.00 29.36 ? 18  ASP A CG  1 
ATOM   96   O  OD1 . ASP A 1 28  ? -14.569 -5.520  -6.250  1.00 30.88 ? 18  ASP A OD1 1 
ATOM   97   O  OD2 . ASP A 1 28  ? -14.402 -4.731  -4.215  1.00 29.83 ? 18  ASP A OD2 1 
ATOM   98   N  N   . GLY A 1 29  ? -12.004 -9.655  -4.072  1.00 24.38 ? 19  GLY A N   1 
ATOM   99   C  CA  . GLY A 1 29  ? -10.825 -10.422 -3.797  1.00 24.34 ? 19  GLY A CA  1 
ATOM   100  C  C   . GLY A 1 29  ? -10.065 -11.004 -4.958  1.00 25.05 ? 19  GLY A C   1 
ATOM   101  O  O   . GLY A 1 29  ? -8.866  -10.898 -5.102  1.00 23.87 ? 19  GLY A O   1 
ATOM   102  N  N   . THR A 1 30  ? -10.793 -11.737 -5.793  1.00 25.17 ? 20  THR A N   1 
ATOM   103  C  CA  . THR A 1 30  ? -10.184 -12.354 -6.958  1.00 25.73 ? 20  THR A CA  1 
ATOM   104  C  C   . THR A 1 30  ? -9.596  -11.349 -8.018  1.00 24.80 ? 20  THR A C   1 
ATOM   105  O  O   . THR A 1 30  ? -8.451  -11.565 -8.441  1.00 26.49 ? 20  THR A O   1 
ATOM   106  C  CB  . THR A 1 30  ? -11.236 -13.297 -7.614  1.00 27.84 ? 20  THR A CB  1 
ATOM   107  O  OG1 . THR A 1 30  ? -11.178 -14.523 -6.856  1.00 29.00 ? 20  THR A OG1 1 
ATOM   108  C  CG2 . THR A 1 30  ? -10.858 -13.612 -9.113  1.00 32.65 ? 20  THR A CG2 1 
ATOM   109  N  N   . ARG A 1 31  ? -10.306 -10.293 -8.275  1.00 25.11 ? 21  ARG A N   1 
ATOM   110  C  CA  . ARG A 1 31  ? -9.860  -9.308  -9.261  1.00 26.23 ? 21  ARG A CA  1 
ATOM   111  C  C   . ARG A 1 31  ? -8.665  -8.525  -8.692  1.00 24.55 ? 21  ARG A C   1 
ATOM   112  O  O   . ARG A 1 31  ? -7.679  -8.246  -9.409  1.00 26.26 ? 21  ARG A O   1 
ATOM   113  C  CB  . ARG A 1 31  ? -10.946 -8.381  -9.685  1.00 28.63 ? 21  ARG A CB  1 
ATOM   114  C  CG  . ARG A 1 31  ? -11.881 -9.098  -10.645 1.00 35.17 ? 21  ARG A CG  1 
ATOM   115  C  CD  . ARG A 1 31  ? -12.517 -8.078  -11.612 1.00 47.82 ? 21  ARG A CD  1 
ATOM   116  N  NE  . ARG A 1 31  ? -13.292 -7.080  -10.885 1.00 51.04 ? 21  ARG A NE  1 
ATOM   117  C  CZ  . ARG A 1 31  ? -13.527 -5.821  -11.274 1.00 51.44 ? 21  ARG A CZ  1 
ATOM   118  N  NH1 . ARG A 1 31  ? -13.036 -5.308  -12.400 1.00 55.61 ? 21  ARG A NH1 1 
ATOM   119  N  NH2 . ARG A 1 31  ? -14.257 -5.053  -10.508 1.00 61.01 ? 21  ARG A NH2 1 
ATOM   120  N  N   . VAL A 1 32  ? -8.635  -8.333  -7.351  1.00 24.12 ? 22  VAL A N   1 
ATOM   121  C  CA  . VAL A 1 32  ? -7.450  -7.758  -6.716  1.00 23.70 ? 22  VAL A CA  1 
ATOM   122  C  C   . VAL A 1 32  ? -6.284  -8.676  -6.761  1.00 23.32 ? 22  VAL A C   1 
ATOM   123  O  O   . VAL A 1 32  ? -5.181  -8.287  -7.184  1.00 23.49 ? 22  VAL A O   1 
ATOM   124  C  CB  . VAL A 1 32  ? -7.750  -7.311  -5.296  1.00 21.72 ? 22  VAL A CB  1 
ATOM   125  C  CG1 . VAL A 1 32  ? -6.495  -6.944  -4.476  1.00 24.72 ? 22  VAL A CG1 1 
ATOM   126  C  CG2 . VAL A 1 32  ? -8.736  -6.205  -5.240  1.00 22.79 ? 22  VAL A CG2 1 
ATOM   127  N  N   . TRP A 1 33  ? -6.479  -9.962  -6.464  1.00 22.32 ? 23  TRP A N   1 
ATOM   128  C  CA  . TRP A 1 33  ? -5.452  -10.982 -6.541  1.00 20.57 ? 23  TRP A CA  1 
ATOM   129  C  C   . TRP A 1 33  ? -4.824  -11.013 -7.949  1.00 21.78 ? 23  TRP A C   1 
ATOM   130  O  O   . TRP A 1 33  ? -3.585  -11.154 -8.076  1.00 24.32 ? 23  TRP A O   1 
ATOM   131  C  CB  . TRP A 1 33  ? -6.053  -12.360 -6.096  1.00 22.84 ? 23  TRP A CB  1 
ATOM   132  C  CG  . TRP A 1 33  ? -5.104  -13.473 -6.156  1.00 22.15 ? 23  TRP A CG  1 
ATOM   133  C  CD1 . TRP A 1 33  ? -4.239  -13.891 -5.204  1.00 21.55 ? 23  TRP A CD1 1 
ATOM   134  C  CD2 . TRP A 1 33  ? -4.939  -14.413 -7.266  1.00 24.73 ? 23  TRP A CD2 1 
ATOM   135  N  NE1 . TRP A 1 33  ? -3.538  -15.015 -5.613  1.00 24.39 ? 23  TRP A NE1 1 
ATOM   136  C  CE2 . TRP A 1 33  ? -3.965  -15.319 -6.892  1.00 24.11 ? 23  TRP A CE2 1 
ATOM   137  C  CE3 . TRP A 1 33  ? -5.567  -14.551 -8.531  1.00 26.59 ? 23  TRP A CE3 1 
ATOM   138  C  CZ2 . TRP A 1 33  ? -3.558  -16.363 -7.695  1.00 27.69 ? 23  TRP A CZ2 1 
ATOM   139  C  CZ3 . TRP A 1 33  ? -5.173  -15.591 -9.305  1.00 26.67 ? 23  TRP A CZ3 1 
ATOM   140  C  CH2 . TRP A 1 33  ? -4.176  -16.452 -8.925  1.00 27.03 ? 23  TRP A CH2 1 
ATOM   141  N  N   . GLU A 1 34  ? -5.703  -10.956 -8.932  1.00 25.37 ? 24  GLU A N   1 
ATOM   142  C  CA  . GLU A 1 34  ? -5.239  -10.953 -10.337 1.00 26.12 ? 24  GLU A CA  1 
ATOM   143  C  C   . GLU A 1 34  ? -4.344  -9.764  -10.667 1.00 24.63 ? 24  GLU A C   1 
ATOM   144  O  O   . GLU A 1 34  ? -3.269  -9.963  -11.276 1.00 27.53 ? 24  GLU A O   1 
ATOM   145  C  CB  . GLU A 1 34  ? -6.367  -11.017 -11.349 1.00 27.95 ? 24  GLU A CB  1 
ATOM   146  C  CG  . GLU A 1 34  ? -7.095  -12.334 -11.329 1.00 31.56 ? 24  GLU A CG  1 
ATOM   147  C  CD  . GLU A 1 34  ? -8.334  -12.402 -12.159 1.00 33.80 ? 24  GLU A CD  1 
ATOM   148  O  OE1 . GLU A 1 34  ? -9.031  -11.341 -12.403 1.00 36.80 ? 24  GLU A OE1 1 
ATOM   149  O  OE2 . GLU A 1 34  ? -8.663  -13.600 -12.409 1.00 39.12 ? 24  GLU A OE2 1 
ATOM   150  N  N   . LEU A 1 35  ? -4.670  -8.624  -10.096 1.00 25.66 ? 25  LEU A N   1 
ATOM   151  C  CA  . LEU A 1 35  ? -3.822  -7.464  -10.215 1.00 26.67 ? 25  LEU A CA  1 
ATOM   152  C  C   . LEU A 1 35  ? -2.477  -7.638  -9.522  1.00 27.46 ? 25  LEU A C   1 
ATOM   153  O  O   . LEU A 1 35  ? -1.407  -7.372  -10.097 1.00 26.82 ? 25  LEU A O   1 
ATOM   154  C  CB  . LEU A 1 35  ? -4.527  -6.191  -9.778  1.00 24.75 ? 25  LEU A CB  1 
ATOM   155  C  CG  . LEU A 1 35  ? -3.582  -4.964  -9.681  1.00 25.58 ? 25  LEU A CG  1 
ATOM   156  C  CD1 . LEU A 1 35  ? -2.953  -4.613  -11.062 1.00 27.83 ? 25  LEU A CD1 1 
ATOM   157  C  CD2 . LEU A 1 35  ? -4.318  -3.784  -9.073  1.00 28.65 ? 25  LEU A CD2 1 
ATOM   158  N  N   . ILE A 1 36  ? -2.472  -8.185  -8.306  1.00 24.22 ? 26  ILE A N   1 
ATOM   159  C  CA  . ILE A 1 36  ? -1.228  -8.412  -7.595  1.00 25.13 ? 26  ILE A CA  1 
ATOM   160  C  C   . ILE A 1 36  ? -0.378  -9.405  -8.396  1.00 25.82 ? 26  ILE A C   1 
ATOM   161  O  O   . ILE A 1 36  ? 0.847   -9.275  -8.460  1.00 25.12 ? 26  ILE A O   1 
ATOM   162  C  CB  . ILE A 1 36  ? -1.434  -8.931  -6.136  1.00 24.07 ? 26  ILE A CB  1 
ATOM   163  C  CG1 . ILE A 1 36  ? -2.416  -8.001  -5.376  1.00 28.53 ? 26  ILE A CG1 1 
ATOM   164  C  CG2 . ILE A 1 36  ? -0.132  -9.063  -5.396  1.00 25.21 ? 26  ILE A CG2 1 
ATOM   165  C  CD1 . ILE A 1 36  ? -1.974  -6.554  -5.314  1.00 28.34 ? 26  ILE A CD1 1 
ATOM   166  N  N   . ARG A 1 37  ? -1.014  -10.478 -8.883  1.00 26.79 ? 27  ARG A N   1 
ATOM   167  C  CA  A ARG A 1 37  ? -0.276  -11.503 -9.602  0.50 27.60 ? 27  ARG A CA  1 
ATOM   168  C  CA  B ARG A 1 37  ? -0.343  -11.523 -9.656  0.50 29.84 ? 27  ARG A CA  1 
ATOM   169  C  C   . ARG A 1 37  ? 0.409   -10.909 -10.834 1.00 27.26 ? 27  ARG A C   1 
ATOM   170  O  O   . ARG A 1 37  ? 1.536   -11.312 -11.121 1.00 29.43 ? 27  ARG A O   1 
ATOM   171  C  CB  A ARG A 1 37  ? -1.186  -12.666 -10.008 0.50 25.36 ? 27  ARG A CB  1 
ATOM   172  C  CB  B ARG A 1 37  ? -1.372  -12.552 -10.172 0.50 29.49 ? 27  ARG A CB  1 
ATOM   173  C  CG  A ARG A 1 37  ? -0.411  -13.800 -10.694 0.50 24.20 ? 27  ARG A CG  1 
ATOM   174  C  CG  B ARG A 1 37  ? -0.893  -13.393 -11.367 0.50 34.52 ? 27  ARG A CG  1 
ATOM   175  C  CD  A ARG A 1 37  ? -1.249  -14.943 -11.224 0.50 29.14 ? 27  ARG A CD  1 
ATOM   176  C  CD  B ARG A 1 37  ? -1.830  -14.497 -11.799 0.50 35.17 ? 27  ARG A CD  1 
ATOM   177  N  NE  A ARG A 1 37  ? -2.434  -14.531 -11.959 0.50 31.21 ? 27  ARG A NE  1 
ATOM   178  N  NE  B ARG A 1 37  ? -3.046  -14.292 -12.638 0.50 36.59 ? 27  ARG A NE  1 
ATOM   179  C  CZ  A ARG A 1 37  ? -3.389  -15.359 -12.435 0.50 28.70 ? 27  ARG A CZ  1 
ATOM   180  C  CZ  B ARG A 1 37  ? -3.561  -13.208 -13.218 0.50 36.90 ? 27  ARG A CZ  1 
ATOM   181  N  NH1 A ARG A 1 37  ? -3.326  -16.674 -12.259 0.50 30.95 ? 27  ARG A NH1 1 
ATOM   182  N  NH1 B ARG A 1 37  ? -3.060  -11.981 -13.179 0.50 30.19 ? 27  ARG A NH1 1 
ATOM   183  N  NH2 A ARG A 1 37  ? -4.399  -14.826 -13.092 0.50 28.93 ? 27  ARG A NH2 1 
ATOM   184  N  NH2 B ARG A 1 37  ? -4.696  -13.378 -13.854 0.50 39.65 ? 27  ARG A NH2 1 
ATOM   185  N  N   . ASP A 1 38  ? -0.224  -9.984  -11.448 1.00 25.85 ? 28  ASP A N   1 
ATOM   186  C  CA  . ASP A 1 38  ? 0.332   -9.187  -12.616 1.00 30.08 ? 28  ASP A CA  1 
ATOM   187  C  C   . ASP A 1 38  ? 1.372   -8.139  -12.226 1.00 31.58 ? 28  ASP A C   1 
ATOM   188  O  O   . ASP A 1 38  ? 1.959   -7.470  -13.117 1.00 30.82 ? 28  ASP A O   1 
ATOM   189  C  CB  . ASP A 1 38  ? -0.762  -8.457  -13.342 1.00 33.03 ? 28  ASP A CB  1 
ATOM   190  C  CG  . ASP A 1 38  ? -1.698  -9.367  -14.121 1.00 37.74 ? 28  ASP A CG  1 
ATOM   191  O  OD1 . ASP A 1 38  ? -1.396  -10.547 -14.233 1.00 42.65 ? 28  ASP A OD1 1 
ATOM   192  O  OD2 . ASP A 1 38  ? -2.770  -8.897  -14.525 1.00 45.39 ? 28  ASP A OD2 1 
ATOM   193  N  N   . THR A 1 39  ? 1.644   -7.950  -10.925 1.00 27.42 ? 29  THR A N   1 
ATOM   194  C  CA  . THR A 1 39  ? 2.524   -6.887  -10.409 1.00 28.96 ? 29  THR A CA  1 
ATOM   195  C  C   . THR A 1 39  ? 3.705   -7.644  -9.797  1.00 30.86 ? 29  THR A C   1 
ATOM   196  O  O   . THR A 1 39  ? 3.773   -7.984  -8.588  1.00 30.02 ? 29  THR A O   1 
ATOM   197  C  CB  . THR A 1 39  ? 1.804   -6.062  -9.355  1.00 28.09 ? 29  THR A CB  1 
ATOM   198  O  OG1 . THR A 1 39  ? 0.610   -5.536  -9.885  1.00 27.50 ? 29  THR A OG1 1 
ATOM   199  C  CG2 . THR A 1 39  ? 2.628   -4.881  -8.907  1.00 30.32 ? 29  THR A CG2 1 
ATOM   200  N  N   . GLY A 1 40  ? 4.669   -7.954  -10.640 1.00 33.49 ? 30  GLY A N   1 
ATOM   201  C  CA  . GLY A 1 40  ? 5.732   -8.862  -10.212 1.00 33.71 ? 30  GLY A CA  1 
ATOM   202  C  C   . GLY A 1 40  ? 6.675   -8.324  -9.127  1.00 30.61 ? 30  GLY A C   1 
ATOM   203  O  O   . GLY A 1 40  ? 7.378   -9.070  -8.514  1.00 34.74 ? 30  GLY A O   1 
ATOM   204  N  N   . SER A 1 41  ? 6.663   -7.040  -8.891  1.00 28.26 ? 31  SER A N   1 
ATOM   205  C  CA  . SER A 1 41  ? 7.390   -6.452  -7.759  1.00 29.68 ? 31  SER A CA  1 
ATOM   206  C  C   . SER A 1 41  ? 6.824   -6.865  -6.391  1.00 28.79 ? 31  SER A C   1 
ATOM   207  O  O   . SER A 1 41  ? 7.504   -6.744  -5.405  1.00 29.46 ? 31  SER A O   1 
ATOM   208  C  CB  . SER A 1 41  ? 7.397   -4.920  -7.825  1.00 34.60 ? 31  SER A CB  1 
ATOM   209  O  OG  . SER A 1 41  ? 6.088   -4.350  -7.840  1.00 40.27 ? 31  SER A OG  1 
ATOM   210  N  N   . LEU A 1 42  ? 5.576   -7.302  -6.385  1.00 25.99 ? 32  LEU A N   1 
ATOM   211  C  CA  . LEU A 1 42  ? 4.928   -7.625  -5.135  1.00 24.07 ? 32  LEU A CA  1 
ATOM   212  C  C   . LEU A 1 42  ? 4.961   -9.162  -4.878  1.00 24.79 ? 32  LEU A C   1 
ATOM   213  O  O   . LEU A 1 42  ? 4.982   -9.973  -5.809  1.00 26.04 ? 32  LEU A O   1 
ATOM   214  C  CB  . LEU A 1 42  ? 3.450   -7.144  -5.134  1.00 23.69 ? 32  LEU A CB  1 
ATOM   215  C  CG  . LEU A 1 42  ? 3.236   -5.627  -5.177  1.00 25.12 ? 32  LEU A CG  1 
ATOM   216  C  CD1 . LEU A 1 42  ? 1.769   -5.362  -5.352  1.00 25.27 ? 32  LEU A CD1 1 
ATOM   217  C  CD2 . LEU A 1 42  ? 3.784   -4.991  -3.920  1.00 25.08 ? 32  LEU A CD2 1 
ATOM   218  N  N   . ASP A 1 43  ? 4.873   -9.530  -3.594  1.00 22.99 ? 33  ASP A N   1 
ATOM   219  C  CA  . ASP A 1 43  ? 4.710   -10.911 -3.163  1.00 24.01 ? 33  ASP A CA  1 
ATOM   220  C  C   . ASP A 1 43  ? 3.261   -11.345 -3.133  1.00 24.52 ? 33  ASP A C   1 
ATOM   221  O  O   . ASP A 1 43  ? 2.398   -10.681 -2.515  1.00 26.16 ? 33  ASP A O   1 
ATOM   222  C  CB  . ASP A 1 43  ? 5.315   -11.105 -1.801  1.00 27.42 ? 33  ASP A CB  1 
ATOM   223  C  CG  . ASP A 1 43  ? 6.807   -10.815 -1.775  1.00 29.94 ? 33  ASP A CG  1 
ATOM   224  O  OD1 . ASP A 1 43  ? 7.501   -11.070 -2.805  1.00 34.04 ? 33  ASP A OD1 1 
ATOM   225  O  OD2 . ASP A 1 43  ? 7.247   -10.243 -0.790  1.00 26.71 ? 33  ASP A OD2 1 
ATOM   226  N  N   . LEU A 1 44  ? 2.866   -12.345 -3.916  1.00 23.31 ? 34  LEU A N   1 
ATOM   227  C  CA  . LEU A 1 44  ? 1.487   -12.655 -4.055  1.00 22.81 ? 34  LEU A CA  1 
ATOM   228  C  C   . LEU A 1 44  ? 0.983   -13.471 -2.822  1.00 23.42 ? 34  LEU A C   1 
ATOM   229  O  O   . LEU A 1 44  ? 1.514   -14.493 -2.454  1.00 25.14 ? 34  LEU A O   1 
ATOM   230  C  CB  . LEU A 1 44  ? 1.311   -13.495 -5.352  1.00 25.30 ? 34  LEU A CB  1 
ATOM   231  C  CG  . LEU A 1 44  ? -0.089  -13.876 -5.726  1.00 24.42 ? 34  LEU A CG  1 
ATOM   232  C  CD1 . LEU A 1 44  ? -0.978  -12.710 -5.983  1.00 24.21 ? 34  LEU A CD1 1 
ATOM   233  C  CD2 . LEU A 1 44  ? -0.043  -14.818 -6.958  1.00 26.50 ? 34  LEU A CD2 1 
ATOM   234  N  N   . ASN A 1 45  ? -0.095  -12.958 -2.213  1.00 21.91 ? 35  ASN A N   1 
ATOM   235  C  CA  . ASN A 1 45  ? -0.795  -13.699 -1.172  1.00 22.57 ? 35  ASN A CA  1 
ATOM   236  C  C   . ASN A 1 45  ? -1.935  -14.522 -1.786  1.00 22.15 ? 35  ASN A C   1 
ATOM   237  O  O   . ASN A 1 45  ? -2.197  -14.475 -2.983  1.00 23.01 ? 35  ASN A O   1 
ATOM   238  C  CB  . ASN A 1 45  ? -1.258  -12.753 -0.067  1.00 22.41 ? 35  ASN A CB  1 
ATOM   239  C  CG  . ASN A 1 45  ? -0.080  -12.030 0.539   1.00 22.06 ? 35  ASN A CG  1 
ATOM   240  O  OD1 . ASN A 1 45  ? 0.135   -10.777 0.283   1.00 27.48 ? 35  ASN A OD1 1 
ATOM   241  N  ND2 . ASN A 1 45  ? 0.694   -12.709 1.200   1.00 19.28 ? 35  ASN A ND2 1 
ATOM   242  N  N   . SER A 1 46  ? -2.597  -15.309 -0.944  1.00 21.34 ? 36  SER A N   1 
ATOM   243  C  CA  . SER A 1 46  ? -3.758  -16.098 -1.411  1.00 22.24 ? 36  SER A CA  1 
ATOM   244  C  C   . SER A 1 46  ? -4.866  -15.216 -1.809  1.00 21.53 ? 36  SER A C   1 
ATOM   245  O  O   . SER A 1 46  ? -5.090  -14.125 -1.288  1.00 21.67 ? 36  SER A O   1 
ATOM   246  C  CB  . SER A 1 46  ? -4.218  -17.096 -0.296  1.00 22.42 ? 36  SER A CB  1 
ATOM   247  O  OG  . SER A 1 46  ? -4.767  -16.397 0.782   1.00 21.81 ? 36  SER A OG  1 
ATOM   248  N  N   . PRO A 1 47  ? -5.772  -15.715 -2.710  1.00 21.14 ? 37  PRO A N   1 
ATOM   249  C  CA  . PRO A 1 47  ? -6.982  -15.014 -2.991  1.00 21.75 ? 37  PRO A CA  1 
ATOM   250  C  C   . PRO A 1 47  ? -7.822  -14.696 -1.747  1.00 21.43 ? 37  PRO A C   1 
ATOM   251  O  O   . PRO A 1 47  ? -8.361  -13.628 -1.561  1.00 23.00 ? 37  PRO A O   1 
ATOM   252  C  CB  . PRO A 1 47  ? -7.722  -15.952 -4.000  1.00 23.96 ? 37  PRO A CB  1 
ATOM   253  C  CG  . PRO A 1 47  ? -6.633  -16.689 -4.652  1.00 24.46 ? 37  PRO A CG  1 
ATOM   254  C  CD  . PRO A 1 47  ? -5.598  -16.892 -3.586  1.00 24.23 ? 37  PRO A CD  1 
ATOM   255  N  N   . TYR A 1 48  ? -7.875  -15.697 -0.847  1.00 21.71 ? 38  TYR A N   1 
ATOM   256  C  CA  . TYR A 1 48  ? -8.591  -15.525 0.433   1.00 21.90 ? 38  TYR A CA  1 
ATOM   257  C  C   . TYR A 1 48  ? -8.114  -14.302 1.230   1.00 21.27 ? 38  TYR A C   1 
ATOM   258  O  O   . TYR A 1 48  ? -8.931  -13.553 1.789   1.00 21.31 ? 38  TYR A O   1 
ATOM   259  C  CB  . TYR A 1 48  ? -8.461  -16.813 1.228   1.00 20.63 ? 38  TYR A CB  1 
ATOM   260  C  CG  . TYR A 1 48  ? -9.258  -16.834 2.501   1.00 21.47 ? 38  TYR A CG  1 
ATOM   261  C  CD1 . TYR A 1 48  ? -8.829  -16.245 3.668   1.00 23.06 ? 38  TYR A CD1 1 
ATOM   262  C  CD2 . TYR A 1 48  ? -10.483 -17.478 2.547   1.00 22.79 ? 38  TYR A CD2 1 
ATOM   263  C  CE1 . TYR A 1 48  ? -9.554  -16.353 4.825   1.00 23.42 ? 38  TYR A CE1 1 
ATOM   264  C  CE2 . TYR A 1 48  ? -11.215 -17.596 3.720   1.00 23.80 ? 38  TYR A CE2 1 
ATOM   265  C  CZ  . TYR A 1 48  ? -10.716 -16.989 4.875   1.00 23.02 ? 38  TYR A CZ  1 
ATOM   266  O  OH  . TYR A 1 48  ? -11.421 -17.055 6.059   1.00 21.83 ? 38  TYR A OH  1 
ATOM   267  N  N   . CYS A 1 49  ? -6.799  -14.085 1.255   1.00 20.44 ? 39  CYS A N   1 
ATOM   268  C  CA  . CYS A 1 49  ? -6.210  -12.865 1.907   1.00 19.53 ? 39  CYS A CA  1 
ATOM   269  C  C   . CYS A 1 49  ? -6.861  -11.618 1.383   1.00 20.98 ? 39  CYS A C   1 
ATOM   270  O  O   . CYS A 1 49  ? -7.305  -10.733 2.132   1.00 20.70 ? 39  CYS A O   1 
ATOM   271  C  CB  . CYS A 1 49  ? -4.720  -12.882 1.605   1.00 19.77 ? 39  CYS A CB  1 
ATOM   272  S  SG  . CYS A 1 49  ? -3.855  -11.459 2.395   1.00 23.15 ? 39  CYS A SG  1 
ATOM   273  N  N   . TYR A 1 50  ? -6.985  -11.491 0.076   1.00 20.59 ? 40  TYR A N   1 
ATOM   274  C  CA  . TYR A 1 50  ? -7.593  -10.280 -0.473  1.00 20.72 ? 40  TYR A CA  1 
ATOM   275  C  C   . TYR A 1 50  ? -9.101  -10.153 -0.241  1.00 19.71 ? 40  TYR A C   1 
ATOM   276  O  O   . TYR A 1 50  ? -9.607  -8.995  -0.134  1.00 21.94 ? 40  TYR A O   1 
ATOM   277  C  CB  . TYR A 1 50  ? -7.218  -10.097 -2.009  1.00 22.77 ? 40  TYR A CB  1 
ATOM   278  C  CG  . TYR A 1 50  ? -5.702  -10.047 -2.198  1.00 20.43 ? 40  TYR A CG  1 
ATOM   279  C  CD1 . TYR A 1 50  ? -4.978  -8.930  -1.775  1.00 20.87 ? 40  TYR A CD1 1 
ATOM   280  C  CD2 . TYR A 1 50  ? -4.988  -11.154 -2.570  1.00 21.46 ? 40  TYR A CD2 1 
ATOM   281  C  CE1 . TYR A 1 50  ? -3.610  -8.920  -1.817  1.00 22.37 ? 40  TYR A CE1 1 
ATOM   282  C  CE2 . TYR A 1 50  ? -3.593  -11.137 -2.631  1.00 21.26 ? 40  TYR A CE2 1 
ATOM   283  C  CZ  . TYR A 1 50  ? -2.924  -10.003 -2.231  1.00 22.59 ? 40  TYR A CZ  1 
ATOM   284  O  OH  . TYR A 1 50  ? -1.532  -9.971  -2.227  1.00 22.44 ? 40  TYR A OH  1 
ATOM   285  N  N   . MET A 1 51  ? -9.789  -11.307 -0.186  1.00 22.15 ? 41  MET A N   1 
ATOM   286  C  CA  . MET A 1 51  ? -11.188 -11.305 0.268   1.00 21.49 ? 41  MET A CA  1 
ATOM   287  C  C   . MET A 1 51  ? -11.289 -10.756 1.672   1.00 22.96 ? 41  MET A C   1 
ATOM   288  O  O   . MET A 1 51  ? -12.141 -9.930  1.922   1.00 22.74 ? 41  MET A O   1 
ATOM   289  C  CB  . MET A 1 51  ? -11.802 -12.679 0.130   1.00 23.09 ? 41  MET A CB  1 
ATOM   290  C  CG  . MET A 1 51  ? -11.826 -13.173 -1.249  1.00 23.95 ? 41  MET A CG  1 
ATOM   291  S  SD  . MET A 1 51  ? -12.418 -14.907 -1.230  1.00 26.51 ? 41  MET A SD  1 
ATOM   292  C  CE  . MET A 1 51  ? -12.012 -15.344 -2.922  1.00 26.57 ? 41  MET A CE  1 
ATOM   293  N  N   . LEU A 1 52  ? -10.420 -11.231 2.568   1.00 22.36 ? 42  LEU A N   1 
ATOM   294  C  CA  . LEU A 1 52  ? -10.392 -10.728 3.932   1.00 23.60 ? 42  LEU A CA  1 
ATOM   295  C  C   . LEU A 1 52  ? -10.148 -9.243  4.054   1.00 23.24 ? 42  LEU A C   1 
ATOM   296  O  O   . LEU A 1 52  ? -10.745 -8.513  4.883   1.00 24.37 ? 42  LEU A O   1 
ATOM   297  C  CB  . LEU A 1 52  ? -9.339  -11.447 4.795   1.00 25.69 ? 42  LEU A CB  1 
ATOM   298  C  CG  . LEU A 1 52  ? -9.509  -12.786 5.304   1.00 30.62 ? 42  LEU A CG  1 
ATOM   299  C  CD1 . LEU A 1 52  ? -8.358  -12.996 6.325   1.00 26.48 ? 42  LEU A CD1 1 
ATOM   300  C  CD2 . LEU A 1 52  ? -10.863 -13.016 5.982   1.00 29.82 ? 42  LEU A CD2 1 
ATOM   301  N  N   . LEU A 1 53  ? -9.182  -8.742  3.275   1.00 20.98 ? 43  LEU A N   1 
ATOM   302  C  CA  . LEU A 1 53  ? -8.902  -7.320  3.241   1.00 20.66 ? 43  LEU A CA  1 
ATOM   303  C  C   . LEU A 1 53  ? -10.079 -6.527  2.853   1.00 22.50 ? 43  LEU A C   1 
ATOM   304  O  O   . LEU A 1 53  ? -10.432 -5.570  3.524   1.00 23.71 ? 43  LEU A O   1 
ATOM   305  C  CB  . LEU A 1 53  ? -7.675  -6.993  2.408   1.00 22.20 ? 43  LEU A CB  1 
ATOM   306  C  CG  . LEU A 1 53  ? -6.343  -7.524  2.936   1.00 23.05 ? 43  LEU A CG  1 
ATOM   307  C  CD1 . LEU A 1 53  ? -5.250  -7.414  1.878   1.00 24.20 ? 43  LEU A CD1 1 
ATOM   308  C  CD2 . LEU A 1 53  ? -5.936  -6.661  4.123   1.00 22.92 ? 43  LEU A CD2 1 
ATOM   309  N  N   . GLY A 1 54  ? -10.794 -6.983  1.827   1.00 22.80 ? 44  GLY A N   1 
ATOM   310  C  CA  . GLY A 1 54  ? -11.999 -6.233  1.474   1.00 23.82 ? 44  GLY A CA  1 
ATOM   311  C  C   . GLY A 1 54  ? -13.161 -6.388  2.449   1.00 25.12 ? 44  GLY A C   1 
ATOM   312  O  O   . GLY A 1 54  ? -13.976 -5.492  2.532   1.00 26.29 ? 44  GLY A O   1 
ATOM   313  N  N   . ASP A 1 55  ? -13.255 -7.486  3.188   1.00 22.96 ? 45  ASP A N   1 
ATOM   314  C  CA  . ASP A 1 55  ? -14.360 -7.722  4.129   1.00 23.08 ? 45  ASP A CA  1 
ATOM   315  C  C   . ASP A 1 55  ? -14.082 -6.978  5.444   1.00 27.70 ? 45  ASP A C   1 
ATOM   316  O  O   . ASP A 1 55  ? -14.961 -6.314  5.978   1.00 27.95 ? 45  ASP A O   1 
ATOM   317  C  CB  . ASP A 1 55  ? -14.425 -9.193  4.385   1.00 25.24 ? 45  ASP A CB  1 
ATOM   318  C  CG  . ASP A 1 55  ? -15.804 -9.701  4.792   1.00 31.65 ? 45  ASP A CG  1 
ATOM   319  O  OD1 . ASP A 1 55  ? -16.703 -8.882  4.909   1.00 39.30 ? 45  ASP A OD1 1 
ATOM   320  O  OD2 . ASP A 1 55  ? -15.979 -10.932 4.819   1.00 30.70 ? 45  ASP A OD2 1 
ATOM   321  N  N   . TYR A 1 56  ? -12.854 -7.112  6.000   1.00 21.78 ? 46  TYR A N   1 
ATOM   322  C  CA  . TYR A 1 56  ? -12.556 -6.591  7.315   1.00 20.23 ? 46  TYR A CA  1 
ATOM   323  C  C   . TYR A 1 56  ? -11.724 -5.309  7.392   1.00 21.59 ? 46  TYR A C   1 
ATOM   324  O  O   . TYR A 1 56  ? -11.768 -4.582  8.406   1.00 22.19 ? 46  TYR A O   1 
ATOM   325  C  CB  . TYR A 1 56  ? -11.858 -7.687  8.167   1.00 20.71 ? 46  TYR A CB  1 
ATOM   326  C  CG  . TYR A 1 56  ? -12.773 -8.896  8.473   1.00 22.45 ? 46  TYR A CG  1 
ATOM   327  C  CD1 . TYR A 1 56  ? -13.678 -8.845  9.521   1.00 23.59 ? 46  TYR A CD1 1 
ATOM   328  C  CD2 . TYR A 1 56  ? -12.825 -9.970  7.629   1.00 21.54 ? 46  TYR A CD2 1 
ATOM   329  C  CE1 . TYR A 1 56  ? -14.524 -9.876  9.781   1.00 23.88 ? 46  TYR A CE1 1 
ATOM   330  C  CE2 . TYR A 1 56  ? -13.660 -11.041 7.880   1.00 22.86 ? 46  TYR A CE2 1 
ATOM   331  C  CZ  . TYR A 1 56  ? -14.577 -10.927 8.905   1.00 24.08 ? 46  TYR A CZ  1 
ATOM   332  O  OH  . TYR A 1 56  ? -15.403 -12.027 9.075   1.00 26.36 ? 46  TYR A OH  1 
ATOM   333  N  N   . PHE A 1 57  ? -10.883 -5.108  6.396   1.00 21.79 ? 47  PHE A N   1 
ATOM   334  C  CA  . PHE A 1 57  ? -9.944  -3.957  6.391   1.00 21.57 ? 47  PHE A CA  1 
ATOM   335  C  C   . PHE A 1 57  ? -10.256 -2.931  5.360   1.00 22.80 ? 47  PHE A C   1 
ATOM   336  O  O   . PHE A 1 57  ? -9.435  -2.086  4.971   1.00 22.44 ? 47  PHE A O   1 
ATOM   337  C  CB  . PHE A 1 57  ? -8.485  -4.458  6.225   1.00 20.81 ? 47  PHE A CB  1 
ATOM   338  C  CG  . PHE A 1 57  ? -8.018  -5.295  7.331   1.00 20.73 ? 47  PHE A CG  1 
ATOM   339  C  CD1 . PHE A 1 57  ? -8.165  -6.690  7.391   1.00 21.63 ? 47  PHE A CD1 1 
ATOM   340  C  CD2 . PHE A 1 57  ? -7.396  -4.661  8.384   1.00 19.56 ? 47  PHE A CD2 1 
ATOM   341  C  CE1 . PHE A 1 57  ? -7.748  -7.435  8.473   1.00 22.34 ? 47  PHE A CE1 1 
ATOM   342  C  CE2 . PHE A 1 57  ? -6.942  -5.396  9.481   1.00 21.16 ? 47  PHE A CE2 1 
ATOM   343  C  CZ  . PHE A 1 57  ? -7.088  -6.775  9.521   1.00 21.53 ? 47  PHE A CZ  1 
ATOM   344  N  N   . ASN A 1 58  ? -11.536 -2.858  4.900   1.00 22.28 ? 48  ASN A N   1 
ATOM   345  C  CA  A ASN A 1 58  ? -11.853 -2.022  3.791   0.57 25.02 ? 48  ASN A CA  1 
ATOM   346  C  CA  B ASN A 1 58  ? -11.825 -1.997  3.785   0.43 24.24 ? 48  ASN A CA  1 
ATOM   347  C  C   . ASN A 1 58  ? -11.766 -0.541  4.095   1.00 23.99 ? 48  ASN A C   1 
ATOM   348  O  O   . ASN A 1 58  ? -11.562 0.229   3.165   1.00 25.53 ? 48  ASN A O   1 
ATOM   349  C  CB  A ASN A 1 58  ? -13.178 -2.496  3.166   0.57 26.92 ? 48  ASN A CB  1 
ATOM   350  C  CB  B ASN A 1 58  ? -13.105 -2.333  3.035   0.43 25.77 ? 48  ASN A CB  1 
ATOM   351  C  CG  A ASN A 1 58  ? -14.409 -1.727  3.568   0.57 31.19 ? 48  ASN A CG  1 
ATOM   352  C  CG  B ASN A 1 58  ? -14.305 -2.612  3.901   0.43 25.72 ? 48  ASN A CG  1 
ATOM   353  O  OD1 A ASN A 1 58  ? -15.330 -1.609  2.728   0.57 42.54 ? 48  ASN A OD1 1 
ATOM   354  O  OD1 B ASN A 1 58  ? -15.342 -2.954  3.337   0.43 34.32 ? 48  ASN A OD1 1 
ATOM   355  N  ND2 A ASN A 1 58  ? -14.535 -1.355  4.772   0.57 26.05 ? 48  ASN A ND2 1 
ATOM   356  N  ND2 B ASN A 1 58  ? -14.245 -2.436  5.159   0.43 28.70 ? 48  ASN A ND2 1 
ATOM   357  N  N   . ASP A 1 59  ? -11.813 -0.141  5.385   1.00 23.49 ? 49  ASP A N   1 
ATOM   358  C  CA  . ASP A 1 59  ? -11.643 1.251   5.718   1.00 24.81 ? 49  ASP A CA  1 
ATOM   359  C  C   . ASP A 1 59  ? -10.214 1.810   5.495   1.00 24.50 ? 49  ASP A C   1 
ATOM   360  O  O   . ASP A 1 59  ? -9.955  3.010   5.477   1.00 28.02 ? 49  ASP A O   1 
ATOM   361  C  CB  . ASP A 1 59  ? -12.030 1.510   7.138   1.00 28.23 ? 49  ASP A CB  1 
ATOM   362  C  CG  . ASP A 1 59  ? -13.509 1.231   7.426   1.00 38.12 ? 49  ASP A CG  1 
ATOM   363  O  OD1 . ASP A 1 59  ? -14.296 1.749   6.640   1.00 38.72 ? 49  ASP A OD1 1 
ATOM   364  O  OD2 . ASP A 1 59  ? -13.770 0.422   8.358   1.00 44.54 ? 49  ASP A OD2 1 
ATOM   365  N  N   . THR A 1 60  ? -9.260  0.866   5.388   1.00 22.62 ? 50  THR A N   1 
ATOM   366  C  CA  . THR A 1 60  ? -7.882  1.253   5.170   1.00 23.77 ? 50  THR A CA  1 
ATOM   367  C  C   . THR A 1 60  ? -7.331  0.631   3.906   1.00 24.04 ? 50  THR A C   1 
ATOM   368  O  O   . THR A 1 60  ? -6.071  0.483   3.738   1.00 23.79 ? 50  THR A O   1 
ATOM   369  C  CB  . THR A 1 60  ? -6.981  0.796   6.363   1.00 22.12 ? 50  THR A CB  1 
ATOM   370  O  OG1 . THR A 1 60  ? -7.244  -0.570  6.640   1.00 21.25 ? 50  THR A OG1 1 
ATOM   371  C  CG2 . THR A 1 60  ? -7.249  1.684   7.576   1.00 26.61 ? 50  THR A CG2 1 
ATOM   372  N  N   . CYS A 1 61  ? -8.161  0.268   2.965   1.00 21.37 ? 51  CYS A N   1 
ATOM   373  C  CA  . CYS A 1 61  ? -7.733  -0.150  1.645   1.00 23.31 ? 51  CYS A CA  1 
ATOM   374  C  C   . CYS A 1 61  ? -8.456  0.659   0.528   1.00 26.19 ? 51  CYS A C   1 
ATOM   375  O  O   . CYS A 1 61  ? -9.460  1.312   0.777   1.00 24.70 ? 51  CYS A O   1 
ATOM   376  C  CB  . CYS A 1 61  ? -8.001  -1.637  1.405   1.00 24.47 ? 51  CYS A CB  1 
ATOM   377  S  SG  . CYS A 1 61  ? -7.204  -2.784  2.536   1.00 23.15 ? 51  CYS A SG  1 
ATOM   378  N  N   . MET A 1 62  ? -7.914  0.615   -0.653  1.00 22.55 ? 52  MET A N   1 
ATOM   379  C  CA  A MET A 1 62  ? -8.543  1.337   -1.801  0.70 26.01 ? 52  MET A CA  1 
ATOM   380  C  CA  B MET A 1 62  ? -8.409  1.443   -1.787  0.30 24.65 ? 52  MET A CA  1 
ATOM   381  C  C   . MET A 1 62  ? -8.359  0.618   -3.071  1.00 22.33 ? 52  MET A C   1 
ATOM   382  O  O   . MET A 1 62  ? -7.334  -0.033  -3.325  1.00 23.58 ? 52  MET A O   1 
ATOM   383  C  CB  A MET A 1 62  ? -7.962  2.751   -1.981  0.70 28.33 ? 52  MET A CB  1 
ATOM   384  C  CB  B MET A 1 62  ? -7.474  2.678   -1.858  0.30 25.97 ? 52  MET A CB  1 
ATOM   385  C  CG  A MET A 1 62  ? -8.865  3.684   -2.839  0.70 34.34 ? 52  MET A CG  1 
ATOM   386  C  CG  B MET A 1 62  ? -7.727  3.805   -2.861  0.30 27.67 ? 52  MET A CG  1 
ATOM   387  S  SD  A MET A 1 62  ? -10.215 4.279   -1.886  0.70 40.50 ? 52  MET A SD  1 
ATOM   388  S  SD  B MET A 1 62  ? -9.046  4.994   -2.443  0.30 34.12 ? 52  MET A SD  1 
ATOM   389  C  CE  A MET A 1 62  ? -9.338  5.105   -0.600  0.70 32.65 ? 52  MET A CE  1 
ATOM   390  C  CE  B MET A 1 62  ? -8.512  6.567   -3.114  0.30 35.21 ? 52  MET A CE  1 
ATOM   391  N  N   . ILE A 1 63  ? -9.373  0.755   -3.915  1.00 25.50 ? 53  ILE A N   1 
ATOM   392  C  CA  . ILE A 1 63  ? -9.342  0.272   -5.298  1.00 24.76 ? 53  ILE A CA  1 
ATOM   393  C  C   . ILE A 1 63  ? -9.495  1.487   -6.239  1.00 27.75 ? 53  ILE A C   1 
ATOM   394  O  O   . ILE A 1 63  ? -10.222 2.449   -5.930  1.00 28.97 ? 53  ILE A O   1 
ATOM   395  C  CB  . ILE A 1 63  ? -10.506 -0.709  -5.548  1.00 29.02 ? 53  ILE A CB  1 
ATOM   396  C  CG1 . ILE A 1 63  ? -10.083 -2.092  -5.116  1.00 30.06 ? 53  ILE A CG1 1 
ATOM   397  C  CG2 . ILE A 1 63  ? -10.935 -0.756  -7.024  1.00 34.23 ? 53  ILE A CG2 1 
ATOM   398  C  CD1 . ILE A 1 63  ? -11.237 -3.114  -5.118  1.00 32.19 ? 53  ILE A CD1 1 
ATOM   399  N  N   . ALA A 1 64  ? -8.758  1.417   -7.318  1.00 26.24 ? 54  ALA A N   1 
ATOM   400  C  CA  . ALA A 1 64  ? -8.924  2.307   -8.486  1.00 27.62 ? 54  ALA A CA  1 
ATOM   401  C  C   . ALA A 1 64  ? -9.427  1.508   -9.632  1.00 28.72 ? 54  ALA A C   1 
ATOM   402  O  O   . ALA A 1 64  ? -8.899  0.441   -9.948  1.00 29.66 ? 54  ALA A O   1 
ATOM   403  C  CB  . ALA A 1 64  ? -7.554  2.938   -8.830  1.00 27.57 ? 54  ALA A CB  1 
ATOM   404  N  N   . GLU A 1 65  ? -10.442 2.033   -10.329 1.00 28.52 ? 55  GLU A N   1 
ATOM   405  C  CA  . GLU A 1 65  ? -11.073 1.351   -11.450 1.00 35.01 ? 55  GLU A CA  1 
ATOM   406  C  C   . GLU A 1 65  ? -11.194 2.302   -12.643 1.00 34.63 ? 55  GLU A C   1 
ATOM   407  O  O   . GLU A 1 65  ? -11.385 3.509   -12.461 1.00 34.23 ? 55  GLU A O   1 
ATOM   408  C  CB  . GLU A 1 65  ? -12.466 0.901   -11.102 1.00 37.66 ? 55  GLU A CB  1 
ATOM   409  C  CG  . GLU A 1 65  ? -12.465 -0.415  -10.396 1.00 41.72 ? 55  GLU A CG  1 
ATOM   410  C  CD  . GLU A 1 65  ? -13.843 -0.808  -9.817  1.00 42.88 ? 55  GLU A CD  1 
ATOM   411  O  OE1 . GLU A 1 65  ? -14.536 0.043   -9.254  1.00 43.74 ? 55  GLU A OE1 1 
ATOM   412  O  OE2 . GLU A 1 65  ? -14.177 -2.012  -9.876  1.00 44.10 ? 55  GLU A OE2 1 
ATOM   413  N  N   . HIS A 1 66  ? -10.998 1.726   -13.802 1.00 36.93 ? 56  HIS A N   1 
ATOM   414  C  CA  . HIS A 1 66  ? -11.113 2.480   -15.080 1.00 44.20 ? 56  HIS A CA  1 
ATOM   415  C  C   . HIS A 1 66  ? -11.669 1.516   -16.124 1.00 42.38 ? 56  HIS A C   1 
ATOM   416  O  O   . HIS A 1 66  ? -11.105 0.455   -16.353 1.00 40.63 ? 56  HIS A O   1 
ATOM   417  C  CB  . HIS A 1 66  ? -9.773  3.043   -15.537 1.00 43.87 ? 56  HIS A CB  1 
ATOM   418  C  CG  . HIS A 1 66  ? -9.894  3.961   -16.723 1.00 46.39 ? 56  HIS A CG  1 
ATOM   419  N  ND1 . HIS A 1 66  ? -9.323  3.683   -17.944 1.00 55.66 ? 56  HIS A ND1 1 
ATOM   420  C  CD2 . HIS A 1 66  ? -10.575 5.119   -16.881 1.00 52.85 ? 56  HIS A CD2 1 
ATOM   421  C  CE1 . HIS A 1 66  ? -9.604  4.659   -18.794 1.00 55.64 ? 56  HIS A CE1 1 
ATOM   422  N  NE2 . HIS A 1 66  ? -10.363 5.542   -18.173 1.00 57.49 ? 56  HIS A NE2 1 
ATOM   423  N  N   . GLU A 1 67  ? -12.777 1.925   -16.758 1.00 51.97 ? 57  GLU A N   1 
ATOM   424  C  CA  . GLU A 1 67  ? -13.428 1.158   -17.847 1.00 57.91 ? 57  GLU A CA  1 
ATOM   425  C  C   . GLU A 1 67  ? -13.639 -0.286  -17.420 1.00 57.33 ? 57  GLU A C   1 
ATOM   426  O  O   . GLU A 1 67  ? -13.178 -1.211  -18.097 1.00 52.84 ? 57  GLU A O   1 
ATOM   427  C  CB  . GLU A 1 67  ? -12.580 1.225   -19.126 1.00 63.39 ? 57  GLU A CB  1 
ATOM   428  C  CG  . GLU A 1 67  ? -12.735 2.554   -19.870 1.00 74.16 ? 57  GLU A CG  1 
ATOM   429  C  CD  . GLU A 1 67  ? -11.725 2.761   -21.002 1.00 83.00 ? 57  GLU A CD  1 
ATOM   430  O  OE1 . GLU A 1 67  ? -10.840 1.901   -21.241 1.00 84.94 ? 57  GLU A OE1 1 
ATOM   431  O  OE2 . GLU A 1 67  ? -11.808 3.821   -21.655 1.00 89.93 ? 57  GLU A OE2 1 
ATOM   432  N  N   . GLY A 1 68  ? -14.254 -0.462  -16.253 1.00 54.19 ? 58  GLY A N   1 
ATOM   433  C  CA  . GLY A 1 68  ? -14.516 -1.793  -15.710 1.00 56.54 ? 58  GLY A CA  1 
ATOM   434  C  C   . GLY A 1 68  ? -13.381 -2.401  -14.896 1.00 57.24 ? 58  GLY A C   1 
ATOM   435  O  O   . GLY A 1 68  ? -13.672 -2.968  -13.849 1.00 74.85 ? 58  GLY A O   1 
ATOM   436  N  N   . ASP A 1 69  ? -12.114 -2.250  -15.335 1.00 45.89 ? 59  ASP A N   1 
ATOM   437  C  CA  . ASP A 1 69  ? -10.955 -3.000  -14.804 1.00 43.47 ? 59  ASP A CA  1 
ATOM   438  C  C   . ASP A 1 69  ? -10.418 -2.355  -13.514 1.00 37.70 ? 59  ASP A C   1 
ATOM   439  O  O   . ASP A 1 69  ? -10.456 -1.128  -13.359 1.00 34.84 ? 59  ASP A O   1 
ATOM   440  C  CB  . ASP A 1 69  ? -9.764  -3.022  -15.765 1.00 49.17 ? 59  ASP A CB  1 
ATOM   441  C  CG  . ASP A 1 69  ? -10.054 -3.733  -17.110 1.00 61.67 ? 59  ASP A CG  1 
ATOM   442  O  OD1 . ASP A 1 69  ? -11.038 -4.507  -17.237 1.00 52.56 ? 59  ASP A OD1 1 
ATOM   443  O  OD2 . ASP A 1 69  ? -9.260  -3.476  -18.047 1.00 64.21 ? 59  ASP A OD2 1 
ATOM   444  N  N   . ILE A 1 70  ? -9.926  -3.201  -12.623 1.00 36.81 ? 60  ILE A N   1 
ATOM   445  C  CA  . ILE A 1 70  ? -9.168  -2.693  -11.479 1.00 32.28 ? 60  ILE A CA  1 
ATOM   446  C  C   . ILE A 1 70  ? -7.788  -2.317  -11.966 1.00 32.34 ? 60  ILE A C   1 
ATOM   447  O  O   . ILE A 1 70  ? -7.015  -3.177  -12.404 1.00 37.06 ? 60  ILE A O   1 
ATOM   448  C  CB  . ILE A 1 70  ? -9.126  -3.766  -10.331 1.00 32.00 ? 60  ILE A CB  1 
ATOM   449  C  CG1 . ILE A 1 70  ? -10.560 -4.118  -9.853  1.00 35.02 ? 60  ILE A CG1 1 
ATOM   450  C  CG2 . ILE A 1 70  ? -8.207  -3.311  -9.200  1.00 31.14 ? 60  ILE A CG2 1 
ATOM   451  C  CD1 . ILE A 1 70  ? -10.613 -4.957  -8.584  1.00 44.80 ? 60  ILE A CD1 1 
ATOM   452  N  N   . VAL A 1 71  ? -7.429  -1.044  -11.812 1.00 31.44 ? 61  VAL A N   1 
ATOM   453  C  CA  . VAL A 1 71  ? -6.130  -0.553  -12.255 1.00 30.67 ? 61  VAL A CA  1 
ATOM   454  C  C   . VAL A 1 71  ? -5.216  -0.130  -11.114 1.00 29.35 ? 61  VAL A C   1 
ATOM   455  O  O   . VAL A 1 71  ? -4.047  0.192   -11.320 1.00 29.78 ? 61  VAL A O   1 
ATOM   456  C  CB  . VAL A 1 71  ? -6.257  0.651   -13.245 1.00 32.46 ? 61  VAL A CB  1 
ATOM   457  C  CG1 . VAL A 1 71  ? -7.009  0.174   -14.488 1.00 36.98 ? 61  VAL A CG1 1 
ATOM   458  C  CG2 . VAL A 1 71  ? -6.937  1.838   -12.662 1.00 34.02 ? 61  VAL A CG2 1 
ATOM   459  N  N   . GLY A 1 72  ? -5.773  -0.179  -9.892  1.00 27.34 ? 62  GLY A N   1 
ATOM   460  C  CA  . GLY A 1 72  ? -4.917  0.121   -8.733  1.00 25.00 ? 62  GLY A CA  1 
ATOM   461  C  C   . GLY A 1 72  ? -5.511  -0.491  -7.467  1.00 24.76 ? 62  GLY A C   1 
ATOM   462  O  O   . GLY A 1 72  ? -6.739  -0.672  -7.327  1.00 24.53 ? 62  GLY A O   1 
ATOM   463  N  N   . PHE A 1 73  ? -4.609  -0.824  -6.564  1.00 22.71 ? 63  PHE A N   1 
ATOM   464  C  CA  . PHE A 1 73  ? -5.007  -1.259  -5.239  1.00 24.26 ? 63  PHE A CA  1 
ATOM   465  C  C   . PHE A 1 73  ? -4.007  -0.880  -4.255  1.00 21.51 ? 63  PHE A C   1 
ATOM   466  O  O   . PHE A 1 73  ? -2.780  -0.937  -4.482  1.00 23.66 ? 63  PHE A O   1 
ATOM   467  C  CB  . PHE A 1 73  ? -5.133  -2.775  -5.248  1.00 23.74 ? 63  PHE A CB  1 
ATOM   468  C  CG  . PHE A 1 73  ? -5.476  -3.413  -3.905  1.00 23.45 ? 63  PHE A CG  1 
ATOM   469  C  CD1 . PHE A 1 73  ? -6.769  -3.322  -3.421  1.00 23.19 ? 63  PHE A CD1 1 
ATOM   470  C  CD2 . PHE A 1 73  ? -4.532  -4.134  -3.224  1.00 22.75 ? 63  PHE A CD2 1 
ATOM   471  C  CE1 . PHE A 1 73  ? -7.101  -3.920  -2.219  1.00 23.57 ? 63  PHE A CE1 1 
ATOM   472  C  CE2 . PHE A 1 73  ? -4.852  -4.739  -1.972  1.00 24.21 ? 63  PHE A CE2 1 
ATOM   473  C  CZ  . PHE A 1 73  ? -6.147  -4.651  -1.513  1.00 21.96 ? 63  PHE A CZ  1 
ATOM   474  N  N   . ILE A 1 74  ? -4.471  -0.523  -3.079  1.00 22.07 ? 64  ILE A N   1 
ATOM   475  C  CA  A ILE A 1 74  ? -3.608  -0.334  -1.932  0.36 22.11 ? 64  ILE A CA  1 
ATOM   476  C  CA  B ILE A 1 74  ? -3.565  -0.398  -1.920  0.64 22.21 ? 64  ILE A CA  1 
ATOM   477  C  C   . ILE A 1 74  ? -4.207  -1.067  -0.700  1.00 22.69 ? 64  ILE A C   1 
ATOM   478  O  O   . ILE A 1 74  ? -5.404  -0.922  -0.406  1.00 22.92 ? 64  ILE A O   1 
ATOM   479  C  CB  A ILE A 1 74  ? -3.425  1.183   -1.703  0.36 22.09 ? 64  ILE A CB  1 
ATOM   480  C  CB  B ILE A 1 74  ? -3.238  1.048   -1.450  0.64 22.42 ? 64  ILE A CB  1 
ATOM   481  C  CG1 A ILE A 1 74  ? -2.277  1.470   -0.742  0.36 21.78 ? 64  ILE A CG1 1 
ATOM   482  C  CG1 B ILE A 1 74  ? -2.499  1.898   -2.484  0.64 21.32 ? 64  ILE A CG1 1 
ATOM   483  C  CG2 A ILE A 1 74  ? -4.750  1.847   -1.266  0.36 20.78 ? 64  ILE A CG2 1 
ATOM   484  C  CG2 B ILE A 1 74  ? -2.493  1.011   -0.097  0.64 23.60 ? 64  ILE A CG2 1 
ATOM   485  C  CD1 A ILE A 1 74  ? -1.910  2.923   -0.639  0.36 22.44 ? 64  ILE A CD1 1 
ATOM   486  C  CD1 B ILE A 1 74  ? -2.162  3.291   -1.981  0.64 24.54 ? 64  ILE A CD1 1 
ATOM   487  N  N   . SER A 1 75  ? -3.403  -1.881  -0.031  1.00 21.64 ? 65  SER A N   1 
ATOM   488  C  CA  . SER A 1 75  ? -3.762  -2.504  1.218   1.00 21.25 ? 65  SER A CA  1 
ATOM   489  C  C   . SER A 1 75  ? -3.023  -1.830  2.348   1.00 21.42 ? 65  SER A C   1 
ATOM   490  O  O   . SER A 1 75  ? -1.835  -1.536  2.260   1.00 21.34 ? 65  SER A O   1 
ATOM   491  C  CB  . SER A 1 75  ? -3.560  -3.987  1.266   1.00 21.57 ? 65  SER A CB  1 
ATOM   492  O  OG  . SER A 1 75  ? -2.208  -4.319  0.934   1.00 21.10 ? 65  SER A OG  1 
ATOM   493  N  N   . ALA A 1 76  ? -3.729  -1.623  3.477   1.00 20.85 ? 66  ALA A N   1 
ATOM   494  C  CA  . ALA A 1 76  ? -3.122  -1.024  4.669   1.00 20.10 ? 66  ALA A CA  1 
ATOM   495  C  C   . ALA A 1 76  ? -3.994  -1.364  5.860   1.00 20.63 ? 66  ALA A C   1 
ATOM   496  O  O   . ALA A 1 76  ? -5.128  -1.904  5.717   1.00 21.76 ? 66  ALA A O   1 
ATOM   497  C  CB  . ALA A 1 76  ? -3.012  0.530   4.523   1.00 21.72 ? 66  ALA A CB  1 
ATOM   498  N  N   . PHE A 1 77  ? -3.462  -1.124  7.057   1.00 19.68 ? 67  PHE A N   1 
ATOM   499  C  CA  . PHE A 1 77  ? -4.210  -1.350  8.309   1.00 20.68 ? 67  PHE A CA  1 
ATOM   500  C  C   . PHE A 1 77  ? -3.704  -0.387  9.346   1.00 21.31 ? 67  PHE A C   1 
ATOM   501  O  O   . PHE A 1 77  ? -2.535  -0.013  9.305   1.00 21.51 ? 67  PHE A O   1 
ATOM   502  C  CB  . PHE A 1 77  ? -4.120  -2.824  8.824   1.00 21.53 ? 67  PHE A CB  1 
ATOM   503  C  CG  . PHE A 1 77  ? -2.707  -3.363  8.904   1.00 21.24 ? 67  PHE A CG  1 
ATOM   504  C  CD1 . PHE A 1 77  ? -1.990  -3.132  10.024  1.00 22.65 ? 67  PHE A CD1 1 
ATOM   505  C  CD2 . PHE A 1 77  ? -2.174  -4.120  7.837   1.00 24.45 ? 67  PHE A CD2 1 
ATOM   506  C  CE1 . PHE A 1 77  ? -0.682  -3.619  10.140  1.00 21.93 ? 67  PHE A CE1 1 
ATOM   507  C  CE2 . PHE A 1 77  ? -0.814  -4.607  7.933   1.00 23.35 ? 67  PHE A CE2 1 
ATOM   508  C  CZ  . PHE A 1 77  ? -0.126  -4.344  9.089   1.00 22.54 ? 67  PHE A CZ  1 
ATOM   509  N  N   . ARG A 1 78  ? -4.528  -0.053  10.287  1.00 20.80 ? 68  ARG A N   1 
ATOM   510  C  CA  . ARG A 1 78  ? -4.027  0.653   11.476  1.00 20.73 ? 68  ARG A CA  1 
ATOM   511  C  C   . ARG A 1 78  ? -3.361  -0.412  12.372  1.00 23.31 ? 68  ARG A C   1 
ATOM   512  O  O   . ARG A 1 78  ? -3.881  -1.505  12.623  1.00 23.37 ? 68  ARG A O   1 
ATOM   513  C  CB  . ARG A 1 78  ? -5.164  1.336   12.268  1.00 21.66 ? 68  ARG A CB  1 
ATOM   514  C  CG  . ARG A 1 78  ? -5.876  2.432   11.492  1.00 24.79 ? 68  ARG A CG  1 
ATOM   515  C  CD  . ARG A 1 78  ? -4.921  3.503   10.998  1.00 27.41 ? 68  ARG A CD  1 
ATOM   516  N  NE  . ARG A 1 78  ? -5.655  4.664   10.437  1.00 28.93 ? 68  ARG A NE  1 
ATOM   517  C  CZ  . ARG A 1 78  ? -5.933  5.809   11.105  1.00 29.47 ? 68  ARG A CZ  1 
ATOM   518  N  NH1 . ARG A 1 78  ? -6.673  6.718   10.458  1.00 28.55 ? 68  ARG A NH1 1 
ATOM   519  N  NH2 . ARG A 1 78  ? -5.527  6.038   12.318  1.00 32.12 ? 68  ARG A NH2 1 
ATOM   520  N  N   . SER A 1 79  ? -2.165  -0.087  12.893  1.00 22.53 ? 69  SER A N   1 
ATOM   521  C  CA  . SER A 1 79  ? -1.489  -1.022  13.751  1.00 22.10 ? 69  SER A CA  1 
ATOM   522  C  C   . SER A 1 79  ? -2.271  -1.298  15.033  1.00 23.50 ? 69  SER A C   1 
ATOM   523  O  O   . SER A 1 79  ? -2.698  -0.352  15.692  1.00 25.06 ? 69  SER A O   1 
ATOM   524  C  CB  . SER A 1 79  ? -0.120  -0.417  14.118  1.00 24.74 ? 69  SER A CB  1 
ATOM   525  O  OG  . SER A 1 79  ? 0.481   -1.194  15.134  1.00 27.25 ? 69  SER A OG  1 
ATOM   526  N  N   . PRO A 1 80  ? -2.547  -2.582  15.346  1.00 22.43 ? 70  PRO A N   1 
ATOM   527  C  CA  . PRO A 1 80  ? -3.373  -2.832  16.537  1.00 23.43 ? 70  PRO A CA  1 
ATOM   528  C  C   . PRO A 1 80  ? -2.813  -2.188  17.822  1.00 26.15 ? 70  PRO A C   1 
ATOM   529  O  O   . PRO A 1 80  ? -3.603  -1.688  18.589  1.00 29.95 ? 70  PRO A O   1 
ATOM   530  C  CB  . PRO A 1 80  ? -3.344  -4.372  16.643  1.00 26.62 ? 70  PRO A CB  1 
ATOM   531  C  CG  . PRO A 1 80  ? -3.302  -4.793  15.213  1.00 25.10 ? 70  PRO A CG  1 
ATOM   532  C  CD  . PRO A 1 80  ? -2.367  -3.796  14.523  1.00 22.98 ? 70  PRO A CD  1 
ATOM   533  N  N   . ARG A 1 81  ? -1.522  -2.201  18.002  1.00 26.75 ? 71  ARG A N   1 
ATOM   534  C  CA  A ARG A 1 81  ? -0.873  -1.591  19.197  0.50 33.23 ? 71  ARG A CA  1 
ATOM   535  C  CA  B ARG A 1 81  ? -1.026  -1.595  19.244  0.50 29.08 ? 71  ARG A CA  1 
ATOM   536  C  C   . ARG A 1 81  ? -0.869  -0.077  19.198  1.00 35.86 ? 71  ARG A C   1 
ATOM   537  O  O   . ARG A 1 81  ? -0.791  0.589   20.297  1.00 35.26 ? 71  ARG A O   1 
ATOM   538  C  CB  A ARG A 1 81  ? 0.589   -1.990  19.281  0.50 39.28 ? 71  ARG A CB  1 
ATOM   539  C  CB  B ARG A 1 81  ? 0.245   -2.264  19.657  0.50 27.23 ? 71  ARG A CB  1 
ATOM   540  C  CG  A ARG A 1 81  ? 0.871   -3.372  19.816  0.50 49.06 ? 71  ARG A CG  1 
ATOM   541  C  CG  B ARG A 1 81  ? 0.029   -3.593  20.355  0.50 32.65 ? 71  ARG A CG  1 
ATOM   542  C  CD  A ARG A 1 81  ? 2.299   -3.377  20.367  0.50 60.70 ? 71  ARG A CD  1 
ATOM   543  C  CD  B ARG A 1 81  ? 1.353   -4.107  20.942  0.50 38.03 ? 71  ARG A CD  1 
ATOM   544  N  NE  A ARG A 1 81  ? 3.214   -2.516  19.577  0.50 64.16 ? 71  ARG A NE  1 
ATOM   545  N  NE  B ARG A 1 81  ? 2.328   -4.187  19.867  0.50 40.62 ? 71  ARG A NE  1 
ATOM   546  C  CZ  A ARG A 1 81  ? 4.251   -1.853  20.085  0.50 54.81 ? 71  ARG A CZ  1 
ATOM   547  C  CZ  B ARG A 1 81  ? 2.351   -5.141  18.958  0.50 42.21 ? 71  ARG A CZ  1 
ATOM   548  N  NH1 A ARG A 1 81  ? 5.013   -1.117  19.299  0.50 52.36 ? 71  ARG A NH1 1 
ATOM   549  N  NH1 B ARG A 1 81  ? 3.248   -5.129  17.981  0.50 40.41 ? 71  ARG A NH1 1 
ATOM   550  N  NH2 A ARG A 1 81  ? 4.521   -1.937  21.377  0.50 51.12 ? 71  ARG A NH2 1 
ATOM   551  N  NH2 B ARG A 1 81  ? 1.491   -6.131  19.071  0.50 47.42 ? 71  ARG A NH2 1 
ATOM   552  N  N   . ASN A 1 82  ? -0.871  0.502   18.001  1.00 29.49 ? 72  ASN A N   1 
ATOM   553  C  CA  . ASN A 1 82  ? -0.584  1.948   17.797  1.00 30.00 ? 72  ASN A CA  1 
ATOM   554  C  C   . ASN A 1 82  ? -1.527  2.444   16.731  1.00 26.82 ? 72  ASN A C   1 
ATOM   555  O  O   . ASN A 1 82  ? -1.162  2.583   15.545  1.00 27.90 ? 72  ASN A O   1 
ATOM   556  C  CB  . ASN A 1 82  ? 0.869   2.120   17.335  1.00 31.91 ? 72  ASN A CB  1 
ATOM   557  C  CG  . ASN A 1 82  ? 1.900   1.760   18.392  1.00 38.87 ? 72  ASN A CG  1 
ATOM   558  O  OD1 . ASN A 1 82  ? 1.970   2.400   19.428  1.00 42.43 ? 72  ASN A OD1 1 
ATOM   559  N  ND2 . ASN A 1 82  ? 2.749   0.802   18.114  1.00 35.06 ? 72  ASN A ND2 1 
ATOM   560  N  N   . PRO A 1 83  ? -2.778  2.726   17.103  1.00 28.41 ? 73  PRO A N   1 
ATOM   561  C  CA  . PRO A 1 83  ? -3.812  3.037   16.114  1.00 31.39 ? 73  PRO A CA  1 
ATOM   562  C  C   . PRO A 1 83  ? -3.567  4.274   15.287  1.00 26.06 ? 73  PRO A C   1 
ATOM   563  O  O   . PRO A 1 83  ? -4.141  4.413   14.242  1.00 30.20 ? 73  PRO A O   1 
ATOM   564  C  CB  . PRO A 1 83  ? -5.100  3.234   16.964  1.00 37.07 ? 73  PRO A CB  1 
ATOM   565  C  CG  . PRO A 1 83  ? -4.710  3.126   18.375  1.00 39.41 ? 73  PRO A CG  1 
ATOM   566  C  CD  . PRO A 1 83  ? -3.310  2.695   18.484  1.00 37.83 ? 73  PRO A CD  1 
ATOM   567  N  N   . GLU A 1 84  ? -2.727  5.208   15.782  1.00 26.92 ? 74  GLU A N   1 
ATOM   568  C  CA  . GLU A 1 84  ? -2.264  6.340   14.960  1.00 26.80 ? 74  GLU A CA  1 
ATOM   569  C  C   . GLU A 1 84  ? -1.231  6.010   13.843  1.00 25.14 ? 74  GLU A C   1 
ATOM   570  O  O   . GLU A 1 84  ? -0.818  6.873   13.113  1.00 23.39 ? 74  GLU A O   1 
ATOM   571  C  CB  . GLU A 1 84  ? -1.739  7.505   15.843  1.00 28.52 ? 74  GLU A CB  1 
ATOM   572  C  CG  . GLU A 1 84  ? -2.922  8.171   16.600  1.00 35.75 ? 74  GLU A CG  1 
ATOM   573  C  CD  . GLU A 1 84  ? -2.438  9.233   17.599  1.00 40.76 ? 74  GLU A CD  1 
ATOM   574  O  OE1 . GLU A 1 84  ? -1.268  9.233   17.980  1.00 46.79 ? 74  GLU A OE1 1 
ATOM   575  O  OE2 . GLU A 1 84  ? -3.261  10.067  17.962  1.00 45.37 ? 74  GLU A OE2 1 
ATOM   576  N  N   . THR A 1 85  ? -0.799  4.717   13.780  1.00 24.20 ? 75  THR A N   1 
ATOM   577  C  CA  . THR A 1 85  ? 0.108   4.338   12.724  1.00 21.02 ? 75  THR A CA  1 
ATOM   578  C  C   . THR A 1 85  ? -0.640  3.531   11.646  1.00 21.09 ? 75  THR A C   1 
ATOM   579  O  O   . THR A 1 85  ? -1.368  2.564   12.019  1.00 22.69 ? 75  THR A O   1 
ATOM   580  C  CB  . THR A 1 85  ? 1.243   3.465   13.292  1.00 23.43 ? 75  THR A CB  1 
ATOM   581  O  OG1 . THR A 1 85  ? 2.052   4.294   14.166  1.00 25.65 ? 75  THR A OG1 1 
ATOM   582  C  CG2 . THR A 1 85  ? 2.088   2.878   12.237  1.00 25.20 ? 75  THR A CG2 1 
ATOM   583  N  N   . LEU A 1 86  ? -0.561  3.996   10.435  1.00 20.65 ? 76  LEU A N   1 
ATOM   584  C  CA  . LEU A 1 86  ? -1.082  3.359   9.268   1.00 20.80 ? 76  LEU A CA  1 
ATOM   585  C  C   . LEU A 1 86  ? 0.092   2.550   8.655   1.00 21.89 ? 76  LEU A C   1 
ATOM   586  O  O   . LEU A 1 86  ? 1.019   3.168   8.172   1.00 21.48 ? 76  LEU A O   1 
ATOM   587  C  CB  . LEU A 1 86  ? -1.686  4.338   8.271   1.00 20.86 ? 76  LEU A CB  1 
ATOM   588  C  CG  . LEU A 1 86  ? -2.319  3.748   6.993   1.00 22.96 ? 76  LEU A CG  1 
ATOM   589  C  CD1 . LEU A 1 86  ? -3.636  3.014   7.318   1.00 24.81 ? 76  LEU A CD1 1 
ATOM   590  C  CD2 . LEU A 1 86  ? -2.435  4.816   5.926   1.00 26.88 ? 76  LEU A CD2 1 
ATOM   591  N  N   . PHE A 1 87  ? -0.043  1.222   8.617   1.00 20.41 ? 77  PHE A N   1 
ATOM   592  C  CA  . PHE A 1 87  ? 0.934   0.371   7.874   1.00 19.77 ? 77  PHE A CA  1 
ATOM   593  C  C   . PHE A 1 87  ? 0.423   0.143   6.503   1.00 21.95 ? 77  PHE A C   1 
ATOM   594  O  O   . PHE A 1 87  ? -0.676  -0.446  6.348   1.00 20.96 ? 77  PHE A O   1 
ATOM   595  C  CB  . PHE A 1 87  ? 1.186   -0.929  8.618   1.00 20.56 ? 77  PHE A CB  1 
ATOM   596  C  CG  . PHE A 1 87  ? 2.277   -1.739  7.929   1.00 21.67 ? 77  PHE A CG  1 
ATOM   597  C  CD1 . PHE A 1 87  ? 3.558   -1.486  8.260   1.00 23.59 ? 77  PHE A CD1 1 
ATOM   598  C  CD2 . PHE A 1 87  ? 2.004   -2.620  6.894   1.00 22.29 ? 77  PHE A CD2 1 
ATOM   599  C  CE1 . PHE A 1 87  ? 4.627   -2.129  7.607   1.00 24.48 ? 77  PHE A CE1 1 
ATOM   600  C  CE2 . PHE A 1 87  ? 3.072   -3.285  6.242   1.00 23.47 ? 77  PHE A CE2 1 
ATOM   601  C  CZ  . PHE A 1 87  ? 4.334   -3.005  6.622   1.00 22.80 ? 77  PHE A CZ  1 
ATOM   602  N  N   . VAL A 1 88  ? 1.178   0.538   5.483   1.00 20.23 ? 78  VAL A N   1 
ATOM   603  C  CA  . VAL A 1 88  ? 0.866   0.339   4.104   1.00 20.31 ? 78  VAL A CA  1 
ATOM   604  C  C   . VAL A 1 88  ? 1.539   -0.919  3.648   1.00 22.15 ? 78  VAL A C   1 
ATOM   605  O  O   . VAL A 1 88  ? 2.796   -1.031  3.659   1.00 23.03 ? 78  VAL A O   1 
ATOM   606  C  CB  . VAL A 1 88  ? 1.120   1.544   3.183   1.00 20.84 ? 78  VAL A CB  1 
ATOM   607  C  CG1 . VAL A 1 88  ? 0.815   1.193   1.764   1.00 23.25 ? 78  VAL A CG1 1 
ATOM   608  C  CG2 . VAL A 1 88  ? 0.331   2.758   3.680   1.00 22.02 ? 78  VAL A CG2 1 
ATOM   609  N  N   . TRP A 1 89  ? 0.750   -1.919  3.207   1.00 21.70 ? 79  TRP A N   1 
ATOM   610  C  CA  . TRP A 1 89  ? 1.226   -3.253  2.940   1.00 20.37 ? 79  TRP A CA  1 
ATOM   611  C  C   . TRP A 1 89  ? 1.578   -3.379  1.458   1.00 22.29 ? 79  TRP A C   1 
ATOM   612  O  O   . TRP A 1 89  ? 2.770   -3.631  1.158   1.00 24.93 ? 79  TRP A O   1 
ATOM   613  C  CB  . TRP A 1 89  ? 0.199   -4.279  3.389   1.00 20.40 ? 79  TRP A CB  1 
ATOM   614  C  CG  . TRP A 1 89  ? 0.534   -5.704  3.258   1.00 21.57 ? 79  TRP A CG  1 
ATOM   615  C  CD1 . TRP A 1 89  ? 1.681   -6.236  2.704   1.00 21.66 ? 79  TRP A CD1 1 
ATOM   616  C  CD2 . TRP A 1 89  ? -0.278  -6.804  3.656   1.00 21.65 ? 79  TRP A CD2 1 
ATOM   617  N  NE1 . TRP A 1 89  ? 1.574   -7.597  2.713   1.00 24.60 ? 79  TRP A NE1 1 
ATOM   618  C  CE2 . TRP A 1 89  ? 0.401   -7.982  3.342   1.00 25.64 ? 79  TRP A CE2 1 
ATOM   619  C  CE3 . TRP A 1 89  ? -1.547  -6.878  4.276   1.00 22.91 ? 79  TRP A CE3 1 
ATOM   620  C  CZ2 . TRP A 1 89  ? -0.172  -9.264  3.591   1.00 26.32 ? 79  TRP A CZ2 1 
ATOM   621  C  CZ3 . TRP A 1 89  ? -2.116  -8.146  4.541   1.00 25.86 ? 79  TRP A CZ3 1 
ATOM   622  C  CH2 . TRP A 1 89  ? -1.400  -9.291  4.234   1.00 26.65 ? 79  TRP A CH2 1 
ATOM   623  N  N   . GLN A 1 90  ? 0.640   -3.314  0.552   1.00 20.02 ? 80  GLN A N   1 
ATOM   624  C  CA  . GLN A 1 90  ? 0.927   -3.487  -0.874  1.00 20.35 ? 80  GLN A CA  1 
ATOM   625  C  C   . GLN A 1 90  ? 0.342   -2.302  -1.635  1.00 22.34 ? 80  GLN A C   1 
ATOM   626  O  O   . GLN A 1 90  ? -0.821  -1.969  -1.429  1.00 22.86 ? 80  GLN A O   1 
ATOM   627  C  CB  . GLN A 1 90  ? 0.436   -4.804  -1.475  1.00 19.56 ? 80  GLN A CB  1 
ATOM   628  C  CG  . GLN A 1 90  ? 1.045   -5.979  -0.768  1.00 20.45 ? 80  GLN A CG  1 
ATOM   629  C  CD  . GLN A 1 90  ? 0.669   -7.306  -1.423  1.00 24.80 ? 80  GLN A CD  1 
ATOM   630  O  OE1 . GLN A 1 90  ? -0.496  -7.692  -1.447  1.00 24.33 ? 80  GLN A OE1 1 
ATOM   631  N  NE2 . GLN A 1 90  ? 1.668   -8.029  -1.851  1.00 23.74 ? 80  GLN A NE2 1 
ATOM   632  N  N   . VAL A 1 91  ? 1.099   -1.761  -2.586  1.00 22.65 ? 81  VAL A N   1 
ATOM   633  C  CA  . VAL A 1 91  ? 0.672   -0.749  -3.571  1.00 22.66 ? 81  VAL A CA  1 
ATOM   634  C  C   . VAL A 1 91  ? 0.867   -1.333  -4.972  1.00 24.06 ? 81  VAL A C   1 
ATOM   635  O  O   . VAL A 1 91  ? 1.996   -1.707  -5.332  1.00 25.90 ? 81  VAL A O   1 
ATOM   636  C  CB  . VAL A 1 91  ? 1.479   0.569   -3.386  1.00 24.08 ? 81  VAL A CB  1 
ATOM   637  C  CG1 . VAL A 1 91  ? 1.059   1.584   -4.426  1.00 27.21 ? 81  VAL A CG1 1 
ATOM   638  C  CG2 . VAL A 1 91  ? 1.489   1.068   -1.948  1.00 25.82 ? 81  VAL A CG2 1 
ATOM   639  N  N   . ALA A 1 92  ? -0.233  -1.459  -5.708  1.00 23.69 ? 82  ALA A N   1 
ATOM   640  C  CA  . ALA A 1 92  ? -0.221  -1.972  -7.032  1.00 25.81 ? 82  ALA A CA  1 
ATOM   641  C  C   . ALA A 1 92  ? -0.914  -1.060  -8.012  1.00 26.25 ? 82  ALA A C   1 
ATOM   642  O  O   . ALA A 1 92  ? -2.056  -0.632  -7.764  1.00 25.33 ? 82  ALA A O   1 
ATOM   643  C  CB  . ALA A 1 92  ? -0.789  -3.372  -7.107  1.00 26.57 ? 82  ALA A CB  1 
ATOM   644  N  N   . VAL A 1 93  ? -0.306  -0.862  -9.200  1.00 26.43 ? 83  VAL A N   1 
ATOM   645  C  CA  . VAL A 1 93  ? -0.896  -0.064  -10.298 1.00 26.65 ? 83  VAL A CA  1 
ATOM   646  C  C   . VAL A 1 93  ? -0.709  -0.870  -11.547 1.00 25.68 ? 83  VAL A C   1 
ATOM   647  O  O   . VAL A 1 93  ? 0.397   -1.394  -11.751 1.00 28.24 ? 83  VAL A O   1 
ATOM   648  C  CB  . VAL A 1 93  ? -0.242  1.317   -10.426 1.00 30.90 ? 83  VAL A CB  1 
ATOM   649  C  CG1 . VAL A 1 93  ? -0.908  2.087   -11.567 1.00 33.83 ? 83  VAL A CG1 1 
ATOM   650  C  CG2 . VAL A 1 93  ? -0.424  2.099   -9.103  1.00 31.30 ? 83  VAL A CG2 1 
ATOM   651  N  N   . ALA A 1 94  ? -1.772  -1.071  -12.266 1.00 29.07 ? 84  ALA A N   1 
ATOM   652  C  CA  . ALA A 1 94  ? -1.662  -1.837  -13.536 1.00 29.51 ? 84  ALA A CA  1 
ATOM   653  C  C   . ALA A 1 94  ? -0.649  -1.193  -14.496 1.00 30.70 ? 84  ALA A C   1 
ATOM   654  O  O   . ALA A 1 94  ? -0.551  0.035   -14.533 1.00 33.66 ? 84  ALA A O   1 
ATOM   655  C  CB  . ALA A 1 94  ? -3.002  -1.916  -14.191 1.00 29.97 ? 84  ALA A CB  1 
ATOM   656  N  N   . SER A 1 95  ? 0.127   -2.029  -15.142 1.00 33.82 ? 85  SER A N   1 
ATOM   657  C  CA  . SER A 1 95  ? 1.198   -1.592  -16.089 1.00 37.94 ? 85  SER A CA  1 
ATOM   658  C  C   . SER A 1 95  ? 0.669   -0.646  -17.189 1.00 42.68 ? 85  SER A C   1 
ATOM   659  O  O   . SER A 1 95  ? 1.380   0.270   -17.622 1.00 47.41 ? 85  SER A O   1 
ATOM   660  C  CB  . SER A 1 95  ? 1.891   -2.796  -16.699 1.00 40.41 ? 85  SER A CB  1 
ATOM   661  O  OG  . SER A 1 95  ? 0.946   -3.522  -17.406 1.00 47.69 ? 85  SER A OG  1 
ATOM   662  N  N   . SER A 1 96  ? -0.579  -0.822  -17.554 1.00 39.89 ? 86  SER A N   1 
ATOM   663  C  CA  . SER A 1 96  ? -1.273  0.012   -18.497 1.00 43.56 ? 86  SER A CA  1 
ATOM   664  C  C   . SER A 1 96  ? -1.571  1.408   -18.012 1.00 45.03 ? 86  SER A C   1 
ATOM   665  O  O   . SER A 1 96  ? -1.944  2.281   -18.805 1.00 43.41 ? 86  SER A O   1 
ATOM   666  C  CB  . SER A 1 96  ? -2.584  -0.667  -18.875 1.00 45.43 ? 86  SER A CB  1 
ATOM   667  O  OG  . SER A 1 96  ? -3.419  -0.821  -17.718 1.00 50.31 ? 86  SER A OG  1 
ATOM   668  N  N   . HIS A 1 97  ? -1.476  1.653   -16.701 1.00 38.40 ? 87  HIS A N   1 
ATOM   669  C  CA  . HIS A 1 97  ? -1.948  2.887   -16.108 1.00 35.77 ? 87  HIS A CA  1 
ATOM   670  C  C   . HIS A 1 97  ? -0.865  3.517   -15.212 1.00 33.82 ? 87  HIS A C   1 
ATOM   671  O  O   . HIS A 1 97  ? -1.168  4.232   -14.256 1.00 37.68 ? 87  HIS A O   1 
ATOM   672  C  CB  . HIS A 1 97  ? -3.223  2.603   -15.318 1.00 39.55 ? 87  HIS A CB  1 
ATOM   673  C  CG  . HIS A 1 97  ? -4.451  2.533   -16.153 1.00 40.99 ? 87  HIS A CG  1 
ATOM   674  N  ND1 . HIS A 1 97  ? -4.717  1.467   -16.987 1.00 39.68 ? 87  HIS A ND1 1 
ATOM   675  C  CD2 . HIS A 1 97  ? -5.516  3.359   -16.236 1.00 40.46 ? 87  HIS A CD2 1 
ATOM   676  C  CE1 . HIS A 1 97  ? -5.865  1.680   -17.607 1.00 39.91 ? 87  HIS A CE1 1 
ATOM   677  N  NE2 . HIS A 1 97  ? -6.375  2.813   -17.154 1.00 41.57 ? 87  HIS A NE2 1 
ATOM   678  N  N   . ARG A 1 98  ? 0.405   3.217   -15.513 1.00 34.81 ? 88  ARG A N   1 
ATOM   679  C  CA  . ARG A 1 98  ? 1.525   3.815   -14.825 1.00 36.74 ? 88  ARG A CA  1 
ATOM   680  C  C   . ARG A 1 98  ? 1.676   5.333   -15.172 1.00 37.69 ? 88  ARG A C   1 
ATOM   681  O  O   . ARG A 1 98  ? 1.171   5.826   -16.202 1.00 44.13 ? 88  ARG A O   1 
ATOM   682  C  CB  . ARG A 1 98  ? 2.831   3.097   -15.125 1.00 43.61 ? 88  ARG A CB  1 
ATOM   683  C  CG  . ARG A 1 98  ? 2.856   1.585   -14.929 1.00 49.32 ? 88  ARG A CG  1 
ATOM   684  C  CD  . ARG A 1 98  ? 2.296   1.154   -13.589 1.00 61.17 ? 88  ARG A CD  1 
ATOM   685  N  NE  . ARG A 1 98  ? 3.205   1.597   -12.525 1.00 64.11 ? 88  ARG A NE  1 
ATOM   686  C  CZ  . ARG A 1 98  ? 3.979   0.803   -11.788 1.00 71.80 ? 88  ARG A CZ  1 
ATOM   687  N  NH1 . ARG A 1 98  ? 4.003   -0.519  -11.969 1.00 75.29 ? 88  ARG A NH1 1 
ATOM   688  N  NH2 . ARG A 1 98  ? 4.743   1.360   -10.857 1.00 65.11 ? 88  ARG A NH2 1 
ATOM   689  N  N   . ARG A 1 99  ? 2.252   6.047   -14.240 1.00 40.88 ? 89  ARG A N   1 
ATOM   690  C  CA  . ARG A 1 99  ? 2.601   7.469   -14.389 1.00 49.48 ? 89  ARG A CA  1 
ATOM   691  C  C   . ARG A 1 99  ? 1.400   8.409   -14.655 1.00 48.76 ? 89  ARG A C   1 
ATOM   692  O  O   . ARG A 1 99  ? 1.508   9.373   -15.420 1.00 48.47 ? 89  ARG A O   1 
ATOM   693  C  CB  . ARG A 1 99  ? 3.721   7.594   -15.456 1.00 57.15 ? 89  ARG A CB  1 
ATOM   694  C  CG  . ARG A 1 99  ? 5.032   6.905   -15.041 1.00 60.10 ? 89  ARG A CG  1 
ATOM   695  C  CD  . ARG A 1 99  ? 6.101   6.998   -16.135 1.00 70.10 ? 89  ARG A CD  1 
ATOM   696  N  N   . GLN A 1 100 ? 0.262   8.097   -14.039 1.00 41.94 ? 90  GLN A N   1 
ATOM   697  C  CA  . GLN A 1 100 ? -0.991  8.903   -14.027 1.00 41.20 ? 90  GLN A CA  1 
ATOM   698  C  C   . GLN A 1 100 ? -1.396  9.373   -12.643 1.00 34.54 ? 90  GLN A C   1 
ATOM   699  O  O   . GLN A 1 100 ? -2.508  9.802   -12.457 1.00 38.52 ? 90  GLN A O   1 
ATOM   700  C  CB  . GLN A 1 100 ? -2.221  8.140   -14.601 1.00 44.00 ? 90  GLN A CB  1 
ATOM   701  C  CG  . GLN A 1 100 ? -1.981  7.393   -15.862 1.00 44.95 ? 90  GLN A CG  1 
ATOM   702  C  CD  . GLN A 1 100 ? -3.237  6.760   -16.428 1.00 44.96 ? 90  GLN A CD  1 
ATOM   703  O  OE1 . GLN A 1 100 ? -4.394  7.003   -15.976 1.00 50.42 ? 90  GLN A OE1 1 
ATOM   704  N  NE2 . GLN A 1 100 ? -3.028  5.930   -17.396 1.00 44.54 ? 90  GLN A NE2 1 
ATOM   705  N  N   . GLY A 1 101 ? -0.524  9.313   -11.651 1.00 34.16 ? 91  GLY A N   1 
ATOM   706  C  CA  . GLY A 1 101 ? -0.933  9.735   -10.336 1.00 34.53 ? 91  GLY A CA  1 
ATOM   707  C  C   . GLY A 1 101 ? -1.856  8.787   -9.524  1.00 30.67 ? 91  GLY A C   1 
ATOM   708  O  O   . GLY A 1 101 ? -2.369  9.166   -8.509  1.00 30.39 ? 91  GLY A O   1 
ATOM   709  N  N   . ILE A 1 102 ? -2.110  7.598   -10.040 1.00 30.44 ? 92  ILE A N   1 
ATOM   710  C  CA  . ILE A 1 102 ? -3.088  6.647   -9.384  1.00 29.12 ? 92  ILE A CA  1 
ATOM   711  C  C   . ILE A 1 102 ? -2.609  6.229   -8.012  1.00 28.94 ? 92  ILE A C   1 
ATOM   712  O  O   . ILE A 1 102 ? -3.384  6.303   -7.075  1.00 28.41 ? 92  ILE A O   1 
ATOM   713  C  CB  . ILE A 1 102 ? -3.404  5.443   -10.248 1.00 30.65 ? 92  ILE A CB  1 
ATOM   714  C  CG1 . ILE A 1 102 ? -4.152  5.888   -11.530 1.00 33.43 ? 92  ILE A CG1 1 
ATOM   715  C  CG2 . ILE A 1 102 ? -4.263  4.377   -9.497  1.00 29.99 ? 92  ILE A CG2 1 
ATOM   716  C  CD1 . ILE A 1 102 ? -4.272  4.825   -12.592 1.00 37.84 ? 92  ILE A CD1 1 
ATOM   717  N  N   . ALA A 1 103 ? -1.340  5.785   -7.855  1.00 27.62 ? 93  ALA A N   1 
ATOM   718  C  CA  . ALA A 1 103 ? -0.883  5.495   -6.497  1.00 25.79 ? 93  ALA A CA  1 
ATOM   719  C  C   . ALA A 1 103 ? -0.985  6.644   -5.477  1.00 26.36 ? 93  ALA A C   1 
ATOM   720  O  O   . ALA A 1 103 ? -1.444  6.420   -4.374  1.00 26.98 ? 93  ALA A O   1 
ATOM   721  C  CB  . ALA A 1 103 ? 0.497   4.943   -6.471  1.00 27.86 ? 93  ALA A CB  1 
ATOM   722  N  N   . LYS A 1 104 ? -0.631  7.864   -5.923  1.00 29.28 ? 94  LYS A N   1 
ATOM   723  C  CA  . LYS A 1 104 ? -0.722  9.031   -5.045  1.00 27.55 ? 94  LYS A CA  1 
ATOM   724  C  C   . LYS A 1 104 ? -2.164  9.315   -4.718  1.00 25.11 ? 94  LYS A C   1 
ATOM   725  O  O   . LYS A 1 104 ? -2.452  9.607   -3.585  1.00 28.98 ? 94  LYS A O   1 
ATOM   726  C  CB  . LYS A 1 104 ? -0.094  10.269  -5.683  1.00 31.03 ? 94  LYS A CB  1 
ATOM   727  C  CG  . LYS A 1 104 ? -0.232  11.508  -4.794  1.00 34.86 ? 94  LYS A CG  1 
ATOM   728  C  CD  . LYS A 1 104 ? 0.581   12.637  -5.408  1.00 46.60 ? 94  LYS A CD  1 
ATOM   729  C  CE  . LYS A 1 104 ? 0.747   13.773  -4.415  1.00 51.39 ? 94  LYS A CE  1 
ATOM   730  N  NZ  . LYS A 1 104 ? 1.316   14.965  -5.123  1.00 54.21 ? 94  LYS A NZ  1 
ATOM   731  N  N   . ALA A 1 105 ? -3.085  9.155   -5.682  1.00 28.08 ? 95  ALA A N   1 
ATOM   732  C  CA  . ALA A 1 105 ? -4.544  9.360   -5.390  1.00 30.35 ? 95  ALA A CA  1 
ATOM   733  C  C   . ALA A 1 105 ? -5.064  8.336   -4.370  1.00 31.47 ? 95  ALA A C   1 
ATOM   734  O  O   . ALA A 1 105 ? -5.826  8.641   -3.437  1.00 28.12 ? 95  ALA A O   1 
ATOM   735  C  CB  . ALA A 1 105 ? -5.368  9.322   -6.662  1.00 31.71 ? 95  ALA A CB  1 
ATOM   736  N  N   . MET A 1 106 ? -4.610  7.073   -4.524  1.00 27.82 ? 96  MET A N   1 
ATOM   737  C  CA  . MET A 1 106 ? -4.999  6.097   -3.564  1.00 26.90 ? 96  MET A CA  1 
ATOM   738  C  C   . MET A 1 106 ? -4.511  6.404   -2.163  1.00 26.80 ? 96  MET A C   1 
ATOM   739  O  O   . MET A 1 106 ? -5.254  6.276   -1.204  1.00 26.90 ? 96  MET A O   1 
ATOM   740  C  CB  . MET A 1 106 ? -4.523  4.678   -3.998  1.00 24.95 ? 96  MET A CB  1 
ATOM   741  C  CG  . MET A 1 106 ? -5.241  4.121   -5.203  1.00 24.93 ? 96  MET A CG  1 
ATOM   742  S  SD  . MET A 1 106 ? -4.961  2.391   -5.617  1.00 26.87 ? 96  MET A SD  1 
ATOM   743  C  CE  . MET A 1 106 ? -3.271  2.390   -6.089  1.00 27.81 ? 96  MET A CE  1 
ATOM   744  N  N   . LEU A 1 107 ? -3.195  6.702   -2.022  1.00 25.42 ? 97  LEU A N   1 
ATOM   745  C  CA  . LEU A 1 107 ? -2.640  7.015   -0.717  1.00 24.93 ? 97  LEU A CA  1 
ATOM   746  C  C   . LEU A 1 107 ? -3.319  8.255   -0.074  1.00 25.68 ? 97  LEU A C   1 
ATOM   747  O  O   . LEU A 1 107 ? -3.661  8.261   1.113   1.00 27.83 ? 97  LEU A O   1 
ATOM   748  C  CB  . LEU A 1 107 ? -1.137  7.277   -0.823  1.00 27.26 ? 97  LEU A CB  1 
ATOM   749  C  CG  . LEU A 1 107 ? -0.412  7.655   0.465   1.00 25.99 ? 97  LEU A CG  1 
ATOM   750  C  CD1 . LEU A 1 107 ? -0.526  6.585   1.504   1.00 29.44 ? 97  LEU A CD1 1 
ATOM   751  C  CD2 . LEU A 1 107 ? 1.046   7.905   0.102   1.00 27.46 ? 97  LEU A CD2 1 
ATOM   752  N  N   . THR A 1 108 ? -3.516  9.277   -0.903  1.00 29.40 ? 98  THR A N   1 
ATOM   753  C  CA  . THR A 1 108 ? -4.241  10.488  -0.434  1.00 31.26 ? 98  THR A CA  1 
ATOM   754  C  C   . THR A 1 108 ? -5.623  10.095  0.129   1.00 32.22 ? 98  THR A C   1 
ATOM   755  O  O   . THR A 1 108 ? -6.066  10.555  1.224   1.00 31.30 ? 98  THR A O   1 
ATOM   756  C  CB  . THR A 1 108 ? -4.329  11.481  -1.603  1.00 32.75 ? 98  THR A CB  1 
ATOM   757  O  OG1 . THR A 1 108 ? -3.009  11.879  -2.023  1.00 34.68 ? 98  THR A OG1 1 
ATOM   758  C  CG2 . THR A 1 108 ? -5.176  12.778  -1.208  1.00 36.76 ? 98  THR A CG2 1 
ATOM   759  N  N   . GLY A 1 109 ? -6.311  9.221   -0.589  1.00 30.66 ? 99  GLY A N   1 
ATOM   760  C  CA  . GLY A 1 109 ? -7.586  8.637   -0.124  1.00 33.03 ? 99  GLY A CA  1 
ATOM   761  C  C   . GLY A 1 109 ? -7.514  8.001   1.243   1.00 34.51 ? 99  GLY A C   1 
ATOM   762  O  O   . GLY A 1 109 ? -8.376  8.161   2.077   1.00 32.06 ? 99  GLY A O   1 
ATOM   763  N  N   . LEU A 1 110 ? -6.467  7.202   1.530   1.00 29.15 ? 100 LEU A N   1 
ATOM   764  C  CA  . LEU A 1 110 ? -6.346  6.622   2.860   1.00 29.11 ? 100 LEU A CA  1 
ATOM   765  C  C   . LEU A 1 110 ? -6.064  7.619   3.947   1.00 27.39 ? 100 LEU A C   1 
ATOM   766  O  O   . LEU A 1 110 ? -6.336  7.360   5.093   1.00 32.34 ? 100 LEU A O   1 
ATOM   767  C  CB  . LEU A 1 110 ? -5.141  5.598   2.859   1.00 27.70 ? 100 LEU A CB  1 
ATOM   768  C  CG  . LEU A 1 110 ? -5.311  4.447   1.928   1.00 31.89 ? 100 LEU A CG  1 
ATOM   769  C  CD1 . LEU A 1 110 ? -4.079  3.557   2.114   1.00 32.44 ? 100 LEU A CD1 1 
ATOM   770  C  CD2 . LEU A 1 110 ? -6.567  3.687   2.230   1.00 31.70 ? 100 LEU A CD2 1 
ATOM   771  N  N   . MET A 1 111 ? -5.449  8.746   3.577   1.00 28.17 ? 101 MET A N   1 
ATOM   772  C  CA  . MET A 1 111 ? -5.114  9.748   4.516   1.00 29.05 ? 101 MET A CA  1 
ATOM   773  C  C   . MET A 1 111 ? -6.217  10.795  4.741   1.00 33.22 ? 101 MET A C   1 
ATOM   774  O  O   . MET A 1 111 ? -6.067  11.629  5.650   1.00 40.50 ? 101 MET A O   1 
ATOM   775  C  CB  . MET A 1 111 ? -3.888  10.518  4.105   1.00 29.60 ? 101 MET A CB  1 
ATOM   776  C  CG  . MET A 1 111 ? -2.585  9.704   4.026   1.00 29.60 ? 101 MET A CG  1 
ATOM   777  S  SD  . MET A 1 111 ? -2.072  9.007   5.560   1.00 28.74 ? 101 MET A SD  1 
ATOM   778  C  CE  . MET A 1 111 ? -1.340  10.510  6.361   1.00 30.95 ? 101 MET A CE  1 
ATOM   779  N  N   . ASN A 1 112 ? -7.183  10.850  3.854   1.00 32.23 ? 102 ASN A N   1 
ATOM   780  C  CA  . ASN A 1 112 ? -8.305  11.883  3.995   1.00 34.91 ? 102 ASN A CA  1 
ATOM   781  C  C   . ASN A 1 112 ? -9.539  11.069  4.102   1.00 36.42 ? 102 ASN A C   1 
ATOM   782  O  O   . ASN A 1 112 ? -10.119 10.699  3.094   1.00 39.88 ? 102 ASN A O   1 
ATOM   783  C  CB  . ASN A 1 112 ? -8.365  12.807  2.780   1.00 32.68 ? 102 ASN A CB  1 
ATOM   784  C  CG  . ASN A 1 112 ? -7.179  13.732  2.729   1.00 37.47 ? 102 ASN A CG  1 
ATOM   785  O  OD1 . ASN A 1 112 ? -7.243  14.822  3.246   1.00 41.59 ? 102 ASN A OD1 1 
ATOM   786  N  ND2 . ASN A 1 112 ? -6.019  13.252  2.182   1.00 38.12 ? 102 ASN A ND2 1 
ATOM   787  N  N   . GLN A 1 113 ? -9.969  10.847  5.314   1.00 38.10 ? 103 GLN A N   1 
ATOM   788  C  CA  . GLN A 1 113 ? -11.121 10.024  5.572   1.00 41.16 ? 103 GLN A CA  1 
ATOM   789  C  C   . GLN A 1 113 ? -11.742 10.253  6.982   1.00 47.05 ? 103 GLN A C   1 
ATOM   790  O  O   . GLN A 1 113 ? -11.395 11.334  7.692   1.00 38.98 ? 103 GLN A O   1 
ATOM   791  C  CB  . GLN A 1 113 ? -10.677 8.538   5.397   1.00 42.63 ? 103 GLN A CB  1 
ATOM   792  C  CG  . GLN A 1 113 ? -9.210  8.305   5.727   1.00 46.68 ? 103 GLN A CG  1 
ATOM   793  C  CD  . GLN A 1 113 ? -8.770  8.700   7.167   1.00 49.58 ? 103 GLN A CD  1 
ATOM   794  O  OE1 . GLN A 1 113 ? -9.589  9.049   8.051   1.00 49.75 ? 103 GLN A OE1 1 
ATOM   795  N  NE2 . GLN A 1 113 ? -7.466  8.645   7.393   1.00 39.47 ? 103 GLN A NE2 1 
ATOM   796  N  N   . LYS A 1 114 ? -12.642 9.285   7.386   1.00 40.64 ? 104 LYS A N   1 
ATOM   797  C  CA  . LYS A 1 114 ? -13.453 9.466   8.589   1.00 41.85 ? 104 LYS A CA  1 
ATOM   798  C  C   . LYS A 1 114 ? -13.037 8.852   9.950   1.00 46.41 ? 104 LYS A C   1 
ATOM   799  O  O   . LYS A 1 114 ? -13.748 8.968   10.969  1.00 53.54 ? 104 LYS A O   1 
ATOM   800  C  CB  . LYS A 1 114 ? -14.887 9.019   8.263   1.00 36.28 ? 104 LYS A CB  1 
ATOM   801  C  CG  . LYS A 1 114 ? -15.640 9.908   7.319   1.00 39.46 ? 104 LYS A CG  1 
ATOM   802  C  CD  . LYS A 1 114 ? -17.048 9.336   7.295   1.00 40.30 ? 104 LYS A CD  1 
ATOM   803  C  CE  . LYS A 1 114 ? -17.779 9.528   6.037   1.00 45.93 ? 104 LYS A CE  1 
ATOM   804  N  NZ  . LYS A 1 114 ? -19.174 9.003   6.353   1.00 37.00 ? 104 LYS A NZ  1 
ATOM   805  N  N   . ALA A 1 115 ? -11.908 8.216   10.001  1.00 36.43 ? 105 ALA A N   1 
ATOM   806  C  CA  . ALA A 1 115 ? -11.493 7.486   11.205  1.00 37.84 ? 105 ALA A CA  1 
ATOM   807  C  C   . ALA A 1 115 ? -11.476 8.238   12.516  1.00 40.74 ? 105 ALA A C   1 
ATOM   808  O  O   . ALA A 1 115 ? -11.211 9.474   12.528  1.00 38.13 ? 105 ALA A O   1 
ATOM   809  C  CB  . ALA A 1 115 ? -10.082 6.940   10.930  1.00 40.61 ? 105 ALA A CB  1 
ATOM   810  N  N   . CYS A 1 116 ? -11.591 7.489   13.617  1.00 39.59 ? 106 CYS A N   1 
ATOM   811  C  CA  . CYS A 1 116 ? -11.561 8.048   14.975  1.00 44.31 ? 106 CYS A CA  1 
ATOM   812  C  C   . CYS A 1 116 ? -10.243 8.772   15.207  1.00 39.44 ? 106 CYS A C   1 
ATOM   813  O  O   . CYS A 1 116 ? -10.237 9.907   15.625  1.00 41.54 ? 106 CYS A O   1 
ATOM   814  C  CB  . CYS A 1 116 ? -11.792 6.946   16.066  1.00 57.52 ? 106 CYS A CB  1 
ATOM   815  S  SG  . CYS A 1 116 ? -11.621 7.500   17.808  1.00 82.65 ? 106 CYS A SG  1 
ATOM   816  N  N   . HIS A 1 117 ? -9.135  8.106   14.842  1.00 38.01 ? 107 HIS A N   1 
ATOM   817  C  CA  . HIS A 1 117 ? -7.780  8.624   15.063  1.00 34.50 ? 107 HIS A CA  1 
ATOM   818  C  C   . HIS A 1 117 ? -7.193  9.053   13.793  1.00 30.72 ? 107 HIS A C   1 
ATOM   819  O  O   . HIS A 1 117 ? -7.263  8.386   12.785  1.00 32.43 ? 107 HIS A O   1 
ATOM   820  C  CB  . HIS A 1 117 ? -6.893  7.468   15.540  1.00 38.59 ? 107 HIS A CB  1 
ATOM   821  C  CG  . HIS A 1 117 ? -7.253  7.016   16.898  1.00 49.47 ? 107 HIS A CG  1 
ATOM   822  N  ND1 . HIS A 1 117 ? -6.817  7.680   18.018  1.00 53.69 ? 107 HIS A ND1 1 
ATOM   823  C  CD2 . HIS A 1 117 ? -8.083  6.031   17.316  1.00 52.87 ? 107 HIS A CD2 1 
ATOM   824  C  CE1 . HIS A 1 117 ? -7.324  7.082   19.086  1.00 66.72 ? 107 HIS A CE1 1 
ATOM   825  N  NE2 . HIS A 1 117 ? -8.109  6.091   18.683  1.00 63.86 ? 107 HIS A NE2 1 
ATOM   826  N  N   . GLY A 1 118 ? -6.498  10.184  13.817  1.00 29.97 ? 108 GLY A N   1 
ATOM   827  C  CA  . GLY A 1 118 ? -5.736  10.578  12.653  1.00 26.61 ? 108 GLY A CA  1 
ATOM   828  C  C   . GLY A 1 118 ? -4.505  9.650   12.474  1.00 23.97 ? 108 GLY A C   1 
ATOM   829  O  O   . GLY A 1 118 ? -4.086  9.014   13.415  1.00 28.07 ? 108 GLY A O   1 
ATOM   830  N  N   . VAL A 1 119 ? -3.974  9.780   11.276  1.00 22.66 ? 109 VAL A N   1 
ATOM   831  C  CA  . VAL A 1 119 ? -2.690  9.041   10.912  1.00 22.25 ? 109 VAL A CA  1 
ATOM   832  C  C   . VAL A 1 119 ? -1.534  9.953   11.352  1.00 22.94 ? 109 VAL A C   1 
ATOM   833  O  O   . VAL A 1 119 ? -1.231  10.912  10.649  1.00 25.48 ? 109 VAL A O   1 
ATOM   834  C  CB  . VAL A 1 119 ? -2.649  8.730   9.458   1.00 24.40 ? 109 VAL A CB  1 
ATOM   835  C  CG1 . VAL A 1 119 ? -1.312  8.029   9.112   1.00 25.82 ? 109 VAL A CG1 1 
ATOM   836  C  CG2 . VAL A 1 119 ? -3.762  7.800   9.018   1.00 27.78 ? 109 VAL A CG2 1 
ATOM   837  N  N   . ARG A 1 120 ? -0.927  9.571   12.441  1.00 23.34 ? 110 ARG A N   1 
ATOM   838  C  CA  . ARG A 1 120 ? 0.306   10.273  12.927  1.00 22.68 ? 110 ARG A CA  1 
ATOM   839  C  C   . ARG A 1 120 ? 1.600   9.818   12.233  1.00 23.40 ? 110 ARG A C   1 
ATOM   840  O  O   . ARG A 1 120 ? 2.498   10.599  11.944  1.00 23.74 ? 110 ARG A O   1 
ATOM   841  C  CB  . ARG A 1 120 ? 0.436   10.203  14.416  1.00 24.28 ? 110 ARG A CB  1 
ATOM   842  C  CG  . ARG A 1 120 ? 1.352   11.305  14.992  1.00 31.79 ? 110 ARG A CG  1 
ATOM   843  C  CD  . ARG A 1 120 ? 1.220   11.391  16.525  1.00 32.92 ? 110 ARG A CD  1 
ATOM   844  N  NE  . ARG A 1 120 ? 2.382   12.122  16.960  1.00 46.14 ? 110 ARG A NE  1 
ATOM   845  C  CZ  . ARG A 1 120 ? 3.335   11.678  17.786  1.00 46.82 ? 110 ARG A CZ  1 
ATOM   846  N  NH1 . ARG A 1 120 ? 3.245   10.513  18.411  1.00 52.56 ? 110 ARG A NH1 1 
ATOM   847  N  NH2 . ARG A 1 120 ? 4.361   12.455  18.024  1.00 51.98 ? 110 ARG A NH2 1 
ATOM   848  N  N   . PHE A 1 121 ? 1.645   8.530   11.839  1.00 23.32 ? 111 PHE A N   1 
ATOM   849  C  CA  . PHE A 1 121 ? 2.761   7.907   11.112  1.00 23.81 ? 111 PHE A CA  1 
ATOM   850  C  C   . PHE A 1 121 ? 2.274   6.986   9.994   1.00 21.81 ? 111 PHE A C   1 
ATOM   851  O  O   . PHE A 1 121 ? 1.270   6.265   10.230  1.00 23.10 ? 111 PHE A O   1 
ATOM   852  C  CB  . PHE A 1 121 ? 3.631   7.084   12.047  1.00 23.10 ? 111 PHE A CB  1 
ATOM   853  C  CG  . PHE A 1 121 ? 4.336   7.880   13.100  1.00 25.52 ? 111 PHE A CG  1 
ATOM   854  C  CD1 . PHE A 1 121 ? 5.522   8.501   12.766  1.00 24.72 ? 111 PHE A CD1 1 
ATOM   855  C  CD2 . PHE A 1 121 ? 3.820   8.019   14.369  1.00 28.98 ? 111 PHE A CD2 1 
ATOM   856  C  CE1 . PHE A 1 121 ? 6.242   9.242   13.739  1.00 27.83 ? 111 PHE A CE1 1 
ATOM   857  C  CE2 . PHE A 1 121 ? 4.508   8.762   15.329  1.00 30.08 ? 111 PHE A CE2 1 
ATOM   858  C  CZ  . PHE A 1 121 ? 5.691   9.386   14.981  1.00 28.09 ? 111 PHE A CZ  1 
ATOM   859  N  N   . ILE A 1 122 ? 2.960   6.999   8.878   1.00 22.59 ? 112 ILE A N   1 
ATOM   860  C  CA  . ILE A 1 122 ? 2.848   5.955   7.848   1.00 22.22 ? 112 ILE A CA  1 
ATOM   861  C  C   . ILE A 1 122 ? 4.084   5.044   8.088   1.00 24.46 ? 112 ILE A C   1 
ATOM   862  O  O   . ILE A 1 122 ? 5.179   5.556   8.184   1.00 25.12 ? 112 ILE A O   1 
ATOM   863  C  CB  . ILE A 1 122 ? 2.842   6.420   6.483   1.00 22.55 ? 112 ILE A CB  1 
ATOM   864  C  CG1 . ILE A 1 122 ? 1.576   7.293   6.198   1.00 25.01 ? 112 ILE A CG1 1 
ATOM   865  C  CG2 . ILE A 1 122 ? 2.882   5.260   5.477   1.00 26.31 ? 112 ILE A CG2 1 
ATOM   866  C  CD1 . ILE A 1 122 ? 1.615   8.046   4.933   1.00 28.60 ? 112 ILE A CD1 1 
ATOM   867  N  N   . GLU A 1 123 ? 3.886   3.724   8.156   1.00 20.99 ? 113 GLU A N   1 
ATOM   868  C  CA  . GLU A 1 123 ? 4.980   2.764   8.090   1.00 21.63 ? 113 GLU A CA  1 
ATOM   869  C  C   . GLU A 1 123 ? 4.772   1.885   6.881   1.00 22.25 ? 113 GLU A C   1 
ATOM   870  O  O   . GLU A 1 123 ? 3.665   1.496   6.611   1.00 21.47 ? 113 GLU A O   1 
ATOM   871  C  CB  . GLU A 1 123 ? 5.055   1.939   9.304   1.00 22.69 ? 113 GLU A CB  1 
ATOM   872  C  CG  . GLU A 1 123 ? 5.542   2.624   10.562  1.00 28.32 ? 113 GLU A CG  1 
ATOM   873  C  CD  . GLU A 1 123 ? 5.736   1.801   11.786  1.00 31.10 ? 113 GLU A CD  1 
ATOM   874  O  OE1 . GLU A 1 123 ? 6.159   2.391   12.814  1.00 33.39 ? 113 GLU A OE1 1 
ATOM   875  O  OE2 . GLU A 1 123 ? 5.539   0.542   11.826  1.00 31.38 ? 113 GLU A OE2 1 
ATOM   876  N  N   . THR A 1 124 ? 5.885   1.511   6.181   1.00 20.33 ? 114 THR A N   1 
ATOM   877  C  CA  . THR A 1 124 ? 5.769   0.681   5.031   1.00 20.32 ? 114 THR A CA  1 
ATOM   878  C  C   . THR A 1 124 ? 7.131   0.112   4.761   1.00 22.04 ? 114 THR A C   1 
ATOM   879  O  O   . THR A 1 124 ? 8.079   0.711   5.267   1.00 23.25 ? 114 THR A O   1 
ATOM   880  C  CB  . THR A 1 124 ? 5.194   1.409   3.822   1.00 22.26 ? 114 THR A CB  1 
ATOM   881  O  OG1 . THR A 1 124 ? 4.791   0.538   2.757   1.00 21.84 ? 114 THR A OG1 1 
ATOM   882  C  CG2 . THR A 1 124 ? 6.122   2.523   3.296   1.00 24.84 ? 114 THR A CG2 1 
ATOM   883  N  N   . THR A 1 125 ? 7.225   -0.921  3.980   1.00 22.52 ? 115 THR A N   1 
ATOM   884  C  CA  . THR A 1 125 ? 8.589   -1.347  3.574   1.00 22.26 ? 115 THR A CA  1 
ATOM   885  C  C   . THR A 1 125 ? 8.660   -1.229  2.071   1.00 22.47 ? 115 THR A C   1 
ATOM   886  O  O   . THR A 1 125 ? 7.691   -1.490  1.291   1.00 23.76 ? 115 THR A O   1 
ATOM   887  C  CB  . THR A 1 125 ? 9.008   -2.784  4.076   1.00 21.81 ? 115 THR A CB  1 
ATOM   888  O  OG1 . THR A 1 125 ? 8.262   -3.772  3.394   1.00 22.91 ? 115 THR A OG1 1 
ATOM   889  C  CG2 . THR A 1 125 ? 8.929   -2.988  5.490   1.00 23.13 ? 115 THR A CG2 1 
ATOM   890  N  N   . VAL A 1 126 ? 9.867   -0.815  1.570   1.00 22.13 ? 116 VAL A N   1 
ATOM   891  C  CA  . VAL A 1 126 ? 10.047  -0.565  0.154   1.00 21.92 ? 116 VAL A CA  1 
ATOM   892  C  C   . VAL A 1 126 ? 11.415  -1.165  -0.272  1.00 23.13 ? 116 VAL A C   1 
ATOM   893  O  O   . VAL A 1 126 ? 12.424  -0.543  0.059   1.00 23.78 ? 116 VAL A O   1 
ATOM   894  C  CB  . VAL A 1 126 ? 10.023  0.951   -0.229  1.00 24.29 ? 116 VAL A CB  1 
ATOM   895  C  CG1 . VAL A 1 126 ? 10.028  1.145   -1.707  1.00 26.51 ? 116 VAL A CG1 1 
ATOM   896  C  CG2 . VAL A 1 126 ? 8.724   1.582   0.366   1.00 26.25 ? 116 VAL A CG2 1 
ATOM   897  N  N   . SER A 1 127 ? 11.355  -2.206  -1.059  1.00 23.47 ? 117 SER A N   1 
ATOM   898  C  CA  . SER A 1 127 ? 12.680  -2.867  -1.462  1.00 23.38 ? 117 SER A CA  1 
ATOM   899  C  C   . SER A 1 127 ? 13.371  -1.873  -2.402  1.00 24.42 ? 117 SER A C   1 
ATOM   900  O  O   . SER A 1 127 ? 12.770  -1.031  -3.152  1.00 26.34 ? 117 SER A O   1 
ATOM   901  C  CB  . SER A 1 127 ? 12.392  -4.183  -2.166  1.00 26.12 ? 117 SER A CB  1 
ATOM   902  O  OG  . SER A 1 127 ? 11.952  -5.167  -1.250  1.00 27.67 ? 117 SER A OG  1 
ATOM   903  N  N   . PRO A 1 128 ? 14.712  -1.977  -2.446  1.00 24.58 ? 118 PRO A N   1 
ATOM   904  C  CA  . PRO A 1 128 ? 15.481  -1.033  -3.294  1.00 25.96 ? 118 PRO A CA  1 
ATOM   905  C  C   . PRO A 1 128 ? 15.104  -0.924  -4.757  1.00 26.11 ? 118 PRO A C   1 
ATOM   906  O  O   . PRO A 1 128 ? 15.180  0.151   -5.327  1.00 26.92 ? 118 PRO A O   1 
ATOM   907  C  CB  . PRO A 1 128 ? 16.930  -1.558  -3.065  1.00 25.34 ? 118 PRO A CB  1 
ATOM   908  C  CG  . PRO A 1 128 ? 16.945  -1.960  -1.649  1.00 26.89 ? 118 PRO A CG  1 
ATOM   909  C  CD  . PRO A 1 128 ? 15.584  -2.707  -1.514  1.00 25.47 ? 118 PRO A CD  1 
ATOM   910  N  N   . SER A 1 129 ? 14.716  -2.025  -5.368  1.00 25.31 ? 119 SER A N   1 
ATOM   911  C  CA  . SER A 1 129 ? 14.239  -2.047  -6.740  1.00 25.88 ? 119 SER A CA  1 
ATOM   912  C  C   . SER A 1 129 ? 12.906  -1.273  -7.017  1.00 26.86 ? 119 SER A C   1 
ATOM   913  O  O   . SER A 1 129 ? 12.560  -1.016  -8.175  1.00 29.38 ? 119 SER A O   1 
ATOM   914  C  CB  . SER A 1 129 ? 13.991  -3.466  -7.235  1.00 28.26 ? 119 SER A CB  1 
ATOM   915  O  OG  . SER A 1 129 ? 12.886  -4.099  -6.650  1.00 29.17 ? 119 SER A OG  1 
ATOM   916  N  N   . ASN A 1 130 ? 12.177  -1.032  -5.931  1.00 27.13 ? 120 ASN A N   1 
ATOM   917  C  CA  . ASN A 1 130 ? 10.839  -0.465  -6.021  1.00 27.42 ? 120 ASN A CA  1 
ATOM   918  C  C   . ASN A 1 130 ? 10.883  1.069   -6.091  1.00 27.49 ? 120 ASN A C   1 
ATOM   919  O  O   . ASN A 1 130 ? 10.444  1.766   -5.161  1.00 27.50 ? 120 ASN A O   1 
ATOM   920  C  CB  . ASN A 1 130 ? 9.948   -0.927  -4.862  1.00 26.01 ? 120 ASN A CB  1 
ATOM   921  C  CG  . ASN A 1 130 ? 9.534   -2.429  -4.904  1.00 32.16 ? 120 ASN A CG  1 
ATOM   922  O  OD1 . ASN A 1 130 ? 10.248  -3.344  -5.385  1.00 35.81 ? 120 ASN A OD1 1 
ATOM   923  N  ND2 . ASN A 1 130 ? 8.414   -2.697  -4.315  1.00 30.81 ? 120 ASN A ND2 1 
ATOM   924  N  N   . MET A 1 131 ? 11.422  1.561   -7.207  1.00 26.93 ? 121 MET A N   1 
ATOM   925  C  CA  . MET A 1 131 ? 11.672  3.001   -7.386  1.00 27.58 ? 121 MET A CA  1 
ATOM   926  C  C   . MET A 1 131 ? 10.392  3.865   -7.313  1.00 26.87 ? 121 MET A C   1 
ATOM   927  O  O   . MET A 1 131 ? 10.390  4.879   -6.638  1.00 28.76 ? 121 MET A O   1 
ATOM   928  C  CB  . MET A 1 131 ? 12.306  3.286   -8.757  1.00 32.13 ? 121 MET A CB  1 
ATOM   929  C  CG  . MET A 1 131 ? 12.864  4.695   -8.825  1.00 42.10 ? 121 MET A CG  1 
ATOM   930  S  SD  . MET A 1 131 ? 13.567  4.916   -10.487 1.00 55.80 ? 121 MET A SD  1 
ATOM   931  C  CE  . MET A 1 131 ? 15.144  4.252   -10.043 1.00 54.88 ? 121 MET A CE  1 
ATOM   932  N  N   . ALA A 1 132 ? 9.365   3.387   -7.973  1.00 27.55 ? 122 ALA A N   1 
ATOM   933  C  CA  . ALA A 1 132 ? 8.105   4.101   -7.992  1.00 28.05 ? 122 ALA A CA  1 
ATOM   934  C  C   . ALA A 1 132 ? 7.521   4.230   -6.595  1.00 26.31 ? 122 ALA A C   1 
ATOM   935  O  O   . ALA A 1 132 ? 6.976   5.293   -6.240  1.00 27.27 ? 122 ALA A O   1 
ATOM   936  C  CB  . ALA A 1 132 ? 7.156   3.523   -8.957  1.00 32.69 ? 122 ALA A CB  1 
ATOM   937  N  N   . SER A 1 133 ? 7.532   3.153   -5.804  1.00 26.59 ? 123 SER A N   1 
ATOM   938  C  CA  . SER A 1 133 ? 7.001   3.204   -4.468  1.00 25.00 ? 123 SER A CA  1 
ATOM   939  C  C   . SER A 1 133 ? 7.829   4.088   -3.587  1.00 25.86 ? 123 SER A C   1 
ATOM   940  O  O   . SER A 1 133 ? 7.351   4.823   -2.743  1.00 25.27 ? 123 SER A O   1 
ATOM   941  C  CB  . SER A 1 133 ? 6.846   1.854   -3.826  1.00 28.12 ? 123 SER A CB  1 
ATOM   942  O  OG  . SER A 1 133 ? 5.852   1.129   -4.555  1.00 32.32 ? 123 SER A OG  1 
ATOM   943  N  N   . ARG A 1 134 ? 9.166   4.024   -3.761  1.00 24.90 ? 124 ARG A N   1 
ATOM   944  C  CA  . ARG A 1 134 ? 9.978   4.927   -2.993  1.00 26.28 ? 124 ARG A CA  1 
ATOM   945  C  C   . ARG A 1 134 ? 9.713   6.383   -3.302  1.00 26.09 ? 124 ARG A C   1 
ATOM   946  O  O   . ARG A 1 134 ? 9.612   7.192   -2.375  1.00 30.05 ? 124 ARG A O   1 
ATOM   947  C  CB  . ARG A 1 134 ? 11.502  4.603   -3.275  1.00 30.45 ? 124 ARG A CB  1 
ATOM   948  C  CG  . ARG A 1 134 ? 12.470  5.382   -2.380  1.00 32.54 ? 124 ARG A CG  1 
ATOM   949  C  CD  . ARG A 1 134 ? 13.940  4.821   -2.399  1.00 34.31 ? 124 ARG A CD  1 
ATOM   950  N  NE  . ARG A 1 134 ? 14.425  4.597   -3.743  1.00 36.27 ? 124 ARG A NE  1 
ATOM   951  C  CZ  . ARG A 1 134 ? 14.501  3.406   -4.403  1.00 37.97 ? 124 ARG A CZ  1 
ATOM   952  N  NH1 . ARG A 1 134 ? 14.126  2.293   -3.808  1.00 36.99 ? 124 ARG A NH1 1 
ATOM   953  N  NH2 . ARG A 1 134 ? 14.934  3.380   -5.679  1.00 40.10 ? 124 ARG A NH2 1 
ATOM   954  N  N   . ARG A 1 135 ? 9.555   6.712   -4.573  1.00 27.29 ? 125 ARG A N   1 
ATOM   955  C  CA  A ARG A 1 135 ? 9.248   8.084   -4.894  0.50 31.12 ? 125 ARG A CA  1 
ATOM   956  C  CA  B ARG A 1 135 ? 9.173   8.051   -5.036  0.50 29.47 ? 125 ARG A CA  1 
ATOM   957  C  C   . ARG A 1 135 ? 7.830   8.459   -4.392  1.00 28.63 ? 125 ARG A C   1 
ATOM   958  O  O   . ARG A 1 135 ? 7.639   9.574   -3.896  1.00 27.80 ? 125 ARG A O   1 
ATOM   959  C  CB  A ARG A 1 135 ? 9.439   8.370   -6.363  0.50 33.24 ? 125 ARG A CB  1 
ATOM   960  C  CB  B ARG A 1 135 ? 9.027   8.050   -6.556  0.50 30.32 ? 125 ARG A CB  1 
ATOM   961  C  CG  A ARG A 1 135 ? 10.918  8.412   -6.777  0.50 37.97 ? 125 ARG A CG  1 
ATOM   962  C  CG  B ARG A 1 135 ? 8.520   9.341   -7.186  0.50 34.76 ? 125 ARG A CG  1 
ATOM   963  C  CD  A ARG A 1 135 ? 11.884  9.263   -5.869  0.50 44.15 ? 125 ARG A CD  1 
ATOM   964  C  CD  B ARG A 1 135 ? 8.716   9.358   -8.709  0.50 40.75 ? 125 ARG A CD  1 
ATOM   965  N  NE  A ARG A 1 135 ? 11.346  10.529  -5.316  0.50 44.84 ? 125 ARG A NE  1 
ATOM   966  N  NE  B ARG A 1 135 ? 9.615   8.317   -9.223  0.50 45.38 ? 125 ARG A NE  1 
ATOM   967  C  CZ  A ARG A 1 135 ? 11.820  11.145  -4.228  0.50 39.84 ? 125 ARG A CZ  1 
ATOM   968  C  CZ  B ARG A 1 135 ? 9.231   7.280   -9.982  0.50 45.85 ? 125 ARG A CZ  1 
ATOM   969  N  NH1 A ARG A 1 135 ? 12.833  10.615  -3.606  0.50 43.90 ? 125 ARG A NH1 1 
ATOM   970  N  NH1 B ARG A 1 135 ? 10.122  6.379   -10.375 0.50 40.51 ? 125 ARG A NH1 1 
ATOM   971  N  NH2 A ARG A 1 135 ? 11.268  12.259  -3.736  0.50 38.41 ? 125 ARG A NH2 1 
ATOM   972  N  NH2 B ARG A 1 135 ? 7.954   7.118   -10.323 0.50 46.53 ? 125 ARG A NH2 1 
ATOM   973  N  N   . LEU A 1 136 ? 6.882   7.523   -4.427  1.00 27.25 ? 126 LEU A N   1 
ATOM   974  C  CA  . LEU A 1 136 ? 5.551   7.799   -3.837  1.00 26.00 ? 126 LEU A CA  1 
ATOM   975  C  C   . LEU A 1 136 ? 5.655   8.278   -2.411  1.00 24.79 ? 126 LEU A C   1 
ATOM   976  O  O   . LEU A 1 136 ? 5.085   9.356   -2.005  1.00 26.57 ? 126 LEU A O   1 
ATOM   977  C  CB  . LEU A 1 136 ? 4.649   6.532   -3.905  1.00 27.45 ? 126 LEU A CB  1 
ATOM   978  C  CG  . LEU A 1 136 ? 3.290   6.563   -3.154  1.00 28.50 ? 126 LEU A CG  1 
ATOM   979  C  CD1 . LEU A 1 136 ? 2.410   7.568   -3.943  1.00 31.31 ? 126 LEU A CD1 1 
ATOM   980  C  CD2 . LEU A 1 136 ? 2.674   5.206   -3.141  1.00 28.79 ? 126 LEU A CD2 1 
ATOM   981  N  N   . PHE A 1 137 ? 6.263   7.497   -1.526  1.00 23.52 ? 127 PHE A N   1 
ATOM   982  C  CA  . PHE A 1 137 ? 6.303   7.778   -0.145  1.00 24.85 ? 127 PHE A CA  1 
ATOM   983  C  C   . PHE A 1 137 ? 7.192   8.950   0.209   1.00 26.31 ? 127 PHE A C   1 
ATOM   984  O  O   . PHE A 1 137 ? 6.846   9.761   1.055   1.00 25.89 ? 127 PHE A O   1 
ATOM   985  C  CB  . PHE A 1 137 ? 6.656   6.550   0.685   1.00 23.55 ? 127 PHE A CB  1 
ATOM   986  C  CG  . PHE A 1 137 ? 5.578   5.478   0.627   1.00 23.66 ? 127 PHE A CG  1 
ATOM   987  C  CD1 . PHE A 1 137 ? 4.393   5.640   1.350   1.00 25.55 ? 127 PHE A CD1 1 
ATOM   988  C  CD2 . PHE A 1 137 ? 5.758   4.293   -0.110  1.00 24.45 ? 127 PHE A CD2 1 
ATOM   989  C  CE1 . PHE A 1 137 ? 3.429   4.708   1.280   1.00 26.22 ? 127 PHE A CE1 1 
ATOM   990  C  CE2 . PHE A 1 137 ? 4.726   3.330   -0.175  1.00 25.34 ? 127 PHE A CE2 1 
ATOM   991  C  CZ  . PHE A 1 137 ? 3.546   3.596   0.515   1.00 25.42 ? 127 PHE A CZ  1 
ATOM   992  N  N   . LEU A 1 138 ? 8.395   8.984   -0.388  1.00 25.25 ? 128 LEU A N   1 
ATOM   993  C  CA  . LEU A 1 138 ? 9.312   10.096  -0.022  1.00 26.31 ? 128 LEU A CA  1 
ATOM   994  C  C   . LEU A 1 138 ? 8.789   11.401  -0.618  1.00 27.21 ? 128 LEU A C   1 
ATOM   995  O  O   . LEU A 1 138 ? 8.962   12.405  0.039   1.00 29.13 ? 128 LEU A O   1 
ATOM   996  C  CB  . LEU A 1 138 ? 10.785  9.796   -0.483  1.00 26.93 ? 128 LEU A CB  1 
ATOM   997  C  CG  . LEU A 1 138 ? 11.356  8.579   0.178   1.00 27.59 ? 128 LEU A CG  1 
ATOM   998  C  CD1 . LEU A 1 138 ? 12.767  8.413   -0.430  1.00 28.78 ? 128 LEU A CD1 1 
ATOM   999  C  CD2 . LEU A 1 138 ? 11.405  8.662   1.661   1.00 29.55 ? 128 LEU A CD2 1 
ATOM   1000 N  N   . GLY A 1 139 ? 8.140   11.361  -1.739  1.00 26.01 ? 129 GLY A N   1 
ATOM   1001 C  CA  . GLY A 1 139 ? 7.575   12.513  -2.399  1.00 30.13 ? 129 GLY A CA  1 
ATOM   1002 C  C   . GLY A 1 139 ? 6.380   13.015  -1.607  1.00 32.43 ? 129 GLY A C   1 
ATOM   1003 O  O   . GLY A 1 139 ? 6.223   14.237  -1.405  1.00 29.48 ? 129 GLY A O   1 
ATOM   1004 N  N   . TYR A 1 140 ? 5.564   12.102  -1.053  1.00 28.33 ? 130 TYR A N   1 
ATOM   1005 C  CA  . TYR A 1 140 ? 4.427   12.540  -0.210  1.00 26.21 ? 130 TYR A CA  1 
ATOM   1006 C  C   . TYR A 1 140 ? 4.959   13.235  1.015   1.00 26.86 ? 130 TYR A C   1 
ATOM   1007 O  O   . TYR A 1 140 ? 4.425   14.300  1.418   1.00 28.24 ? 130 TYR A O   1 
ATOM   1008 C  CB  . TYR A 1 140 ? 3.593   11.291  0.188   1.00 25.44 ? 130 TYR A CB  1 
ATOM   1009 C  CG  . TYR A 1 140 ? 2.244   11.568  0.745   1.00 25.59 ? 130 TYR A CG  1 
ATOM   1010 C  CD1 . TYR A 1 140 ? 1.196   11.712  -0.104  1.00 27.72 ? 130 TYR A CD1 1 
ATOM   1011 C  CD2 . TYR A 1 140 ? 2.062   11.681  2.084   1.00 27.66 ? 130 TYR A CD2 1 
ATOM   1012 C  CE1 . TYR A 1 140 ? -0.092  11.997  0.404   1.00 27.67 ? 130 TYR A CE1 1 
ATOM   1013 C  CE2 . TYR A 1 140 ? 0.761   11.978  2.589   1.00 27.99 ? 130 TYR A CE2 1 
ATOM   1014 C  CZ  . TYR A 1 140 ? -0.213  12.132  1.706   1.00 28.76 ? 130 TYR A CZ  1 
ATOM   1015 O  OH  . TYR A 1 140 ? -1.542  12.439  2.162   1.00 32.82 ? 130 TYR A OH  1 
ATOM   1016 N  N   . ALA A 1 141 ? 5.988   12.724  1.658   1.00 23.71 ? 131 ALA A N   1 
ATOM   1017 C  CA  . ALA A 1 141 ? 6.498   13.242  2.853   1.00 24.48 ? 131 ALA A CA  1 
ATOM   1018 C  C   . ALA A 1 141 ? 7.033   14.690  2.538   1.00 26.10 ? 131 ALA A C   1 
ATOM   1019 O  O   . ALA A 1 141 ? 6.846   15.606  3.333   1.00 27.73 ? 131 ALA A O   1 
ATOM   1020 C  CB  . ALA A 1 141 ? 7.589   12.361  3.445   1.00 29.21 ? 131 ALA A CB  1 
ATOM   1021 N  N   . GLU A 1 142 ? 7.751   14.818  1.444   1.00 27.83 ? 132 GLU A N   1 
ATOM   1022 C  CA  . GLU A 1 142 ? 8.352   16.097  1.022   1.00 33.60 ? 132 GLU A CA  1 
ATOM   1023 C  C   . GLU A 1 142 ? 7.244   17.111  0.739   1.00 32.82 ? 132 GLU A C   1 
ATOM   1024 O  O   . GLU A 1 142 ? 7.338   18.219  1.259   1.00 32.47 ? 132 GLU A O   1 
ATOM   1025 C  CB  . GLU A 1 142 ? 9.218   15.854  -0.232  1.00 35.83 ? 132 GLU A CB  1 
ATOM   1026 C  CG  . GLU A 1 142 ? 10.219  16.964  -0.546  1.00 54.93 ? 132 GLU A CG  1 
ATOM   1027 C  CD  . GLU A 1 142 ? 11.613  16.627  0.001   1.00 66.29 ? 132 GLU A CD  1 
ATOM   1028 O  OE1 . GLU A 1 142 ? 11.696  16.013  1.098   1.00 74.20 ? 132 GLU A OE1 1 
ATOM   1029 O  OE2 . GLU A 1 142 ? 12.624  16.969  -0.666  1.00 80.98 ? 132 GLU A OE2 1 
ATOM   1030 N  N   . GLU A 1 143 ? 6.220   16.716  -0.011  1.00 30.18 ? 133 GLU A N   1 
ATOM   1031 C  CA  . GLU A 1 143 ? 5.047   17.600  -0.288  1.00 30.57 ? 133 GLU A CA  1 
ATOM   1032 C  C   . GLU A 1 143 ? 4.472   18.122  0.999   1.00 32.11 ? 133 GLU A C   1 
ATOM   1033 O  O   . GLU A 1 143 ? 4.084   19.331  1.057   1.00 35.67 ? 133 GLU A O   1 
ATOM   1034 C  CB  . GLU A 1 143 ? 4.002   16.848  -1.073  1.00 35.42 ? 133 GLU A CB  1 
ATOM   1035 C  CG  . GLU A 1 143 ? 2.899   17.755  -1.558  1.00 48.64 ? 133 GLU A CG  1 
ATOM   1036 C  CD  . GLU A 1 143 ? 2.324   17.383  -2.909  1.00 58.68 ? 133 GLU A CD  1 
ATOM   1037 O  OE1 . GLU A 1 143 ? 2.359   18.228  -3.851  1.00 71.09 ? 133 GLU A OE1 1 
ATOM   1038 O  OE2 . GLU A 1 143 ? 1.814   16.259  -2.997  1.00 60.79 ? 133 GLU A OE2 1 
ATOM   1039 N  N   . LYS A 1 144 ? 4.334   17.298  2.048   1.00 30.01 ? 134 LYS A N   1 
ATOM   1040 C  CA  . LYS A 1 144 ? 3.670   17.674  3.303   1.00 26.30 ? 134 LYS A CA  1 
ATOM   1041 C  C   . LYS A 1 144 ? 4.625   18.321  4.332   1.00 27.10 ? 134 LYS A C   1 
ATOM   1042 O  O   . LYS A 1 144 ? 4.292   18.682  5.415   1.00 29.08 ? 134 LYS A O   1 
ATOM   1043 C  CB  . LYS A 1 144 ? 2.980   16.490  3.957   1.00 28.35 ? 134 LYS A CB  1 
ATOM   1044 C  CG  . LYS A 1 144 ? 2.021   15.765  3.062   1.00 29.65 ? 134 LYS A CG  1 
ATOM   1045 C  CD  . LYS A 1 144 ? 0.838   16.612  2.616   1.00 30.48 ? 134 LYS A CD  1 
ATOM   1046 C  CE  . LYS A 1 144 ? -0.121  15.888  1.635   1.00 30.36 ? 134 LYS A CE  1 
ATOM   1047 N  NZ  . LYS A 1 144 ? -1.245  16.793  1.303   1.00 29.48 ? 134 LYS A NZ  1 
ATOM   1048 N  N   . SER A 1 145 ? 5.934   18.357  3.975   1.00 28.29 ? 135 SER A N   1 
ATOM   1049 C  CA  . SER A 1 145 ? 7.003   18.801  4.914   1.00 30.12 ? 135 SER A CA  1 
ATOM   1050 C  C   . SER A 1 145 ? 7.077   18.019  6.206   1.00 28.20 ? 135 SER A C   1 
ATOM   1051 O  O   . SER A 1 145 ? 7.202   18.547  7.321   1.00 30.05 ? 135 SER A O   1 
ATOM   1052 C  CB  . SER A 1 145 ? 6.907   20.362  5.171   1.00 31.99 ? 135 SER A CB  1 
ATOM   1053 O  OG  . SER A 1 145 ? 6.986   21.000  3.949   1.00 32.89 ? 135 SER A OG  1 
ATOM   1054 N  N   . ILE A 1 146 ? 6.982   16.647  6.072   1.00 27.37 ? 136 ILE A N   1 
ATOM   1055 C  CA  . ILE A 1 146 ? 7.000   15.757  7.187   1.00 28.73 ? 136 ILE A CA  1 
ATOM   1056 C  C   . ILE A 1 146 ? 8.282   14.859  7.113   1.00 25.19 ? 136 ILE A C   1 
ATOM   1057 O  O   . ILE A 1 146 ? 8.605   14.497  5.981   1.00 28.84 ? 136 ILE A O   1 
ATOM   1058 C  CB  . ILE A 1 146 ? 5.698   14.890  7.142   1.00 28.33 ? 136 ILE A CB  1 
ATOM   1059 C  CG1 . ILE A 1 146 ? 4.476   15.831  7.386   1.00 30.18 ? 136 ILE A CG1 1 
ATOM   1060 C  CG2 . ILE A 1 146 ? 5.670   13.823  8.160   1.00 32.47 ? 136 ILE A CG2 1 
ATOM   1061 C  CD1 . ILE A 1 146 ? 4.588   16.638  8.612   1.00 30.95 ? 136 ILE A CD1 1 
ATOM   1062 N  N   . PRO A 1 147 ? 8.886   14.597  8.263   1.00 26.08 ? 137 PRO A N   1 
ATOM   1063 C  CA  . PRO A 1 147 ? 10.152  13.762  8.164   1.00 30.00 ? 137 PRO A CA  1 
ATOM   1064 C  C   . PRO A 1 147 ? 9.906   12.362  7.683   1.00 32.63 ? 137 PRO A C   1 
ATOM   1065 O  O   . PRO A 1 147 ? 8.813   11.797  7.931   1.00 28.12 ? 137 PRO A O   1 
ATOM   1066 C  CB  . PRO A 1 147 ? 10.626  13.685  9.607   1.00 32.43 ? 137 PRO A CB  1 
ATOM   1067 C  CG  . PRO A 1 147 ? 10.004  14.855  10.263  1.00 33.36 ? 137 PRO A CG  1 
ATOM   1068 C  CD  . PRO A 1 147 ? 8.650   15.039  9.632   1.00 28.29 ? 137 PRO A CD  1 
ATOM   1069 N  N   . SER A 1 148 ? 10.923  11.769  7.067   1.00 28.80 ? 138 SER A N   1 
ATOM   1070 C  CA  . SER A 1 148 ? 10.889  10.344  6.667   1.00 27.40 ? 138 SER A CA  1 
ATOM   1071 C  C   . SER A 1 148 ? 12.206  9.726   7.135   1.00 34.41 ? 138 SER A C   1 
ATOM   1072 O  O   . SER A 1 148 ? 13.266  10.405  7.125   1.00 31.62 ? 138 SER A O   1 
ATOM   1073 C  CB  . SER A 1 148 ? 10.705  10.232  5.219   1.00 30.57 ? 138 SER A CB  1 
ATOM   1074 O  OG  . SER A 1 148 ? 11.678  10.917  4.388   1.00 33.15 ? 138 SER A OG  1 
ATOM   1075 N  N   . THR A 1 149 ? 12.174  8.496   7.587   1.00 27.45 ? 139 THR A N   1 
ATOM   1076 C  CA  . THR A 1 149 ? 13.351  7.755   8.070   1.00 28.74 ? 139 THR A CA  1 
ATOM   1077 C  C   . THR A 1 149 ? 13.315  6.407   7.394   1.00 33.17 ? 139 THR A C   1 
ATOM   1078 O  O   . THR A 1 149 ? 12.238  5.804   7.271   1.00 29.09 ? 139 THR A O   1 
ATOM   1079 C  CB  . THR A 1 149 ? 13.307  7.571   9.571   1.00 35.76 ? 139 THR A CB  1 
ATOM   1080 O  OG1 . THR A 1 149 ? 13.158  8.868   10.144  1.00 49.24 ? 139 THR A OG1 1 
ATOM   1081 C  CG2 . THR A 1 149 ? 14.575  7.058   10.115  1.00 46.53 ? 139 THR A CG2 1 
ATOM   1082 N  N   . VAL A 1 150 ? 14.494  5.891   7.009   1.00 27.62 ? 140 VAL A N   1 
ATOM   1083 C  CA  . VAL A 1 150 ? 14.620  4.554   6.444   1.00 29.12 ? 140 VAL A CA  1 
ATOM   1084 C  C   . VAL A 1 150 ? 15.610  3.794   7.282   1.00 33.69 ? 140 VAL A C   1 
ATOM   1085 O  O   . VAL A 1 150 ? 16.723  4.285   7.624   1.00 34.01 ? 140 VAL A O   1 
ATOM   1086 C  CB  . VAL A 1 150 ? 15.049  4.540   5.011   1.00 27.78 ? 140 VAL A CB  1 
ATOM   1087 C  CG1 . VAL A 1 150 ? 15.217  3.111   4.477   1.00 31.05 ? 140 VAL A CG1 1 
ATOM   1088 C  CG2 . VAL A 1 150 ? 14.120  5.277   4.100   1.00 29.26 ? 140 VAL A CG2 1 
ATOM   1089 N  N   . THR A 1 151 ? 15.187  2.658   7.753   1.00 27.74 ? 141 THR A N   1 
ATOM   1090 C  CA  . THR A 1 151 ? 15.955  1.796   8.655   1.00 28.80 ? 141 THR A CA  1 
ATOM   1091 C  C   . THR A 1 151 ? 15.813  0.327   8.159   1.00 26.73 ? 141 THR A C   1 
ATOM   1092 O  O   . THR A 1 151 ? 15.143  0.015   7.184   1.00 25.58 ? 141 THR A O   1 
ATOM   1093 C  CB  . THR A 1 151 ? 15.540  1.873   10.098  1.00 34.09 ? 141 THR A CB  1 
ATOM   1094 O  OG1 . THR A 1 151 ? 14.169  1.390   10.286  1.00 36.64 ? 141 THR A OG1 1 
ATOM   1095 C  CG2 . THR A 1 151 ? 15.712  3.258   10.628  1.00 42.48 ? 141 THR A CG2 1 
ATOM   1096 N  N   . VAL A 1 152 ? 16.634  -0.559  8.728   1.00 31.14 ? 142 VAL A N   1 
ATOM   1097 C  CA  . VAL A 1 152 ? 16.539  -1.951  8.464   1.00 30.18 ? 142 VAL A CA  1 
ATOM   1098 C  C   . VAL A 1 152 ? 15.113  -2.374  8.818   1.00 30.41 ? 142 VAL A C   1 
ATOM   1099 O  O   . VAL A 1 152 ? 14.565  -2.051  9.873   1.00 32.62 ? 142 VAL A O   1 
ATOM   1100 C  CB  . VAL A 1 152 ? 17.557  -2.747  9.320   1.00 34.10 ? 142 VAL A CB  1 
ATOM   1101 C  CG1 . VAL A 1 152 ? 17.204  -4.173  9.362   1.00 37.33 ? 142 VAL A CG1 1 
ATOM   1102 C  CG2 . VAL A 1 152 ? 18.943  -2.605  8.679   1.00 36.05 ? 142 VAL A CG2 1 
ATOM   1103 N  N   . GLY A 1 153 ? 14.529  -3.069  7.918   1.00 29.60 ? 143 GLY A N   1 
ATOM   1104 C  CA  . GLY A 1 153 ? 13.178  -3.609  8.151   1.00 26.22 ? 143 GLY A CA  1 
ATOM   1105 C  C   . GLY A 1 153 ? 13.348  -5.129  8.150   1.00 25.94 ? 143 GLY A C   1 
ATOM   1106 O  O   . GLY A 1 153 ? 13.814  -5.695  9.151   1.00 29.34 ? 143 GLY A O   1 
ATOM   1107 N  N   . TYR A 1 154 ? 12.933  -5.803  7.119   1.00 24.16 ? 144 TYR A N   1 
ATOM   1108 C  CA  . TYR A 1 154 ? 13.116  -7.282  7.100   1.00 24.66 ? 144 TYR A CA  1 
ATOM   1109 C  C   . TYR A 1 154 ? 14.213  -7.539  6.037   1.00 24.50 ? 144 TYR A C   1 
ATOM   1110 O  O   . TYR A 1 154 ? 14.017  -7.371  4.835   1.00 25.85 ? 144 TYR A O   1 
ATOM   1111 C  CB  . TYR A 1 154 ? 11.806  -7.990  6.672   1.00 25.56 ? 144 TYR A CB  1 
ATOM   1112 C  CG  . TYR A 1 154 ? 10.553  -7.646  7.478   1.00 24.03 ? 144 TYR A CG  1 
ATOM   1113 C  CD1 . TYR A 1 154 ? 10.580  -7.550  8.806   1.00 24.68 ? 144 TYR A CD1 1 
ATOM   1114 C  CD2 . TYR A 1 154 ? 9.405   -7.424  6.826   1.00 27.98 ? 144 TYR A CD2 1 
ATOM   1115 C  CE1 . TYR A 1 154 ? 9.412   -7.155  9.543   1.00 24.36 ? 144 TYR A CE1 1 
ATOM   1116 C  CE2 . TYR A 1 154 ? 8.252   -7.091  7.512   1.00 28.18 ? 144 TYR A CE2 1 
ATOM   1117 C  CZ  . TYR A 1 154 ? 8.276   -6.971  8.820   1.00 27.76 ? 144 TYR A CZ  1 
ATOM   1118 O  OH  . TYR A 1 154 ? 7.111   -6.579  9.578   1.00 27.50 ? 144 TYR A OH  1 
ATOM   1119 N  N   . GLY A 1 155 ? 15.335  -8.047  6.532   1.00 27.43 ? 145 GLY A N   1 
ATOM   1120 C  CA  . GLY A 1 155 ? 16.403  -8.276  5.615   1.00 25.18 ? 145 GLY A CA  1 
ATOM   1121 C  C   . GLY A 1 155 ? 16.169  -9.546  4.769   1.00 23.89 ? 145 GLY A C   1 
ATOM   1122 O  O   . GLY A 1 155 ? 15.439  -10.464 5.185   1.00 25.54 ? 145 GLY A O   1 
ATOM   1123 N  N   . ALA A 1 156 ? 16.874  -9.630  3.646   1.00 23.84 ? 146 ALA A N   1 
ATOM   1124 C  CA  . ALA A 1 156 ? 16.793  -10.758 2.722   1.00 24.93 ? 146 ALA A CA  1 
ATOM   1125 C  C   . ALA A 1 156 ? 16.998  -12.054 3.482   1.00 25.13 ? 146 ALA A C   1 
ATOM   1126 O  O   . ALA A 1 156 ? 16.351  -13.068 3.142   1.00 24.61 ? 146 ALA A O   1 
ATOM   1127 C  CB  . ALA A 1 156 ? 17.818  -10.633 1.598   1.00 26.86 ? 146 ALA A CB  1 
ATOM   1128 N  N   . GLU A 1 157 ? 17.876  -12.057 4.476   1.00 26.12 ? 147 GLU A N   1 
ATOM   1129 C  CA  . GLU A 1 157 ? 18.223  -13.216 5.269   1.00 28.24 ? 147 GLU A CA  1 
ATOM   1130 C  C   . GLU A 1 157 ? 17.123  -13.812 6.134   1.00 27.96 ? 147 GLU A C   1 
ATOM   1131 O  O   . GLU A 1 157 ? 17.229  -14.963 6.541   1.00 29.90 ? 147 GLU A O   1 
ATOM   1132 C  CB  . GLU A 1 157 ? 19.455  -13.029 6.176   1.00 28.36 ? 147 GLU A CB  1 
ATOM   1133 C  CG  . GLU A 1 157 ? 19.386  -11.982 7.266   1.00 29.44 ? 147 GLU A CG  1 
ATOM   1134 C  CD  . GLU A 1 157 ? 19.512  -10.546 6.815   1.00 28.97 ? 147 GLU A CD  1 
ATOM   1135 O  OE1 . GLU A 1 157 ? 19.511  -10.182 5.648   1.00 27.21 ? 147 GLU A OE1 1 
ATOM   1136 O  OE2 . GLU A 1 157 ? 19.606  -9.692  7.712   1.00 37.42 ? 147 GLU A OE2 1 
ATOM   1137 N  N   . MET A 1 158 ? 16.036  -13.056 6.279   1.00 27.24 ? 148 MET A N   1 
ATOM   1138 C  CA  . MET A 1 158 ? 14.878  -13.563 7.065   1.00 26.84 ? 148 MET A CA  1 
ATOM   1139 C  C   . MET A 1 158 ? 13.978  -14.425 6.218   1.00 29.54 ? 148 MET A C   1 
ATOM   1140 O  O   . MET A 1 158 ? 13.056  -15.034 6.773   1.00 29.51 ? 148 MET A O   1 
ATOM   1141 C  CB  . MET A 1 158 ? 14.068  -12.313 7.540   1.00 29.37 ? 148 MET A CB  1 
ATOM   1142 C  CG  . MET A 1 158 ? 14.813  -11.496 8.566   1.00 30.24 ? 148 MET A CG  1 
ATOM   1143 S  SD  . MET A 1 158 ? 13.744  -10.163 9.275   1.00 33.68 ? 148 MET A SD  1 
ATOM   1144 C  CE  . MET A 1 158 ? 12.105  -10.970 9.675   1.00 31.23 ? 148 MET A CE  1 
ATOM   1145 N  N   . PHE A 1 159 ? 14.103  -14.394 4.911   1.00 24.12 ? 149 PHE A N   1 
ATOM   1146 C  CA  . PHE A 1 159 ? 13.227  -15.070 3.952   1.00 23.61 ? 149 PHE A CA  1 
ATOM   1147 C  C   . PHE A 1 159 ? 13.594  -16.551 3.813   1.00 28.95 ? 149 PHE A C   1 
ATOM   1148 O  O   . PHE A 1 159 ? 14.699  -16.933 4.207   1.00 31.80 ? 149 PHE A O   1 
ATOM   1149 C  CB  . PHE A 1 159 ? 13.099  -14.351 2.654   1.00 25.07 ? 149 PHE A CB  1 
ATOM   1150 C  CG  . PHE A 1 159 ? 12.373  -12.998 2.808   1.00 24.81 ? 149 PHE A CG  1 
ATOM   1151 C  CD1 . PHE A 1 159 ? 13.002  -11.870 3.292   1.00 24.93 ? 149 PHE A CD1 1 
ATOM   1152 C  CD2 . PHE A 1 159 ? 11.022  -12.917 2.511   1.00 26.47 ? 149 PHE A CD2 1 
ATOM   1153 C  CE1 . PHE A 1 159 ? 12.295  -10.678 3.532   1.00 26.04 ? 149 PHE A CE1 1 
ATOM   1154 C  CE2 . PHE A 1 159 ? 10.302  -11.709 2.679   1.00 26.45 ? 149 PHE A CE2 1 
ATOM   1155 C  CZ  . PHE A 1 159 ? 10.913  -10.607 3.227   1.00 25.00 ? 149 PHE A CZ  1 
ATOM   1156 N  N   . PRO A 1 160 ? 12.679  -17.365 3.261   1.00 29.84 ? 150 PRO A N   1 
ATOM   1157 C  CA  . PRO A 1 160 ? 12.897  -18.811 3.260   1.00 33.51 ? 150 PRO A CA  1 
ATOM   1158 C  C   . PRO A 1 160 ? 14.055  -19.237 2.396   1.00 38.37 ? 150 PRO A C   1 
ATOM   1159 O  O   . PRO A 1 160 ? 14.304  -18.635 1.332   1.00 33.99 ? 150 PRO A O   1 
ATOM   1160 C  CB  . PRO A 1 160 ? 11.589  -19.357 2.680   1.00 32.57 ? 150 PRO A CB  1 
ATOM   1161 C  CG  . PRO A 1 160 ? 10.505  -18.350 3.089   1.00 28.48 ? 150 PRO A CG  1 
ATOM   1162 C  CD  . PRO A 1 160 ? 11.265  -17.061 2.859   1.00 27.52 ? 150 PRO A CD  1 
ATOM   1163 N  N   . ASP A 1 161 ? 14.680  -20.309 2.875   1.00 39.67 ? 151 ASP A N   1 
ATOM   1164 C  CA  . ASP A 1 161 ? 15.602  -21.066 2.012   1.00 50.10 ? 151 ASP A CA  1 
ATOM   1165 C  C   . ASP A 1 161 ? 14.794  -21.546 0.819   1.00 47.60 ? 151 ASP A C   1 
ATOM   1166 O  O   . ASP A 1 161 ? 13.613  -22.058 0.946   1.00 50.72 ? 151 ASP A O   1 
ATOM   1167 C  CB  . ASP A 1 161 ? 16.139  -22.323 2.700   1.00 49.55 ? 151 ASP A CB  1 
ATOM   1168 C  CG  . ASP A 1 161 ? 17.055  -22.030 3.887   1.00 51.15 ? 151 ASP A CG  1 
ATOM   1169 O  OD1 . ASP A 1 161 ? 17.530  -20.907 4.069   1.00 51.22 ? 151 ASP A OD1 1 
ATOM   1170 O  OD2 . ASP A 1 161 ? 17.281  -22.960 4.668   1.00 55.79 ? 151 ASP A OD2 1 
ATOM   1171 N  N   . GLY A 1 162 ? 15.435  -21.426 -0.318  1.00 48.67 ? 152 GLY A N   1 
ATOM   1172 C  CA  . GLY A 1 162 ? 14.888  -21.925 -1.550  1.00 51.48 ? 152 GLY A CA  1 
ATOM   1173 C  C   . GLY A 1 162 ? 14.144  -20.888 -2.313  1.00 57.77 ? 152 GLY A C   1 
ATOM   1174 O  O   . GLY A 1 162 ? 13.460  -21.228 -3.272  1.00 65.26 ? 152 GLY A O   1 
ATOM   1175 N  N   . THR A 1 163 ? 14.249  -19.621 -1.881  1.00 61.90 ? 153 THR A N   1 
ATOM   1176 C  CA  . THR A 1 163 ? 13.505  -18.490 -2.454  1.00 53.17 ? 153 THR A CA  1 
ATOM   1177 C  C   . THR A 1 163 ? 14.492  -17.293 -2.465  1.00 45.51 ? 153 THR A C   1 
ATOM   1178 O  O   . THR A 1 163 ? 15.368  -17.230 -1.624  1.00 49.72 ? 153 THR A O   1 
ATOM   1179 C  CB  . THR A 1 163 ? 12.211  -18.178 -1.631  1.00 56.51 ? 153 THR A CB  1 
ATOM   1180 O  OG1 . THR A 1 163 ? 12.513  -17.450 -0.397  1.00 55.58 ? 153 THR A OG1 1 
ATOM   1181 C  CG2 . THR A 1 163 ? 11.406  -19.503 -1.260  1.00 58.90 ? 153 THR A CG2 1 
ATOM   1182 N  N   . THR A 1 164 ? 14.377  -16.397 -3.433  1.00 50.47 ? 154 THR A N   1 
ATOM   1183 C  CA  . THR A 1 164 ? 15.218  -15.194 -3.519  1.00 53.18 ? 154 THR A CA  1 
ATOM   1184 C  C   . THR A 1 164 ? 14.348  -13.970 -3.134  1.00 39.04 ? 154 THR A C   1 
ATOM   1185 O  O   . THR A 1 164 ? 13.165  -13.893 -3.536  1.00 45.42 ? 154 THR A O   1 
ATOM   1186 C  CB  . THR A 1 164 ? 15.788  -14.987 -4.940  1.00 61.60 ? 154 THR A CB  1 
ATOM   1187 O  OG1 . THR A 1 164 ? 14.729  -14.682 -5.866  1.00 64.44 ? 154 THR A OG1 1 
ATOM   1188 C  CG2 . THR A 1 164 ? 16.523  -16.246 -5.406  1.00 67.82 ? 154 THR A CG2 1 
ATOM   1189 N  N   . HIS A 1 165 ? 14.897  -13.081 -2.285  1.00 33.10 ? 155 HIS A N   1 
ATOM   1190 C  CA  . HIS A 1 165 ? 14.140  -11.879 -1.895  1.00 26.65 ? 155 HIS A CA  1 
ATOM   1191 C  C   . HIS A 1 165 ? 15.117  -10.727 -1.569  1.00 24.52 ? 155 HIS A C   1 
ATOM   1192 O  O   . HIS A 1 165 ? 16.140  -10.942 -0.919  1.00 28.60 ? 155 HIS A O   1 
ATOM   1193 C  CB  . HIS A 1 165 ? 13.264  -12.192 -0.641  1.00 26.44 ? 155 HIS A CB  1 
ATOM   1194 C  CG  . HIS A 1 165 ? 12.018  -11.322 -0.547  1.00 27.06 ? 155 HIS A CG  1 
ATOM   1195 N  ND1 . HIS A 1 165 ? 12.034  -10.009 -0.143  1.00 25.18 ? 155 HIS A ND1 1 
ATOM   1196 C  CD2 . HIS A 1 165 ? 10.727  -11.595 -0.871  1.00 25.47 ? 155 HIS A CD2 1 
ATOM   1197 C  CE1 . HIS A 1 165 ? 10.783  -9.525  -0.180  1.00 24.05 ? 155 HIS A CE1 1 
ATOM   1198 N  NE2 . HIS A 1 165 ? 9.983   -10.479 -0.623  1.00 25.24 ? 155 HIS A NE2 1 
ATOM   1199 N  N   . GLU A 1 166 ? 14.698  -9.515  -1.934  1.00 24.45 ? 156 GLU A N   1 
ATOM   1200 C  CA  . GLU A 1 166 ? 15.392  -8.307  -1.571  1.00 24.71 ? 156 GLU A CA  1 
ATOM   1201 C  C   . GLU A 1 166 ? 15.162  -7.988  -0.135  1.00 24.66 ? 156 GLU A C   1 
ATOM   1202 O  O   . GLU A 1 166 ? 14.144  -8.465  0.515   1.00 24.11 ? 156 GLU A O   1 
ATOM   1203 C  CB  . GLU A 1 166 ? 14.962  -7.117  -2.406  1.00 24.82 ? 156 GLU A CB  1 
ATOM   1204 C  CG  . GLU A 1 166 ? 15.216  -7.116  -3.848  1.00 27.83 ? 156 GLU A CG  1 
ATOM   1205 C  CD  . GLU A 1 166 ? 14.688  -5.892  -4.571  1.00 26.27 ? 156 GLU A CD  1 
ATOM   1206 O  OE1 . GLU A 1 166 ? 13.742  -6.044  -5.387  1.00 28.80 ? 156 GLU A OE1 1 
ATOM   1207 O  OE2 . GLU A 1 166 ? 15.257  -4.804  -4.322  1.00 28.65 ? 156 GLU A OE2 1 
ATOM   1208 N  N   . ASP A 1 167 ? 16.032  -7.146  0.455   1.00 22.62 ? 157 ASP A N   1 
ATOM   1209 C  CA  . ASP A 1 167 ? 15.702  -6.480  1.702   1.00 22.68 ? 157 ASP A CA  1 
ATOM   1210 C  C   . ASP A 1 167 ? 14.363  -5.708  1.538   1.00 21.98 ? 157 ASP A C   1 
ATOM   1211 O  O   . ASP A 1 167 ? 14.055  -5.239  0.431   1.00 24.26 ? 157 ASP A O   1 
ATOM   1212 C  CB  . ASP A 1 167 ? 16.747  -5.449  2.141   1.00 24.55 ? 157 ASP A CB  1 
ATOM   1213 C  CG  . ASP A 1 167 ? 18.100  -6.068  2.542   1.00 28.34 ? 157 ASP A CG  1 
ATOM   1214 O  OD1 . ASP A 1 167 ? 18.201  -7.255  2.855   1.00 26.29 ? 157 ASP A OD1 1 
ATOM   1215 O  OD2 . ASP A 1 167 ? 19.077  -5.240  2.580   1.00 27.03 ? 157 ASP A OD2 1 
ATOM   1216 N  N   . GLU A 1 168 ? 13.745  -5.557  2.714   1.00 24.43 ? 158 GLU A N   1 
ATOM   1217 C  CA  . GLU A 1 168 ? 12.493  -4.732  2.843   1.00 22.77 ? 158 GLU A CA  1 
ATOM   1218 C  C   . GLU A 1 168 ? 12.758  -3.695  3.918   1.00 22.03 ? 158 GLU A C   1 
ATOM   1219 O  O   . GLU A 1 168 ? 12.367  -3.831  5.080   1.00 23.26 ? 158 GLU A O   1 
ATOM   1220 C  CB  . GLU A 1 168 ? 11.376  -5.695  3.286   1.00 21.82 ? 158 GLU A CB  1 
ATOM   1221 C  CG  . GLU A 1 168 ? 10.861  -6.628  2.224   1.00 23.95 ? 158 GLU A CG  1 
ATOM   1222 C  CD  . GLU A 1 168 ? 9.981   -6.010  1.209   1.00 25.13 ? 158 GLU A CD  1 
ATOM   1223 O  OE1 . GLU A 1 168 ? 9.578   -4.760  1.310   1.00 25.25 ? 158 GLU A OE1 1 
ATOM   1224 O  OE2 . GLU A 1 168 ? 9.594   -6.737  0.252   1.00 26.32 ? 158 GLU A OE2 1 
ATOM   1225 N  N   . PRO A 1 169 ? 13.495  -2.664  3.566   1.00 24.61 ? 159 PRO A N   1 
ATOM   1226 C  CA  . PRO A 1 169 ? 13.757  -1.615  4.544   1.00 24.45 ? 159 PRO A CA  1 
ATOM   1227 C  C   . PRO A 1 169 ? 12.455  -0.894  5.014   1.00 22.67 ? 159 PRO A C   1 
ATOM   1228 O  O   . PRO A 1 169 ? 11.585  -0.725  4.158   1.00 23.77 ? 159 PRO A O   1 
ATOM   1229 C  CB  . PRO A 1 169 ? 14.588  -0.630  3.751   1.00 25.00 ? 159 PRO A CB  1 
ATOM   1230 C  CG  . PRO A 1 169 ? 15.016  -1.258  2.526   1.00 31.39 ? 159 PRO A CG  1 
ATOM   1231 C  CD  . PRO A 1 169 ? 14.082  -2.389  2.260   1.00 26.31 ? 159 PRO A CD  1 
ATOM   1232 N  N   . LEU A 1 170 ? 12.514  -0.495  6.247   1.00 24.11 ? 160 LEU A N   1 
ATOM   1233 C  CA  . LEU A 1 170 ? 11.355  0.117   6.925   1.00 21.84 ? 160 LEU A CA  1 
ATOM   1234 C  C   . LEU A 1 170 ? 11.418  1.612   6.655   1.00 25.36 ? 160 LEU A C   1 
ATOM   1235 O  O   . LEU A 1 170 ? 12.333  2.291   7.110   1.00 24.83 ? 160 LEU A O   1 
ATOM   1236 C  CB  . LEU A 1 170 ? 11.292  -0.190  8.395   1.00 23.55 ? 160 LEU A CB  1 
ATOM   1237 C  CG  . LEU A 1 170 ? 10.124  0.456   9.187   1.00 25.53 ? 160 LEU A CG  1 
ATOM   1238 C  CD1 . LEU A 1 170 ? 8.791   -0.149  8.717   1.00 28.49 ? 160 LEU A CD1 1 
ATOM   1239 C  CD2 . LEU A 1 170 ? 10.337  0.321   10.646  1.00 29.38 ? 160 LEU A CD2 1 
ATOM   1240 N  N   . PHE A 1 171 ? 10.315  2.162   6.135   1.00 23.75 ? 161 PHE A N   1 
ATOM   1241 C  CA  . PHE A 1 171 ? 10.092  3.589   5.965   1.00 23.73 ? 161 PHE A CA  1 
ATOM   1242 C  C   . PHE A 1 171 ? 9.110   4.054   6.977   1.00 26.61 ? 161 PHE A C   1 
ATOM   1243 O  O   . PHE A 1 171 ? 8.024   3.410   7.144   1.00 25.18 ? 161 PHE A O   1 
ATOM   1244 C  CB  . PHE A 1 171 ? 9.519   3.873   4.574   1.00 24.08 ? 161 PHE A CB  1 
ATOM   1245 C  CG  . PHE A 1 171 ? 10.523  3.850   3.446   1.00 26.47 ? 161 PHE A CG  1 
ATOM   1246 C  CD1 . PHE A 1 171 ? 11.254  2.690   3.173   1.00 26.87 ? 161 PHE A CD1 1 
ATOM   1247 C  CD2 . PHE A 1 171 ? 10.630  4.897   2.573   1.00 30.25 ? 161 PHE A CD2 1 
ATOM   1248 C  CE1 . PHE A 1 171 ? 12.123  2.679   2.103   1.00 27.72 ? 161 PHE A CE1 1 
ATOM   1249 C  CE2 . PHE A 1 171 ? 11.497  4.912   1.528   1.00 30.67 ? 161 PHE A CE2 1 
ATOM   1250 C  CZ  . PHE A 1 171 ? 12.308  3.774   1.289   1.00 28.25 ? 161 PHE A CZ  1 
ATOM   1251 N  N   . VAL A 1 172 ? 9.440   5.086   7.717   1.00 24.67 ? 162 VAL A N   1 
ATOM   1252 C  CA  . VAL A 1 172 ? 8.590   5.656   8.755   1.00 25.15 ? 162 VAL A CA  1 
ATOM   1253 C  C   . VAL A 1 172 ? 8.420   7.133   8.319   1.00 30.12 ? 162 VAL A C   1 
ATOM   1254 O  O   . VAL A 1 172 ? 9.431   7.901   8.235   1.00 28.44 ? 162 VAL A O   1 
ATOM   1255 C  CB  . VAL A 1 172 ? 9.085   5.519   10.163  1.00 27.97 ? 162 VAL A CB  1 
ATOM   1256 C  CG1 . VAL A 1 172 ? 8.138   6.189   11.174  1.00 29.87 ? 162 VAL A CG1 1 
ATOM   1257 C  CG2 . VAL A 1 172 ? 9.233   4.077   10.626  1.00 30.03 ? 162 VAL A CG2 1 
ATOM   1258 N  N   . ILE A 1 173 ? 7.179   7.548   8.088   1.00 26.36 ? 163 ILE A N   1 
ATOM   1259 C  CA  . ILE A 1 173 ? 6.866   8.872   7.590   1.00 24.63 ? 163 ILE A CA  1 
ATOM   1260 C  C   . ILE A 1 173 ? 6.056   9.513   8.706   1.00 28.80 ? 163 ILE A C   1 
ATOM   1261 O  O   . ILE A 1 173 ? 4.992   8.998   9.111   1.00 24.68 ? 163 ILE A O   1 
ATOM   1262 C  CB  . ILE A 1 173 ? 6.112   8.897   6.281   1.00 30.69 ? 163 ILE A CB  1 
ATOM   1263 C  CG1 . ILE A 1 173 ? 6.935   8.187   5.228   1.00 36.78 ? 163 ILE A CG1 1 
ATOM   1264 C  CG2 . ILE A 1 173 ? 5.784   10.352  5.863   1.00 32.02 ? 163 ILE A CG2 1 
ATOM   1265 C  CD1 . ILE A 1 173 ? 6.140   7.943   4.043   1.00 42.27 ? 163 ILE A CD1 1 
ATOM   1266 N  N   . GLY A 1 174 ? 6.585   10.594  9.311   1.00 23.88 ? 164 GLY A N   1 
ATOM   1267 C  CA  . GLY A 1 174 ? 5.914   11.266  10.422  1.00 24.29 ? 164 GLY A CA  1 
ATOM   1268 C  C   . GLY A 1 174 ? 6.834   11.820  11.453  1.00 28.22 ? 164 GLY A C   1 
ATOM   1269 O  O   . GLY A 1 174 ? 8.102   11.663  11.292  1.00 28.89 ? 164 GLY A O   1 
ATOM   1270 N  N   . PRO A 1 175 ? 6.323   12.405  12.508  1.00 26.73 ? 165 PRO A N   1 
ATOM   1271 C  CA  . PRO A 1 175 ? 4.889   12.612  12.803  1.00 25.05 ? 165 PRO A CA  1 
ATOM   1272 C  C   . PRO A 1 175 ? 4.185   13.631  11.920  1.00 30.36 ? 165 PRO A C   1 
ATOM   1273 O  O   . PRO A 1 175 ? 4.710   14.676  11.576  1.00 27.96 ? 165 PRO A O   1 
ATOM   1274 C  CB  . PRO A 1 175 ? 4.875   12.957  14.239  1.00 28.34 ? 165 PRO A CB  1 
ATOM   1275 C  CG  . PRO A 1 175 ? 6.125   13.785  14.416  1.00 30.95 ? 165 PRO A CG  1 
ATOM   1276 C  CD  . PRO A 1 175 ? 7.148   13.107  13.508  1.00 30.97 ? 165 PRO A CD  1 
ATOM   1277 N  N   . PHE A 1 176 ? 2.980   13.270  11.477  1.00 24.75 ? 166 PHE A N   1 
ATOM   1278 C  CA  . PHE A 1 176 ? 2.146   14.208  10.706  1.00 25.59 ? 166 PHE A CA  1 
ATOM   1279 C  C   . PHE A 1 176 ? 1.577   15.344  11.563  1.00 26.27 ? 166 PHE A C   1 
ATOM   1280 O  O   . PHE A 1 176 ? 1.222   16.380  11.012  1.00 26.31 ? 166 PHE A O   1 
ATOM   1281 C  CB  . PHE A 1 176 ? 0.975   13.476  9.977   1.00 24.91 ? 166 PHE A CB  1 
ATOM   1282 C  CG  . PHE A 1 176 ? 1.392   12.842  8.708   1.00 22.86 ? 166 PHE A CG  1 
ATOM   1283 C  CD1 . PHE A 1 176 ? 1.975   11.548  8.735   1.00 24.39 ? 166 PHE A CD1 1 
ATOM   1284 C  CD2 . PHE A 1 176 ? 1.295   13.467  7.493   1.00 25.19 ? 166 PHE A CD2 1 
ATOM   1285 C  CE1 . PHE A 1 176 ? 2.414   11.003  7.607   1.00 23.65 ? 166 PHE A CE1 1 
ATOM   1286 C  CE2 . PHE A 1 176 ? 1.707   12.892  6.327   1.00 31.28 ? 166 PHE A CE2 1 
ATOM   1287 C  CZ  . PHE A 1 176 ? 2.278   11.598  6.371   1.00 28.32 ? 166 PHE A CZ  1 
ATOM   1288 N  N   . PHE A 1 177 ? 1.475   15.116  12.827  1.00 25.08 ? 167 PHE A N   1 
ATOM   1289 C  CA  . PHE A 1 177 ? 1.044   16.072  13.863  1.00 28.64 ? 167 PHE A CA  1 
ATOM   1290 C  C   . PHE A 1 177 ? 1.545   15.666  15.171  1.00 31.33 ? 167 PHE A C   1 
ATOM   1291 O  O   . PHE A 1 177 ? 1.925   14.525  15.452  1.00 30.58 ? 167 PHE A O   1 
ATOM   1292 C  CB  . PHE A 1 177 ? -0.543  16.142  13.906  1.00 26.36 ? 167 PHE A CB  1 
ATOM   1293 C  CG  . PHE A 1 177 ? -1.241  14.840  14.198  1.00 25.46 ? 167 PHE A CG  1 
ATOM   1294 C  CD1 . PHE A 1 177 ? -1.520  14.444  15.495  1.00 29.11 ? 167 PHE A CD1 1 
ATOM   1295 C  CD2 . PHE A 1 177 ? -1.682  14.031  13.163  1.00 25.32 ? 167 PHE A CD2 1 
ATOM   1296 C  CE1 . PHE A 1 177 ? -2.229  13.285  15.779  1.00 30.78 ? 167 PHE A CE1 1 
ATOM   1297 C  CE2 . PHE A 1 177 ? -2.359  12.867  13.475  1.00 26.34 ? 167 PHE A CE2 1 
ATOM   1298 C  CZ  . PHE A 1 177 ? -2.618  12.471  14.742  1.00 28.79 ? 167 PHE A CZ  1 
ATOM   1299 N  N   . ASN A 1 178 ? 1.420   16.578  16.128  1.00 39.75 ? 168 ASN A N   1 
ATOM   1300 C  CA  . ASN A 1 178 ? 1.806   16.257  17.521  1.00 49.43 ? 168 ASN A CA  1 
ATOM   1301 C  C   . ASN A 1 178 ? 0.696   16.175  18.578  1.00 56.58 ? 168 ASN A C   1 
ATOM   1302 O  O   . ASN A 1 178 ? -0.444  16.596  18.304  1.00 57.31 ? 168 ASN A O   1 
ATOM   1303 C  CB  . ASN A 1 178 ? 2.956   17.191  17.928  1.00 54.47 ? 168 ASN A CB  1 
ATOM   1304 C  CG  . ASN A 1 178 ? 4.267   16.769  17.263  1.00 59.12 ? 168 ASN A CG  1 
ATOM   1305 O  OD1 . ASN A 1 178 ? 4.633   15.584  17.315  1.00 59.78 ? 168 ASN A OD1 1 
ATOM   1306 N  ND2 . ASN A 1 178 ? 4.920   17.685  16.560  1.00 60.12 ? 168 ASN A ND2 1 
HETATM 1307 N  N   . DAB B 2 .   ? 7.136   -7.001  -0.843  1.00 26.29 ? 201 DAB A N   1 
HETATM 1308 C  CA  . DAB B 2 .   ? 6.024   -6.865  0.175   1.00 24.43 ? 201 DAB A CA  1 
HETATM 1309 C  C   . DAB B 2 .   ? 4.750   -7.364  -0.393  1.00 24.78 ? 201 DAB A C   1 
HETATM 1310 O  O   . DAB B 2 .   ? 4.611   -7.481  -1.570  1.00 23.77 ? 201 DAB A O   1 
HETATM 1311 C  CB  . DAB B 2 .   ? 5.977   -5.472  0.819   1.00 25.33 ? 201 DAB A CB  1 
HETATM 1312 C  CG  . DAB B 2 .   ? 5.489   -4.520  -0.189  1.00 26.86 ? 201 DAB A CG  1 
HETATM 1313 N  ND  . DAB B 2 .   ? 5.535   -3.157  0.376   1.00 24.43 ? 201 DAB A ND  1 
HETATM 1314 O  OXT . DAB B 2 .   ? 3.868   -7.641  0.464   1.00 26.16 ? 201 DAB A OXT 1 
HETATM 1315 N  N   . DAB C 2 .   ? 2.745   4.271   -11.281 0.85 47.66 ? 202 DAB A N   1 
HETATM 1316 C  CA  . DAB C 2 .   ? 2.511   4.183   -9.820  0.85 46.76 ? 202 DAB A CA  1 
HETATM 1317 C  C   . DAB C 2 .   ? 1.888   5.506   -9.892  0.85 41.52 ? 202 DAB A C   1 
HETATM 1318 O  O   . DAB C 2 .   ? 2.585   6.511   -9.928  0.85 58.55 ? 202 DAB A O   1 
HETATM 1319 C  CB  . DAB C 2 .   ? 3.749   4.094   -8.927  0.85 43.42 ? 202 DAB A CB  1 
HETATM 1320 C  CG  . DAB C 2 .   ? 3.818   4.245   -7.386  0.85 38.39 ? 202 DAB A CG  1 
HETATM 1321 N  ND  . DAB C 2 .   ? 3.926   2.938   -6.608  0.85 39.98 ? 202 DAB A ND  1 
HETATM 1322 O  OXT . DAB C 2 .   ? 0.687   5.697   -9.934  0.85 34.44 ? 202 DAB A OXT 1 
HETATM 1323 NA NA  . NA  D 3 .   ? 1.360   8.158   -8.343  1.00 39.90 ? 203 NA  A NA  1 
HETATM 1324 NA NA  . NA  E 3 .   ? -0.568  6.001   -12.204 1.00 40.06 ? 204 NA  A NA  1 
HETATM 1325 NA NA  . NA  F 3 .   ? 2.795   -9.878  1.099   1.00 33.02 ? 205 NA  A NA  1 
HETATM 1326 C  C1  . GOL G 4 .   ? 6.690   -2.716  14.504  1.00 63.54 ? 206 GOL A C1  1 
HETATM 1327 O  O1  . GOL G 4 .   ? 5.679   -3.348  15.312  1.00 50.64 ? 206 GOL A O1  1 
HETATM 1328 C  C2  . GOL G 4 .   ? 8.008   -2.528  15.283  1.00 72.12 ? 206 GOL A C2  1 
HETATM 1329 O  O2  . GOL G 4 .   ? 8.892   -3.648  15.056  1.00 66.13 ? 206 GOL A O2  1 
HETATM 1330 C  C3  . GOL G 4 .   ? 8.667   -1.227  14.825  1.00 73.59 ? 206 GOL A C3  1 
HETATM 1331 O  O3  . GOL G 4 .   ? 8.809   -1.290  13.398  1.00 63.67 ? 206 GOL A O3  1 
HETATM 1332 O  O   . HOH H 5 .   ? 2.982   1.624   -8.288  1.00 50.95 ? 301 HOH A O   1 
HETATM 1333 O  O   . HOH H 5 .   ? 2.282   8.370   -11.314 1.00 41.23 ? 302 HOH A O   1 
HETATM 1334 O  O   . HOH H 5 .   ? 18.424  -17.033 6.163   1.00 52.34 ? 303 HOH A O   1 
HETATM 1335 O  O   . HOH H 5 .   ? 13.739  -5.121  11.530  1.00 44.19 ? 304 HOH A O   1 
HETATM 1336 O  O   . HOH H 5 .   ? 3.577   -3.104  16.566  1.00 51.11 ? 305 HOH A O   1 
HETATM 1337 O  O   . HOH H 5 .   ? 11.174  -15.343 -0.593  1.00 51.05 ? 306 HOH A O   1 
HETATM 1338 O  O   . HOH H 5 .   ? 16.135  -16.714 0.710   1.00 52.45 ? 307 HOH A O   1 
HETATM 1339 O  O   . HOH H 5 .   ? -16.732 -5.046  3.616   1.00 49.32 ? 308 HOH A O   1 
HETATM 1340 O  O   . HOH H 5 .   ? -14.441 -6.996  -8.613  1.00 47.16 ? 309 HOH A O   1 
HETATM 1341 O  O   . HOH H 5 .   ? -6.784  9.843   -10.635 1.00 43.21 ? 310 HOH A O   1 
HETATM 1342 O  O   . HOH H 5 .   ? 13.126  -8.399  -6.310  1.00 45.83 ? 311 HOH A O   1 
HETATM 1343 O  O   . HOH H 5 .   ? 15.542  -17.495 6.617   1.00 41.09 ? 312 HOH A O   1 
HETATM 1344 O  O   . HOH H 5 .   ? -1.360  -17.925 -11.032 1.00 49.18 ? 313 HOH A O   1 
HETATM 1345 O  O   . HOH H 5 .   ? 10.509  14.675  4.168   1.00 40.24 ? 314 HOH A O   1 
HETATM 1346 O  O   . HOH H 5 .   ? 5.220   4.611   13.896  1.00 45.34 ? 315 HOH A O   1 
HETATM 1347 O  O   . HOH H 5 .   ? -17.072 -0.356  -2.576  1.00 42.75 ? 316 HOH A O   1 
HETATM 1348 O  O   . HOH H 5 .   ? 1.173   8.256   17.614  1.00 43.30 ? 317 HOH A O   1 
HETATM 1349 O  O   . HOH H 5 .   ? 2.985   -0.446  15.614  1.00 32.49 ? 318 HOH A O   1 
HETATM 1350 O  O   . HOH H 5 .   ? -12.434 0.387   10.665  1.00 42.31 ? 319 HOH A O   1 
HETATM 1351 O  O   . HOH H 5 .   ? 18.838  -7.227  8.377   1.00 36.84 ? 320 HOH A O   1 
HETATM 1352 O  O   . HOH H 5 .   ? 21.429  -5.452  1.334   1.00 35.37 ? 321 HOH A O   1 
HETATM 1353 O  O   . HOH H 5 .   ? -2.676  12.727  9.319   1.00 26.85 ? 322 HOH A O   1 
HETATM 1354 O  O   . HOH H 5 .   ? -11.020 8.233   1.647   1.00 42.69 ? 323 HOH A O   1 
HETATM 1355 O  O   . HOH H 5 .   ? 15.605  1.514   -7.597  1.00 41.36 ? 324 HOH A O   1 
HETATM 1356 O  O   . HOH H 5 .   ? 4.450   -1.669  -14.351 1.00 49.68 ? 325 HOH A O   1 
HETATM 1357 O  O   . HOH H 5 .   ? 4.283   -2.395  -6.557  1.00 44.34 ? 326 HOH A O   1 
HETATM 1358 O  O   . HOH H 5 .   ? 6.510   16.617  12.022  1.00 42.01 ? 327 HOH A O   1 
HETATM 1359 O  O   . HOH H 5 .   ? -7.819  -7.622  -12.018 1.00 37.11 ? 328 HOH A O   1 
HETATM 1360 O  O   . HOH H 5 .   ? -7.544  5.123   8.473   1.00 38.28 ? 329 HOH A O   1 
HETATM 1361 O  O   . HOH H 5 .   ? 0.955   -4.121  -12.154 1.00 31.44 ? 330 HOH A O   1 
HETATM 1362 O  O   . HOH H 5 .   ? 18.677  -10.784 -1.828  1.00 27.44 ? 331 HOH A O   1 
HETATM 1363 O  O   . HOH H 5 .   ? -13.250 -10.158 -7.829  1.00 31.20 ? 332 HOH A O   1 
HETATM 1364 O  O   . HOH H 5 .   ? -1.763  -3.668  -17.408 1.00 46.44 ? 333 HOH A O   1 
HETATM 1365 O  O   . HOH H 5 .   ? 2.796   -10.814 -7.368  1.00 27.51 ? 334 HOH A O   1 
HETATM 1366 O  O   . HOH H 5 .   ? 9.856   9.573   10.331  1.00 34.28 ? 335 HOH A O   1 
HETATM 1367 O  O   . HOH H 5 .   ? -7.656  10.641  -3.604  1.00 42.70 ? 336 HOH A O   1 
HETATM 1368 O  O   . HOH H 5 .   ? 5.675   -1.551  -4.141  1.00 42.63 ? 337 HOH A O   1 
HETATM 1369 O  O   . HOH H 5 .   ? 8.762   -3.606  -1.013  1.00 26.00 ? 338 HOH A O   1 
HETATM 1370 O  O   . HOH H 5 .   ? 10.777  -7.142  -2.705  1.00 30.17 ? 339 HOH A O   1 
HETATM 1371 O  O   . HOH H 5 .   ? -2.707  11.848  -8.194  1.00 36.43 ? 340 HOH A O   1 
HETATM 1372 O  O   . HOH H 5 .   ? -8.749  9.873   -14.335 1.00 56.21 ? 341 HOH A O   1 
HETATM 1373 O  O   . HOH H 5 .   ? -1.969  -7.032  0.814   1.00 24.06 ? 342 HOH A O   1 
HETATM 1374 O  O   . HOH H 5 .   ? -13.778 -4.582  10.260  1.00 27.21 ? 343 HOH A O   1 
HETATM 1375 O  O   . HOH H 5 .   ? 14.146  -21.491 5.284   1.00 40.55 ? 344 HOH A O   1 
HETATM 1376 O  O   . HOH H 5 .   ? -17.112 -12.511 6.758   1.00 34.21 ? 345 HOH A O   1 
HETATM 1377 O  O   . HOH H 5 .   ? 10.813  12.739  2.052   1.00 35.89 ? 346 HOH A O   1 
HETATM 1378 O  O   . HOH H 5 .   ? 13.970  1.539   -0.873  1.00 33.91 ? 347 HOH A O   1 
HETATM 1379 O  O   . HOH H 5 .   ? 5.059   21.249  -0.668  1.00 50.13 ? 348 HOH A O   1 
HETATM 1380 O  O   . HOH H 5 .   ? 16.909  -14.266 0.712   1.00 47.24 ? 349 HOH A O   1 
HETATM 1381 O  O   . HOH H 5 .   ? 4.959   -2.686  3.176   1.00 22.38 ? 350 HOH A O   1 
HETATM 1382 O  O   . HOH H 5 .   ? 4.452   21.378  2.900   1.00 38.88 ? 351 HOH A O   1 
HETATM 1383 O  O   . HOH H 5 .   ? 1.434   5.755   16.435  1.00 37.26 ? 352 HOH A O   1 
HETATM 1384 O  O   . HOH H 5 .   ? -6.149  -3.099  12.491  1.00 29.11 ? 353 HOH A O   1 
HETATM 1385 O  O   . HOH H 5 .   ? -9.062  -1.257  8.623   1.00 23.60 ? 354 HOH A O   1 
HETATM 1386 O  O   . HOH H 5 .   ? 5.846   7.088   -8.034  1.00 43.87 ? 355 HOH A O   1 
HETATM 1387 O  O   . HOH H 5 .   ? 17.884  -4.741  -3.421  1.00 27.15 ? 356 HOH A O   1 
HETATM 1388 O  O   . HOH H 5 .   ? -17.647 -6.288  5.242   1.00 44.09 ? 357 HOH A O   1 
HETATM 1389 O  O   . HOH H 5 .   ? -10.273 3.456   2.349   1.00 39.60 ? 358 HOH A O   1 
HETATM 1390 O  O   . HOH H 5 .   ? -7.382  4.850   5.702   1.00 39.68 ? 359 HOH A O   1 
HETATM 1391 O  O   . HOH H 5 .   ? 2.132   19.009  11.218  1.00 43.85 ? 360 HOH A O   1 
HETATM 1392 O  O   . HOH H 5 .   ? 7.544   -5.146  -3.108  1.00 28.46 ? 361 HOH A O   1 
HETATM 1393 O  O   . HOH H 5 .   ? 1.034   -16.888 -3.825  1.00 31.58 ? 362 HOH A O   1 
HETATM 1394 O  O   . HOH H 5 .   ? 4.111   -15.516 -2.120  1.00 34.15 ? 363 HOH A O   1 
HETATM 1395 O  O   . HOH H 5 .   ? 1.647   -6.838  -15.843 1.00 49.70 ? 364 HOH A O   1 
HETATM 1396 O  O   . HOH H 5 .   ? 5.024   -2.160  -9.261  1.00 43.88 ? 365 HOH A O   1 
HETATM 1397 O  O   . HOH H 5 .   ? 4.758   0.730   14.621  1.00 47.75 ? 366 HOH A O   1 
HETATM 1398 O  O   . HOH H 5 .   ? 10.280  -6.220  -5.350  1.00 30.93 ? 367 HOH A O   1 
HETATM 1399 O  O   . HOH H 5 .   ? 3.194   -12.669 -9.276  1.00 38.34 ? 368 HOH A O   1 
HETATM 1400 O  O   . HOH H 5 .   ? 18.233  -6.245  -1.083  1.00 26.51 ? 369 HOH A O   1 
HETATM 1401 O  O   . HOH H 5 .   ? 5.371   -0.011  0.037   1.00 28.67 ? 370 HOH A O   1 
HETATM 1402 O  O   . HOH H 5 .   ? 18.692  -2.743  1.292   1.00 30.92 ? 371 HOH A O   1 
HETATM 1403 O  O   . HOH H 5 .   ? -13.526 8.421   -7.488  1.00 37.19 ? 372 HOH A O   1 
HETATM 1404 O  O   . HOH H 5 .   ? -10.975 -7.181  -1.849  1.00 31.17 ? 373 HOH A O   1 
HETATM 1405 O  O   . HOH H 5 .   ? 16.326  -7.775  9.192   1.00 39.85 ? 374 HOH A O   1 
HETATM 1406 O  O   . HOH H 5 .   ? 3.609   11.063  -3.757  1.00 35.48 ? 375 HOH A O   1 
HETATM 1407 O  O   . HOH H 5 .   ? 8.372   -8.363  -3.085  1.00 28.09 ? 376 HOH A O   1 
HETATM 1408 O  O   . HOH H 5 .   ? 0.801   16.879  8.230   1.00 29.50 ? 377 HOH A O   1 
HETATM 1409 O  O   . HOH H 5 .   ? 9.031   -9.757  -6.278  1.00 47.64 ? 378 HOH A O   1 
HETATM 1410 O  O   . HOH H 5 .   ? 2.493   -1.364  -9.572  1.00 38.55 ? 379 HOH A O   1 
HETATM 1411 O  O   . HOH H 5 .   ? 5.208   -7.327  -13.389 1.00 47.86 ? 380 HOH A O   1 
HETATM 1412 O  O   . HOH H 5 .   ? 11.975  -23.488 2.840   1.00 45.14 ? 381 HOH A O   1 
HETATM 1413 O  O   . HOH H 5 .   ? 18.557  5.935   6.125   1.00 45.06 ? 382 HOH A O   1 
HETATM 1414 O  O   . HOH H 5 .   ? -9.204  10.296  -11.611 1.00 48.44 ? 383 HOH A O   1 
HETATM 1415 O  O   . HOH H 5 .   ? 9.767   19.395  2.289   1.00 48.22 ? 384 HOH A O   1 
HETATM 1416 O  O   . HOH H 5 .   ? -5.555  0.033   15.901  1.00 36.23 ? 385 HOH A O   1 
HETATM 1417 O  O   . HOH H 5 .   ? -11.783 -1.651  8.018   1.00 25.98 ? 386 HOH A O   1 
HETATM 1418 O  O   . HOH H 5 .   ? -17.446 -7.181  1.781   1.00 31.96 ? 387 HOH A O   1 
HETATM 1419 O  O   . HOH H 5 .   ? 0.540   19.236  15.408  1.00 48.57 ? 388 HOH A O   1 
HETATM 1420 O  O   . HOH H 5 .   ? -11.523 5.430   5.257   1.00 55.63 ? 389 HOH A O   1 
HETATM 1421 O  O   . HOH H 5 .   ? 11.425  -14.905 9.179   1.00 29.14 ? 390 HOH A O   1 
HETATM 1422 O  O   . HOH H 5 .   ? -9.086  13.108  7.760   1.00 44.70 ? 391 HOH A O   1 
HETATM 1423 O  O   . HOH H 5 .   ? -7.116  -1.359  10.646  1.00 23.12 ? 392 HOH A O   1 
HETATM 1424 O  O   . HOH H 5 .   ? 16.700  7.798   7.204   1.00 35.34 ? 393 HOH A O   1 
HETATM 1425 O  O   . HOH H 5 .   ? 12.552  3.739   9.644   1.00 32.15 ? 394 HOH A O   1 
HETATM 1426 O  O   . HOH H 5 .   ? -16.446 -12.495 -6.182  1.00 40.82 ? 395 HOH A O   1 
HETATM 1427 O  O   . HOH H 5 .   ? 4.911   -13.765 -5.469  1.00 32.01 ? 396 HOH A O   1 
HETATM 1428 O  O   . HOH H 5 .   ? 5.670   -4.489  -10.741 1.00 39.36 ? 397 HOH A O   1 
HETATM 1429 O  O   . HOH H 5 .   ? 12.209  -9.341  -3.510  1.00 28.61 ? 398 HOH A O   1 
HETATM 1430 O  O   . HOH H 5 .   ? -9.931  -6.097  -13.193 1.00 45.06 ? 399 HOH A O   1 
HETATM 1431 O  O   . HOH H 5 .   ? -7.347  -18.560 -1.339  1.00 25.65 ? 400 HOH A O   1 
HETATM 1432 O  O   . HOH H 5 .   ? -0.930  5.254   18.131  1.00 32.82 ? 401 HOH A O   1 
HETATM 1433 O  O   . HOH H 5 .   ? 14.315  12.241  9.195   1.00 53.27 ? 402 HOH A O   1 
HETATM 1434 O  O   . HOH H 5 .   ? 18.673  0.307   10.692  1.00 36.47 ? 403 HOH A O   1 
HETATM 1435 O  O   . HOH H 5 .   ? 4.057   -1.777  -1.819  1.00 26.76 ? 404 HOH A O   1 
HETATM 1436 O  O   . HOH H 5 .   ? 16.085  -4.050  5.565   1.00 34.65 ? 405 HOH A O   1 
HETATM 1437 O  O   . HOH H 5 .   ? -0.233  -4.926  -14.458 1.00 39.32 ? 406 HOH A O   1 
HETATM 1438 O  O   . HOH H 5 .   ? -14.561 1.698   -14.186 1.00 56.26 ? 407 HOH A O   1 
HETATM 1439 O  O   . HOH H 5 .   ? 17.613  -14.036 -1.405  1.00 50.98 ? 408 HOH A O   1 
HETATM 1440 O  O   . HOH H 5 .   ? -18.646 -8.461  -1.104  1.00 31.70 ? 409 HOH A O   1 
HETATM 1441 O  O   . HOH H 5 .   ? -16.000 3.626   -1.059  1.00 36.85 ? 410 HOH A O   1 
HETATM 1442 O  O   . HOH H 5 .   ? 13.162  13.716  6.420   1.00 41.36 ? 411 HOH A O   1 
HETATM 1443 O  O   . HOH H 5 .   ? -3.069  -5.851  -14.296 1.00 50.83 ? 412 HOH A O   1 
HETATM 1444 O  O   . HOH H 5 .   ? 7.209   -1.311  -1.748  1.00 40.95 ? 413 HOH A O   1 
HETATM 1445 O  O   . HOH H 5 .   ? -7.146  3.752   14.443  1.00 41.27 ? 414 HOH A O   1 
HETATM 1446 O  O   . HOH H 5 .   ? 9.372   0.904   -9.836  1.00 39.49 ? 415 HOH A O   1 
HETATM 1447 O  O   . HOH H 5 .   ? -5.005  11.284  8.747   1.00 35.15 ? 416 HOH A O   1 
HETATM 1448 O  O   . HOH H 5 .   ? -1.803  -17.436 -4.608  1.00 28.96 ? 417 HOH A O   1 
HETATM 1449 O  O   . HOH H 5 .   ? 7.705   0.292   -7.149  1.00 30.75 ? 418 HOH A O   1 
HETATM 1450 O  O   . HOH H 5 .   ? -1.521  3.293   21.788  1.00 54.61 ? 419 HOH A O   1 
HETATM 1451 O  O   . HOH H 5 .   ? -4.391  16.987  0.917   1.00 44.60 ? 420 HOH A O   1 
HETATM 1452 O  O   . HOH H 5 .   ? 10.479  -11.267 -4.158  1.00 44.48 ? 421 HOH A O   1 
HETATM 1453 O  O   . HOH H 5 .   ? 10.803  8.051   12.389  1.00 50.34 ? 422 HOH A O   1 
HETATM 1454 O  O   . HOH H 5 .   ? 20.077  -4.172  -0.470  1.00 31.81 ? 423 HOH A O   1 
HETATM 1455 O  O   . HOH H 5 .   ? 10.306  17.312  4.107   1.00 55.38 ? 424 HOH A O   1 
HETATM 1456 O  O   . HOH H 5 .   ? 14.914  -16.917 9.225   1.00 47.58 ? 425 HOH A O   1 
HETATM 1457 O  O   . HOH H 5 .   ? 3.673   -4.265  -12.897 1.00 41.47 ? 426 HOH A O   1 
HETATM 1458 O  O   . HOH H 5 .   ? -3.565  12.812  -5.668  1.00 47.28 ? 427 HOH A O   1 
HETATM 1459 O  O   . HOH H 5 .   ? -9.019  11.799  -1.305  1.00 47.16 ? 428 HOH A O   1 
HETATM 1460 O  O   . HOH H 5 .   ? 10.803  -7.949  -7.273  1.00 48.19 ? 429 HOH A O   1 
HETATM 1461 O  O   . HOH H 5 .   ? -9.441  3.659   10.053  1.00 39.53 ? 430 HOH A O   1 
HETATM 1462 O  O   . HOH H 5 .   ? -19.371 -11.162 -1.322  1.00 51.15 ? 431 HOH A O   1 
HETATM 1463 O  O   . HOH H 5 .   ? 10.113  -3.822  9.222   1.00 41.13 ? 432 HOH A O   1 
HETATM 1464 O  O   . HOH H 5 .   ? -12.153 5.269   1.737   1.00 44.90 ? 433 HOH A O   1 
HETATM 1465 O  O   . HOH H 5 .   ? 8.638   -14.479 -0.871  1.00 35.00 ? 434 HOH A O   1 
HETATM 1466 O  O   . HOH H 5 .   ? 6.853   5.807   15.275  1.00 53.39 ? 435 HOH A O   1 
HETATM 1467 O  O   . HOH H 5 .   ? 9.547   10.410  15.179  1.00 46.21 ? 436 HOH A O   1 
HETATM 1468 O  O   . HOH H 5 .   ? -6.685  -4.804  18.540  1.00 52.96 ? 437 HOH A O   1 
HETATM 1469 O  O   . HOH H 5 .   ? -6.205  12.747  -5.069  1.00 44.99 ? 438 HOH A O   1 
HETATM 1470 O  O   . HOH H 5 .   ? 12.380  4.971   12.253  1.00 44.74 ? 439 HOH A O   1 
HETATM 1471 O  O   . HOH H 5 .   ? -14.269 -11.612 -9.942  1.00 41.52 ? 440 HOH A O   1 
HETATM 1472 O  O   . HOH H 5 .   ? 2.869   -17.510 -5.553  1.00 41.71 ? 441 HOH A O   1 
HETATM 1473 O  O   . HOH H 5 .   ? -9.714  0.985   10.553  1.00 35.82 ? 442 HOH A O   1 
HETATM 1474 O  O   . HOH H 5 .   ? -0.732  -18.646 -6.816  1.00 51.60 ? 443 HOH A O   1 
HETATM 1475 O  O   . HOH H 5 .   ? -7.477  12.210  -7.944  1.00 52.98 ? 444 HOH A O   1 
HETATM 1476 O  O   . HOH H 5 .   ? 4.212   -15.825 -7.011  1.00 44.12 ? 445 HOH A O   1 
HETATM 1477 O  O   . HOH H 5 .   ? -20.165 -12.271 -3.593  1.00 50.16 ? 446 HOH A O   1 
# 
